data_8EN8
#
_entry.id   8EN8
#
_cell.length_a   79.770
_cell.length_b   116.686
_cell.length_c   253.184
_cell.angle_alpha   90.000
_cell.angle_beta   90.000
_cell.angle_gamma   90.000
#
_symmetry.space_group_name_H-M   'P 21 21 21'
#
loop_
_entity.id
_entity.type
_entity.pdbx_description
1 polymer 'MHC class I antigen'
2 polymer Beta-2-microglobulin
3 polymer 'Nucleoprotein NP4 epitope'
4 polymer '3180 TCR alpha chain'
5 polymer '3180 TCR beta chain'
6 water water
#
loop_
_entity_poly.entity_id
_entity_poly.type
_entity_poly.pdbx_seq_one_letter_code
_entity_poly.pdbx_strand_id
1 'polypeptide(L)'
;GSHSMRYFYTAMSRPGRGEPRFIAVGYVDDTQFVRFDSDAASPRTEPRAPWIEQEGPEYWDRNTQIFKTNTQTYRESLRN
LRGYYNQSEAGSHIIQRMYGCDLGPDGRLLRGHDQSAYDGKDYIALNEDLSSWTAADTAAQITQRKWEAARVAEQLRAYL
EGLCVEWLRRYLENGKETLQRADPPKTHVTHHPVSDHEATLRCWALGFYPAEITLTWQRDGEDQTQDTELVETRPAGDRT
FQKWAAVVVPSGEEQRYTCHVQHEGLPKPLTLRWEP
;
A,F
2 'polypeptide(L)'
;MIQRTPKIQVYSRHPAENGKSNFLNCYVSGFHPSDIEVDLLKNGERIEKVEHSDLSFSKDWSFYLLYYTEFTPTEKDEYA
CRVNHVTLSQPKIVKWDRDM
;
B,G
3 'polypeptide(L)' LPFDKSTIM C,H
4 'polypeptide(L)'
;MGENVEQHPSTLSVQEGDSAVIKCTYSDSASNYFPWYKQELGKRPQLIIDIRSNVGEKKDQRIAVTLNKTAKHFSLHITE
TQPEDSAVYFCAADGGAGSYQLTFGKGTKLSVIPNIQNPDPAVYQLRDSKSSDKSVCLFTDFDSQTNVSQSKDSDVYITD
KCVLDMRSMDFKSNSAVAWSNKSDFACANAFNNSIIPEDTFFPSP
;
D,I
5 'polypeptide(L)'
;VVSQHPSRVICKSGTSVKIECRSLDFQATTMFWYRQFPKQSLMLMATSNEGSKATYEQGVEKDKFLINHASLTLSTLTVT
SAHPEDSSFYICSAGPTSGRTDTQYFGPGTRLTVLEDLKNVFPPEVAVFEPSEAEISHTQKATLVCLATGFYPDHVELSW
WVNGKEVHSGVCTDPQPLKEQPALNDSRYALSSRLRVSATFWQNPRNHFRCQVQFYGLSENDEWTQDRAKPVTQIVSAEA
WGRAD
;
E,J
#
# COMPACT_ATOMS: atom_id res chain seq x y z
N GLY A 1 -8.21 44.28 16.59
CA GLY A 1 -8.08 43.54 15.34
C GLY A 1 -9.10 42.43 15.15
N SER A 2 -8.72 41.40 14.37
CA SER A 2 -9.58 40.23 14.08
C SER A 2 -9.33 39.12 15.11
N HIS A 3 -10.37 38.81 15.91
CA HIS A 3 -10.34 37.86 17.01
C HIS A 3 -11.38 36.75 16.83
N SER A 4 -11.19 35.63 17.55
CA SER A 4 -12.11 34.49 17.48
C SER A 4 -12.20 33.71 18.80
N MET A 5 -13.33 33.02 18.99
CA MET A 5 -13.55 32.11 20.09
C MET A 5 -13.95 30.76 19.50
N ARG A 6 -13.28 29.70 19.93
CA ARG A 6 -13.52 28.34 19.46
C ARG A 6 -13.58 27.36 20.61
N TYR A 7 -14.52 26.41 20.52
CA TYR A 7 -14.62 25.30 21.46
C TYR A 7 -14.35 24.02 20.67
N PHE A 8 -13.46 23.16 21.19
CA PHE A 8 -13.10 21.89 20.56
C PHE A 8 -13.55 20.73 21.42
N TYR A 9 -14.47 19.92 20.89
CA TYR A 9 -15.02 18.76 21.58
C TYR A 9 -14.47 17.46 20.99
N THR A 10 -14.20 16.49 21.83
CA THR A 10 -13.76 15.19 21.45
C THR A 10 -14.47 14.17 22.30
N ALA A 11 -15.26 13.32 21.69
CA ALA A 11 -16.06 12.26 22.31
C ALA A 11 -15.57 10.93 21.76
N MET A 12 -14.96 10.12 22.63
CA MET A 12 -14.39 8.81 22.26
C MET A 12 -15.16 7.68 22.86
N SER A 13 -15.53 6.68 22.05
CA SER A 13 -16.11 5.48 22.64
C SER A 13 -14.96 4.54 22.98
N ARG A 14 -15.11 3.75 24.04
CA ARG A 14 -14.06 2.82 24.47
C ARG A 14 -14.73 1.55 25.00
N PRO A 15 -15.10 0.62 24.10
CA PRO A 15 -15.80 -0.59 24.53
C PRO A 15 -14.98 -1.44 25.50
N GLY A 16 -15.61 -1.78 26.62
CA GLY A 16 -15.00 -2.57 27.68
C GLY A 16 -14.11 -1.79 28.63
N ARG A 17 -13.62 -0.61 28.19
CA ARG A 17 -12.74 0.27 28.97
C ARG A 17 -13.52 1.40 29.67
N GLY A 18 -14.83 1.21 29.83
CA GLY A 18 -15.74 2.17 30.47
C GLY A 18 -16.73 2.81 29.53
N GLU A 19 -17.30 3.96 29.96
CA GLU A 19 -18.28 4.73 29.19
C GLU A 19 -17.57 5.76 28.32
N PRO A 20 -18.15 6.30 27.22
CA PRO A 20 -17.41 7.25 26.38
C PRO A 20 -16.82 8.46 27.12
N ARG A 21 -15.62 8.86 26.69
CA ARG A 21 -14.90 10.00 27.27
C ARG A 21 -15.19 11.25 26.47
N PHE A 22 -15.52 12.33 27.16
CA PHE A 22 -15.80 13.58 26.51
C PHE A 22 -14.84 14.62 27.05
N ILE A 23 -14.21 15.32 26.16
CA ILE A 23 -13.26 16.33 26.51
C ILE A 23 -13.53 17.59 25.77
N ALA A 24 -13.40 18.72 26.44
CA ALA A 24 -13.62 19.99 25.81
C ALA A 24 -12.55 20.99 26.14
N VAL A 25 -12.14 21.74 25.15
CA VAL A 25 -11.14 22.79 25.34
C VAL A 25 -11.67 24.06 24.66
N GLY A 26 -11.44 25.19 25.29
CA GLY A 26 -11.86 26.49 24.77
C GLY A 26 -10.68 27.35 24.44
N TYR A 27 -10.83 28.21 23.44
CA TYR A 27 -9.78 29.11 22.99
C TYR A 27 -10.31 30.48 22.63
N VAL A 28 -9.55 31.50 23.01
CA VAL A 28 -9.70 32.88 22.57
C VAL A 28 -8.45 33.06 21.72
N ASP A 29 -8.65 33.14 20.40
CA ASP A 29 -7.61 33.19 19.39
C ASP A 29 -6.69 31.97 19.55
N ASP A 30 -5.42 32.17 19.88
CA ASP A 30 -4.48 31.08 20.02
C ASP A 30 -4.18 30.78 21.51
N THR A 31 -5.03 31.28 22.42
CA THR A 31 -4.88 31.05 23.86
C THR A 31 -6.01 30.19 24.42
N GLN A 32 -5.64 29.06 25.04
CA GLN A 32 -6.58 28.15 25.70
C GLN A 32 -6.95 28.74 27.04
N PHE A 33 -8.25 28.74 27.39
CA PHE A 33 -8.67 29.29 28.68
C PHE A 33 -9.44 28.30 29.54
N VAL A 34 -10.05 27.28 28.94
CA VAL A 34 -10.81 26.26 29.69
C VAL A 34 -10.49 24.86 29.20
N ARG A 35 -10.82 23.88 30.05
CA ARG A 35 -10.73 22.46 29.78
C ARG A 35 -11.78 21.73 30.63
N PHE A 36 -12.28 20.62 30.11
CA PHE A 36 -13.18 19.70 30.79
C PHE A 36 -12.81 18.33 30.33
N ASP A 37 -12.82 17.37 31.23
CA ASP A 37 -12.56 16.01 30.89
C ASP A 37 -13.43 15.18 31.76
N SER A 38 -14.30 14.42 31.15
CA SER A 38 -15.30 13.57 31.82
C SER A 38 -14.61 12.40 32.58
N ASP A 39 -13.35 12.07 32.20
CA ASP A 39 -12.51 11.01 32.79
C ASP A 39 -12.06 11.30 34.21
N ALA A 40 -12.15 12.57 34.64
CA ALA A 40 -11.78 13.03 35.98
C ALA A 40 -12.65 12.38 37.04
N ALA A 41 -12.11 12.26 38.28
CA ALA A 41 -12.82 11.67 39.42
C ALA A 41 -14.01 12.59 39.79
N SER A 42 -13.74 13.91 39.84
CA SER A 42 -14.69 14.98 40.09
C SER A 42 -14.77 15.83 38.82
N PRO A 43 -15.51 15.44 37.76
CA PRO A 43 -15.46 16.27 36.53
C PRO A 43 -16.09 17.64 36.74
N ARG A 44 -15.27 18.65 36.41
CA ARG A 44 -15.56 20.06 36.53
C ARG A 44 -14.67 20.81 35.54
N THR A 45 -15.17 21.96 35.07
CA THR A 45 -14.44 22.84 34.16
C THR A 45 -13.28 23.47 34.92
N GLU A 46 -12.11 23.55 34.30
CA GLU A 46 -10.94 24.10 34.96
C GLU A 46 -10.30 25.24 34.17
N PRO A 47 -9.76 26.29 34.85
CA PRO A 47 -9.12 27.39 34.10
C PRO A 47 -7.78 26.97 33.54
N ARG A 48 -7.38 27.52 32.38
CA ARG A 48 -6.11 27.22 31.72
C ARG A 48 -5.44 28.51 31.21
N ALA A 49 -5.89 29.65 31.73
CA ALA A 49 -5.39 31.00 31.47
C ALA A 49 -5.68 31.85 32.71
N PRO A 50 -4.81 32.80 33.09
CA PRO A 50 -5.03 33.57 34.33
C PRO A 50 -6.24 34.51 34.30
N TRP A 51 -6.51 35.15 33.15
CA TRP A 51 -7.60 36.10 32.98
C TRP A 51 -9.02 35.47 33.04
N ILE A 52 -9.14 34.15 33.33
CA ILE A 52 -10.42 33.48 33.47
C ILE A 52 -10.64 33.08 34.95
N GLU A 53 -9.54 33.01 35.74
CA GLU A 53 -9.57 32.64 37.16
C GLU A 53 -10.45 33.58 37.98
N GLN A 54 -10.65 34.82 37.49
CA GLN A 54 -11.46 35.85 38.13
C GLN A 54 -12.96 35.57 38.05
N GLU A 55 -13.40 34.70 37.11
CA GLU A 55 -14.80 34.31 36.95
C GLU A 55 -15.27 33.59 38.20
N GLY A 56 -16.49 33.88 38.62
CA GLY A 56 -17.07 33.33 39.84
C GLY A 56 -17.41 31.85 39.80
N PRO A 57 -17.80 31.28 40.97
CA PRO A 57 -18.15 29.85 41.02
C PRO A 57 -19.38 29.48 40.20
N GLU A 58 -20.28 30.46 39.93
CA GLU A 58 -21.48 30.25 39.12
C GLU A 58 -21.05 29.94 37.69
N TYR A 59 -20.04 30.69 37.16
CA TYR A 59 -19.48 30.52 35.82
C TYR A 59 -18.99 29.08 35.63
N TRP A 60 -18.16 28.59 36.56
CA TRP A 60 -17.59 27.25 36.51
C TRP A 60 -18.66 26.18 36.66
N ASP A 61 -19.64 26.43 37.54
CA ASP A 61 -20.78 25.56 37.81
C ASP A 61 -21.72 25.48 36.57
N ARG A 62 -21.77 26.58 35.78
CA ARG A 62 -22.56 26.75 34.55
C ARG A 62 -21.93 25.95 33.41
N ASN A 63 -20.61 26.07 33.25
CA ASN A 63 -19.81 25.37 32.24
C ASN A 63 -19.89 23.86 32.46
N THR A 64 -19.71 23.40 33.71
CA THR A 64 -19.73 22.01 34.12
C THR A 64 -21.10 21.39 33.78
N GLN A 65 -22.21 22.14 33.97
CA GLN A 65 -23.58 21.69 33.63
C GLN A 65 -23.68 21.43 32.13
N ILE A 66 -23.13 22.35 31.29
CA ILE A 66 -23.09 22.27 29.83
C ILE A 66 -22.27 21.06 29.39
N PHE A 67 -21.04 20.91 29.91
CA PHE A 67 -20.16 19.82 29.52
C PHE A 67 -20.66 18.46 30.04
N LYS A 68 -21.49 18.45 31.09
CA LYS A 68 -22.11 17.21 31.58
C LYS A 68 -23.25 16.83 30.64
N THR A 69 -23.98 17.81 30.07
CA THR A 69 -25.03 17.58 29.07
C THR A 69 -24.43 16.91 27.83
N ASN A 70 -23.30 17.45 27.34
N ASN A 70 -23.30 17.46 27.33
CA ASN A 70 -22.57 16.96 26.18
CA ASN A 70 -22.57 16.98 26.16
C ASN A 70 -22.03 15.56 26.38
C ASN A 70 -22.03 15.56 26.37
N THR A 71 -21.60 15.21 27.61
CA THR A 71 -21.10 13.85 27.92
C THR A 71 -22.26 12.85 27.72
N GLN A 72 -23.48 13.18 28.21
CA GLN A 72 -24.68 12.34 28.08
C GLN A 72 -25.13 12.23 26.61
N THR A 73 -25.13 13.37 25.91
CA THR A 73 -25.52 13.54 24.51
C THR A 73 -24.57 12.75 23.58
N TYR A 74 -23.24 12.94 23.72
CA TYR A 74 -22.27 12.30 22.84
C TYR A 74 -22.22 10.78 23.03
N ARG A 75 -22.64 10.25 24.18
CA ARG A 75 -22.76 8.80 24.40
C ARG A 75 -23.85 8.24 23.47
N GLU A 76 -24.97 8.99 23.34
CA GLU A 76 -26.10 8.65 22.47
C GLU A 76 -25.76 8.88 21.00
N SER A 77 -25.03 9.97 20.70
CA SER A 77 -24.62 10.30 19.32
C SER A 77 -23.64 9.28 18.78
N LEU A 78 -22.77 8.73 19.64
CA LEU A 78 -21.80 7.71 19.26
C LEU A 78 -22.48 6.37 18.97
N ARG A 79 -23.60 6.04 19.67
CA ARG A 79 -24.33 4.79 19.42
C ARG A 79 -25.04 4.88 18.08
N ASN A 80 -25.70 6.03 17.81
CA ASN A 80 -26.46 6.29 16.60
C ASN A 80 -25.58 6.23 15.36
N LEU A 81 -24.39 6.87 15.39
CA LEU A 81 -23.46 6.86 14.26
C LEU A 81 -22.91 5.44 14.02
N ARG A 82 -22.70 4.66 15.09
CA ARG A 82 -22.27 3.27 15.03
C ARG A 82 -23.36 2.47 14.29
N GLY A 83 -24.61 2.76 14.60
CA GLY A 83 -25.79 2.15 13.97
C GLY A 83 -25.95 2.55 12.52
N TYR A 84 -25.73 3.84 12.19
CA TYR A 84 -25.82 4.34 10.80
C TYR A 84 -24.82 3.66 9.88
N TYR A 85 -23.64 3.33 10.41
CA TYR A 85 -22.56 2.73 9.64
C TYR A 85 -22.46 1.23 9.80
N ASN A 86 -23.35 0.63 10.65
CA ASN A 86 -23.43 -0.80 10.93
C ASN A 86 -22.08 -1.27 11.46
N GLN A 87 -21.57 -0.52 12.44
CA GLN A 87 -20.30 -0.82 13.07
C GLN A 87 -20.53 -1.63 14.32
N SER A 88 -19.58 -2.51 14.64
CA SER A 88 -19.65 -3.38 15.81
C SER A 88 -19.49 -2.55 17.09
N GLU A 89 -20.06 -3.07 18.18
CA GLU A 89 -20.03 -2.44 19.50
C GLU A 89 -18.65 -2.61 20.18
N ALA A 90 -17.68 -3.28 19.50
CA ALA A 90 -16.33 -3.55 20.01
C ALA A 90 -15.30 -2.49 19.59
N GLY A 91 -15.57 -1.79 18.50
CA GLY A 91 -14.67 -0.76 17.97
C GLY A 91 -14.78 0.57 18.68
N SER A 92 -13.69 1.34 18.67
CA SER A 92 -13.64 2.67 19.28
C SER A 92 -13.79 3.72 18.20
N HIS A 93 -14.70 4.66 18.42
CA HIS A 93 -14.94 5.70 17.43
C HIS A 93 -14.88 7.07 18.06
N ILE A 94 -14.64 8.09 17.24
CA ILE A 94 -14.46 9.45 17.72
C ILE A 94 -15.37 10.42 16.97
N ILE A 95 -16.08 11.25 17.74
CA ILE A 95 -16.84 12.35 17.22
C ILE A 95 -16.08 13.59 17.65
N GLN A 96 -15.79 14.48 16.71
CA GLN A 96 -15.13 15.74 17.00
C GLN A 96 -16.02 16.86 16.55
N ARG A 97 -15.97 17.97 17.26
CA ARG A 97 -16.73 19.16 16.95
C ARG A 97 -15.90 20.38 17.26
N MET A 98 -15.93 21.35 16.36
CA MET A 98 -15.33 22.65 16.56
C MET A 98 -16.35 23.68 16.09
N TYR A 99 -16.69 24.58 17.00
CA TYR A 99 -17.66 25.64 16.76
C TYR A 99 -17.14 26.91 17.41
N GLY A 100 -17.68 28.05 16.99
CA GLY A 100 -17.28 29.34 17.51
C GLY A 100 -17.53 30.49 16.57
N CYS A 101 -17.12 31.68 16.99
CA CYS A 101 -17.38 32.92 16.28
C CYS A 101 -16.12 33.71 15.97
N ASP A 102 -16.18 34.50 14.90
CA ASP A 102 -15.15 35.42 14.46
C ASP A 102 -15.64 36.85 14.58
N LEU A 103 -14.83 37.71 15.18
CA LEU A 103 -15.04 39.14 15.28
C LEU A 103 -14.19 39.76 14.20
N GLY A 104 -14.71 40.76 13.51
CA GLY A 104 -13.94 41.46 12.51
C GLY A 104 -13.10 42.56 13.12
N PRO A 105 -12.34 43.35 12.32
CA PRO A 105 -11.58 44.48 12.92
C PRO A 105 -12.55 45.56 13.43
N ASP A 106 -13.79 45.57 12.88
CA ASP A 106 -14.89 46.46 13.25
C ASP A 106 -15.61 45.99 14.54
N GLY A 107 -15.19 44.84 15.08
CA GLY A 107 -15.71 44.23 16.29
C GLY A 107 -17.16 43.78 16.30
N ARG A 108 -17.63 43.17 15.20
CA ARG A 108 -19.00 42.63 15.07
C ARG A 108 -18.95 41.16 14.59
N LEU A 109 -20.06 40.34 14.73
CA LEU A 109 -19.97 38.95 14.21
C LEU A 109 -19.64 38.97 12.71
N LEU A 110 -18.43 38.51 12.38
CA LEU A 110 -17.93 38.39 11.01
C LEU A 110 -18.51 37.13 10.42
N ARG A 111 -18.19 35.97 11.04
CA ARG A 111 -18.69 34.67 10.62
C ARG A 111 -18.68 33.66 11.77
N GLY A 112 -19.67 32.78 11.76
CA GLY A 112 -19.85 31.71 12.73
C GLY A 112 -19.53 30.35 12.16
N HIS A 113 -19.14 29.41 13.04
CA HIS A 113 -18.74 28.06 12.66
C HIS A 113 -19.36 27.00 13.58
N ASP A 114 -19.61 25.80 13.01
CA ASP A 114 -20.06 24.60 13.71
C ASP A 114 -19.83 23.41 12.81
N GLN A 115 -18.70 22.72 13.02
CA GLN A 115 -18.30 21.56 12.23
C GLN A 115 -18.16 20.34 13.10
N SER A 116 -18.64 19.20 12.60
CA SER A 116 -18.53 17.93 13.27
C SER A 116 -17.85 16.91 12.34
N ALA A 117 -17.06 16.01 12.96
CA ALA A 117 -16.32 14.92 12.31
C ALA A 117 -16.59 13.58 12.93
N TYR A 118 -16.50 12.52 12.13
CA TYR A 118 -16.61 11.15 12.60
C TYR A 118 -15.39 10.41 12.11
N ASP A 119 -14.59 9.86 13.05
CA ASP A 119 -13.35 9.12 12.84
C ASP A 119 -12.34 9.92 11.96
N GLY A 120 -12.26 11.21 12.23
CA GLY A 120 -11.32 12.12 11.57
C GLY A 120 -11.71 12.63 10.21
N LYS A 121 -12.95 12.35 9.77
CA LYS A 121 -13.48 12.78 8.47
C LYS A 121 -14.67 13.70 8.67
N ASP A 122 -14.85 14.71 7.79
CA ASP A 122 -16.01 15.62 7.83
C ASP A 122 -17.28 14.81 7.90
N TYR A 123 -18.22 15.24 8.76
CA TYR A 123 -19.49 14.54 8.92
C TYR A 123 -20.62 15.51 8.58
N ILE A 124 -20.77 16.58 9.38
CA ILE A 124 -21.79 17.59 9.15
C ILE A 124 -21.19 18.95 9.53
N ALA A 125 -21.57 19.99 8.79
CA ALA A 125 -21.08 21.33 9.03
C ALA A 125 -22.18 22.36 8.81
N LEU A 126 -22.21 23.37 9.68
CA LEU A 126 -23.13 24.48 9.53
C LEU A 126 -22.61 25.39 8.44
N ASN A 127 -23.46 25.74 7.49
CA ASN A 127 -23.07 26.59 6.36
C ASN A 127 -22.93 28.03 6.78
N GLU A 128 -22.23 28.84 5.94
CA GLU A 128 -21.95 30.25 6.16
C GLU A 128 -23.21 31.07 6.51
N ASP A 129 -24.37 30.71 5.91
CA ASP A 129 -25.67 31.37 6.15
C ASP A 129 -26.22 31.15 7.59
N LEU A 130 -25.66 30.16 8.33
CA LEU A 130 -26.03 29.75 9.71
C LEU A 130 -27.49 29.28 9.79
N SER A 131 -28.01 28.77 8.65
CA SER A 131 -29.39 28.30 8.50
C SER A 131 -29.42 26.89 8.00
N SER A 132 -28.50 26.52 7.09
CA SER A 132 -28.46 25.21 6.47
C SER A 132 -27.23 24.39 6.88
N TRP A 133 -27.25 23.08 6.58
CA TRP A 133 -26.19 22.14 6.88
C TRP A 133 -25.65 21.47 5.64
N THR A 134 -24.33 21.14 5.65
CA THR A 134 -23.69 20.34 4.62
C THR A 134 -23.39 18.99 5.26
N ALA A 135 -24.02 17.92 4.75
CA ALA A 135 -23.86 16.56 5.22
C ALA A 135 -22.89 15.81 4.30
N ALA A 136 -21.90 15.10 4.88
CA ALA A 136 -20.84 14.40 4.14
C ALA A 136 -21.32 13.19 3.36
N ASP A 137 -22.25 12.40 3.93
CA ASP A 137 -22.81 11.17 3.34
C ASP A 137 -24.26 11.02 3.75
N THR A 138 -24.90 9.86 3.47
CA THR A 138 -26.30 9.61 3.80
C THR A 138 -26.51 9.48 5.31
N ALA A 139 -25.52 8.96 6.06
CA ALA A 139 -25.60 8.86 7.53
C ALA A 139 -25.74 10.26 8.15
N ALA A 140 -24.94 11.23 7.70
CA ALA A 140 -24.99 12.62 8.16
C ALA A 140 -26.29 13.30 7.76
N GLN A 141 -26.99 12.78 6.74
CA GLN A 141 -28.28 13.27 6.27
C GLN A 141 -29.39 12.86 7.26
N ILE A 142 -29.16 11.77 8.04
CA ILE A 142 -30.06 11.34 9.12
C ILE A 142 -29.90 12.37 10.26
N THR A 143 -28.63 12.69 10.66
CA THR A 143 -28.33 13.70 11.67
C THR A 143 -28.94 15.04 11.24
N GLN A 144 -28.73 15.43 9.96
CA GLN A 144 -29.25 16.66 9.37
C GLN A 144 -30.75 16.77 9.60
N ARG A 145 -31.50 15.69 9.34
CA ARG A 145 -32.96 15.65 9.52
C ARG A 145 -33.34 15.88 10.99
N LYS A 146 -32.61 15.21 11.91
CA LYS A 146 -32.82 15.33 13.36
C LYS A 146 -32.60 16.77 13.80
N TRP A 147 -31.53 17.39 13.29
CA TRP A 147 -31.11 18.75 13.61
C TRP A 147 -31.99 19.81 12.96
N GLU A 148 -32.60 19.49 11.81
CA GLU A 148 -33.53 20.39 11.13
C GLU A 148 -34.84 20.40 11.92
N ALA A 149 -35.30 19.20 12.36
CA ALA A 149 -36.48 18.99 13.18
C ALA A 149 -36.36 19.71 14.53
N ALA A 150 -35.17 19.63 15.17
CA ALA A 150 -34.84 20.23 16.46
C ALA A 150 -34.45 21.72 16.34
N ARG A 151 -34.36 22.25 15.09
CA ARG A 151 -34.01 23.65 14.76
C ARG A 151 -32.67 24.07 15.41
N VAL A 152 -31.64 23.20 15.27
CA VAL A 152 -30.28 23.36 15.82
C VAL A 152 -29.56 24.55 15.19
N ALA A 153 -29.75 24.80 13.88
CA ALA A 153 -29.10 25.93 13.20
C ALA A 153 -29.61 27.25 13.78
N GLU A 154 -30.93 27.34 13.99
CA GLU A 154 -31.63 28.50 14.58
C GLU A 154 -31.09 28.78 15.98
N GLN A 155 -30.86 27.72 16.79
CA GLN A 155 -30.28 27.77 18.14
C GLN A 155 -28.87 28.29 18.10
N LEU A 156 -28.07 27.78 17.15
CA LEU A 156 -26.69 28.17 16.98
C LEU A 156 -26.55 29.61 16.53
N ARG A 157 -27.37 30.05 15.56
CA ARG A 157 -27.36 31.43 15.06
C ARG A 157 -27.56 32.43 16.21
N ALA A 158 -28.49 32.13 17.14
CA ALA A 158 -28.78 32.97 18.32
C ALA A 158 -27.57 33.04 19.24
N TYR A 159 -26.88 31.90 19.44
CA TYR A 159 -25.68 31.80 20.29
C TYR A 159 -24.50 32.54 19.65
N LEU A 160 -24.22 32.24 18.37
CA LEU A 160 -23.11 32.81 17.63
C LEU A 160 -23.25 34.31 17.45
N GLU A 161 -24.47 34.79 17.13
CA GLU A 161 -24.72 36.24 16.94
C GLU A 161 -24.84 37.00 18.27
N GLY A 162 -25.00 36.29 19.38
CA GLY A 162 -25.20 36.91 20.68
C GLY A 162 -24.17 36.56 21.72
N LEU A 163 -24.44 35.53 22.54
CA LEU A 163 -23.61 35.08 23.67
C LEU A 163 -22.17 34.80 23.30
N CYS A 164 -21.89 34.18 22.12
CA CYS A 164 -20.53 33.89 21.65
C CYS A 164 -19.75 35.19 21.56
N VAL A 165 -20.30 36.16 20.83
CA VAL A 165 -19.73 37.47 20.56
C VAL A 165 -19.60 38.28 21.89
N GLU A 166 -20.68 38.35 22.71
CA GLU A 166 -20.70 39.04 24.00
C GLU A 166 -19.65 38.52 25.00
N TRP A 167 -19.45 37.20 25.08
CA TRP A 167 -18.49 36.62 25.99
C TRP A 167 -17.07 36.75 25.45
N LEU A 168 -16.89 36.68 24.11
CA LEU A 168 -15.58 36.85 23.48
C LEU A 168 -15.03 38.24 23.81
N ARG A 169 -15.86 39.28 23.64
CA ARG A 169 -15.53 40.69 23.95
C ARG A 169 -15.06 40.83 25.41
N ARG A 170 -15.80 40.20 26.34
CA ARG A 170 -15.54 40.16 27.77
C ARG A 170 -14.16 39.57 28.07
N TYR A 171 -13.83 38.41 27.44
CA TYR A 171 -12.55 37.72 27.59
C TYR A 171 -11.40 38.57 27.05
N LEU A 172 -11.64 39.31 25.93
CA LEU A 172 -10.66 40.21 25.31
C LEU A 172 -10.34 41.41 26.20
N GLU A 173 -11.33 41.94 26.96
CA GLU A 173 -11.11 43.08 27.86
C GLU A 173 -10.45 42.63 29.17
N ASN A 174 -10.92 41.51 29.74
CA ASN A 174 -10.37 40.94 30.98
C ASN A 174 -8.92 40.47 30.79
N GLY A 175 -8.57 40.05 29.57
CA GLY A 175 -7.22 39.61 29.24
C GLY A 175 -6.52 40.44 28.18
N LYS A 176 -6.82 41.76 28.11
CA LYS A 176 -6.30 42.72 27.12
C LYS A 176 -4.76 42.80 27.06
N GLU A 177 -4.08 42.75 28.22
CA GLU A 177 -2.62 42.86 28.27
C GLU A 177 -1.88 41.66 27.64
N THR A 178 -2.58 40.54 27.38
CA THR A 178 -2.00 39.34 26.79
C THR A 178 -2.69 38.94 25.47
N LEU A 179 -4.03 39.09 25.39
CA LEU A 179 -4.81 38.74 24.21
C LEU A 179 -4.76 39.83 23.14
N GLN A 180 -4.68 41.10 23.56
CA GLN A 180 -4.69 42.21 22.61
C GLN A 180 -3.26 42.83 22.46
N ARG A 181 -2.24 42.15 23.01
CA ARG A 181 -0.83 42.53 22.91
C ARG A 181 -0.12 41.49 22.05
N ALA A 182 0.18 41.84 20.79
CA ALA A 182 0.87 40.95 19.86
C ALA A 182 2.36 40.90 20.18
N ASP A 183 2.92 39.68 20.30
CA ASP A 183 4.34 39.48 20.60
C ASP A 183 5.15 39.41 19.31
N PRO A 184 6.11 40.31 19.07
CA PRO A 184 6.89 40.16 17.82
C PRO A 184 7.92 39.03 17.95
N PRO A 185 8.28 38.35 16.84
CA PRO A 185 9.24 37.24 16.94
C PRO A 185 10.69 37.68 17.22
N LYS A 186 11.54 36.71 17.60
CA LYS A 186 12.96 36.90 17.87
C LYS A 186 13.74 36.21 16.74
N THR A 187 14.23 37.00 15.80
CA THR A 187 14.91 36.51 14.61
C THR A 187 16.44 36.42 14.75
N HIS A 188 17.01 35.33 14.18
CA HIS A 188 18.44 35.00 14.09
C HIS A 188 18.66 33.84 13.12
N VAL A 189 19.71 33.94 12.29
CA VAL A 189 20.09 32.93 11.28
C VAL A 189 21.30 32.12 11.79
N THR A 190 21.34 30.80 11.47
CA THR A 190 22.43 29.91 11.90
C THR A 190 23.03 29.14 10.71
N HIS A 191 24.37 28.91 10.75
CA HIS A 191 25.13 28.19 9.73
C HIS A 191 25.55 26.82 10.24
N HIS A 192 25.01 25.74 9.64
CA HIS A 192 25.35 24.36 10.01
C HIS A 192 25.74 23.59 8.73
N PRO A 193 27.05 23.38 8.50
CA PRO A 193 27.50 22.70 7.28
C PRO A 193 27.20 21.19 7.29
N VAL A 194 26.63 20.68 6.18
CA VAL A 194 26.26 19.26 5.99
C VAL A 194 27.36 18.51 5.19
N SER A 195 27.98 19.20 4.21
CA SER A 195 29.04 18.66 3.35
C SER A 195 30.09 19.75 3.03
N ASP A 196 31.16 19.39 2.29
CA ASP A 196 32.23 20.31 1.91
C ASP A 196 31.75 21.34 0.88
N HIS A 197 30.77 20.95 0.06
CA HIS A 197 30.21 21.75 -1.01
C HIS A 197 28.94 22.49 -0.58
N GLU A 198 28.06 21.85 0.22
CA GLU A 198 26.79 22.45 0.65
C GLU A 198 26.67 22.60 2.18
N ALA A 199 25.91 23.62 2.61
CA ALA A 199 25.66 23.98 4.02
C ALA A 199 24.23 24.48 4.23
N THR A 200 23.64 24.16 5.41
CA THR A 200 22.25 24.51 5.76
C THR A 200 22.17 25.88 6.46
N LEU A 201 21.29 26.77 5.95
CA LEU A 201 21.04 28.09 6.52
C LEU A 201 19.58 28.18 7.04
N ARG A 202 19.41 28.10 8.38
CA ARG A 202 18.16 28.11 9.09
C ARG A 202 17.84 29.51 9.61
N CYS A 203 16.63 29.99 9.25
CA CYS A 203 16.00 31.29 9.65
C CYS A 203 15.05 31.05 10.78
N TRP A 204 15.44 31.40 12.03
CA TRP A 204 14.65 31.14 13.24
C TRP A 204 13.79 32.30 13.69
N ALA A 205 12.60 31.99 14.25
CA ALA A 205 11.63 32.91 14.81
C ALA A 205 11.10 32.31 16.10
N LEU A 206 11.22 33.05 17.22
CA LEU A 206 10.81 32.55 18.54
C LEU A 206 10.02 33.59 19.33
N GLY A 207 9.24 33.10 20.30
CA GLY A 207 8.43 33.90 21.21
C GLY A 207 7.48 34.90 20.60
N PHE A 208 6.69 34.48 19.59
CA PHE A 208 5.71 35.35 18.94
C PHE A 208 4.28 34.90 19.27
N TYR A 209 3.33 35.82 19.15
CA TYR A 209 1.91 35.59 19.37
C TYR A 209 1.12 36.62 18.54
N PRO A 210 0.11 36.24 17.71
CA PRO A 210 -0.45 34.90 17.43
C PRO A 210 0.49 33.97 16.64
N ALA A 211 0.02 32.75 16.32
CA ALA A 211 0.80 31.76 15.58
C ALA A 211 0.91 32.07 14.06
N GLU A 212 0.14 33.06 13.53
CA GLU A 212 0.21 33.43 12.11
C GLU A 212 1.53 34.16 11.83
N ILE A 213 2.37 33.52 10.98
CA ILE A 213 3.69 33.99 10.58
C ILE A 213 4.00 33.46 9.15
N THR A 214 4.70 34.29 8.35
CA THR A 214 5.09 33.96 6.98
C THR A 214 6.60 34.14 6.85
N LEU A 215 7.33 33.01 6.69
CA LEU A 215 8.78 32.94 6.51
C LEU A 215 9.09 32.51 5.08
N THR A 216 9.77 33.38 4.30
CA THR A 216 10.10 33.11 2.89
C THR A 216 11.59 33.34 2.57
N TRP A 217 12.25 32.31 2.00
CA TRP A 217 13.65 32.36 1.57
C TRP A 217 13.67 32.78 0.09
N GLN A 218 14.21 33.97 -0.22
CA GLN A 218 14.27 34.48 -1.60
C GLN A 218 15.70 34.53 -2.14
N ARG A 219 15.94 33.78 -3.23
CA ARG A 219 17.24 33.71 -3.91
C ARG A 219 17.29 34.88 -4.91
N ASP A 220 17.95 35.98 -4.45
CA ASP A 220 18.18 37.27 -5.10
C ASP A 220 16.88 37.98 -5.56
N GLY A 221 15.74 37.55 -5.02
CA GLY A 221 14.44 38.12 -5.34
C GLY A 221 13.32 37.10 -5.51
N GLU A 222 13.63 35.95 -6.15
CA GLU A 222 12.63 34.89 -6.41
C GLU A 222 12.49 33.96 -5.20
N ASP A 223 11.24 33.62 -4.86
CA ASP A 223 10.92 32.72 -3.75
C ASP A 223 11.27 31.26 -4.11
N GLN A 224 12.04 30.58 -3.24
CA GLN A 224 12.45 29.18 -3.46
C GLN A 224 11.44 28.23 -2.80
N THR A 225 10.17 28.30 -3.24
CA THR A 225 9.01 27.56 -2.72
C THR A 225 9.28 26.04 -2.65
N GLN A 226 9.66 25.40 -3.75
CA GLN A 226 9.92 23.97 -3.81
C GLN A 226 11.15 23.54 -2.98
N ASP A 227 12.15 24.44 -2.88
CA ASP A 227 13.49 24.23 -2.33
C ASP A 227 13.65 24.50 -0.82
N THR A 228 12.72 25.28 -0.22
CA THR A 228 12.77 25.61 1.22
C THR A 228 12.16 24.47 2.05
N GLU A 229 12.81 24.13 3.18
CA GLU A 229 12.38 23.10 4.14
C GLU A 229 11.74 23.80 5.36
N LEU A 230 10.44 24.12 5.23
CA LEU A 230 9.64 24.82 6.22
C LEU A 230 8.97 23.85 7.20
N VAL A 231 9.06 24.15 8.52
CA VAL A 231 8.44 23.30 9.55
C VAL A 231 7.20 23.97 10.13
N GLU A 232 6.29 23.14 10.66
CA GLU A 232 5.04 23.55 11.29
C GLU A 232 5.31 24.43 12.50
N THR A 233 4.51 25.50 12.64
CA THR A 233 4.54 26.41 13.79
C THR A 233 4.28 25.54 15.02
N ARG A 234 5.18 25.61 16.00
CA ARG A 234 5.11 24.79 17.20
C ARG A 234 4.89 25.64 18.46
N PRO A 235 4.17 25.13 19.49
CA PRO A 235 3.95 25.94 20.70
C PRO A 235 5.18 25.94 21.61
N ALA A 236 5.56 27.12 22.13
CA ALA A 236 6.72 27.21 23.03
C ALA A 236 6.40 26.60 24.41
N GLY A 237 5.13 26.63 24.80
CA GLY A 237 4.67 26.09 26.07
C GLY A 237 4.35 27.17 27.08
N ASP A 238 4.58 28.44 26.69
CA ASP A 238 4.34 29.61 27.52
C ASP A 238 3.47 30.63 26.76
N ARG A 239 2.42 30.15 26.03
CA ARG A 239 1.44 30.93 25.21
C ARG A 239 2.04 31.42 23.88
N THR A 240 3.37 31.30 23.67
CA THR A 240 4.01 31.81 22.45
C THR A 240 4.33 30.67 21.47
N PHE A 241 4.83 31.04 20.27
CA PHE A 241 5.10 30.09 19.21
C PHE A 241 6.50 30.23 18.62
N GLN A 242 6.95 29.18 17.91
CA GLN A 242 8.25 29.05 17.25
C GLN A 242 8.06 28.52 15.83
N LYS A 243 8.96 28.90 14.90
CA LYS A 243 8.95 28.45 13.51
C LYS A 243 10.29 28.73 12.83
N TRP A 244 10.79 27.78 12.04
CA TRP A 244 12.02 27.97 11.28
C TRP A 244 11.88 27.47 9.85
N ALA A 245 12.75 27.97 8.97
CA ALA A 245 12.84 27.60 7.56
C ALA A 245 14.31 27.48 7.18
N ALA A 246 14.72 26.27 6.74
CA ALA A 246 16.10 25.97 6.36
C ALA A 246 16.24 25.69 4.86
N VAL A 247 17.34 26.18 4.27
CA VAL A 247 17.68 26.03 2.85
C VAL A 247 19.12 25.50 2.71
N VAL A 248 19.34 24.37 2.02
CA VAL A 248 20.72 23.86 1.87
C VAL A 248 21.31 24.59 0.65
N VAL A 249 22.19 25.57 0.94
CA VAL A 249 22.86 26.49 0.01
C VAL A 249 24.36 26.10 -0.20
N PRO A 250 25.00 26.41 -1.37
CA PRO A 250 26.41 26.03 -1.55
C PRO A 250 27.36 26.91 -0.72
N SER A 251 28.38 26.26 -0.11
CA SER A 251 29.39 26.92 0.73
C SER A 251 30.10 28.05 -0.02
N GLY A 252 29.64 29.28 0.23
CA GLY A 252 30.15 30.50 -0.38
C GLY A 252 29.08 31.42 -0.94
N GLU A 253 27.92 30.86 -1.33
CA GLU A 253 26.79 31.59 -1.92
C GLU A 253 25.82 32.18 -0.87
N GLU A 254 26.18 32.09 0.43
CA GLU A 254 25.41 32.53 1.61
C GLU A 254 24.81 33.95 1.53
N GLN A 255 25.34 34.84 0.66
CA GLN A 255 24.89 36.24 0.58
C GLN A 255 23.89 36.51 -0.59
N ARG A 256 23.55 35.47 -1.39
CA ARG A 256 22.60 35.52 -2.52
C ARG A 256 21.15 35.27 -2.04
N TYR A 257 21.00 34.61 -0.88
CA TYR A 257 19.72 34.24 -0.27
C TYR A 257 19.35 35.21 0.90
N THR A 258 18.07 35.67 0.94
CA THR A 258 17.49 36.58 1.95
C THR A 258 16.19 35.99 2.49
N CYS A 259 16.00 36.07 3.85
CA CYS A 259 14.79 35.59 4.56
C CYS A 259 13.88 36.69 5.05
N HIS A 260 12.62 36.72 4.55
CA HIS A 260 11.61 37.73 4.90
C HIS A 260 10.68 37.21 5.99
N VAL A 261 10.54 37.94 7.11
CA VAL A 261 9.73 37.55 8.27
C VAL A 261 8.51 38.49 8.38
N GLN A 262 7.30 37.92 8.17
CA GLN A 262 6.03 38.65 8.23
C GLN A 262 5.26 38.24 9.49
N HIS A 263 4.86 39.24 10.32
CA HIS A 263 4.12 39.04 11.58
C HIS A 263 3.30 40.30 11.97
N GLU A 264 2.22 40.10 12.77
CA GLU A 264 1.30 41.12 13.28
C GLU A 264 2.02 42.09 14.24
N GLY A 265 2.88 41.55 15.10
CA GLY A 265 3.63 42.30 16.10
C GLY A 265 4.81 43.11 15.59
N LEU A 266 5.16 42.95 14.29
CA LEU A 266 6.27 43.65 13.65
C LEU A 266 5.81 44.95 12.95
N PRO A 267 6.56 46.06 13.09
CA PRO A 267 6.16 47.31 12.43
C PRO A 267 6.29 47.23 10.90
N LYS A 268 7.29 46.47 10.40
CA LYS A 268 7.54 46.28 8.96
C LYS A 268 8.16 44.89 8.69
N PRO A 269 7.84 44.24 7.53
CA PRO A 269 8.38 42.90 7.25
C PRO A 269 9.91 42.87 7.18
N LEU A 270 10.49 42.15 8.14
CA LEU A 270 11.93 41.98 8.31
C LEU A 270 12.58 41.32 7.11
N THR A 271 13.86 41.65 6.89
CA THR A 271 14.70 41.00 5.87
C THR A 271 16.01 40.59 6.58
N LEU A 272 16.37 39.29 6.53
CA LEU A 272 17.56 38.78 7.21
C LEU A 272 18.53 38.04 6.29
N ARG A 273 19.84 38.28 6.51
CA ARG A 273 20.99 37.67 5.86
C ARG A 273 21.85 37.00 6.94
N TRP A 274 22.63 35.95 6.58
CA TRP A 274 23.47 35.23 7.55
C TRP A 274 24.64 36.10 8.04
N GLU A 275 24.78 36.19 9.38
CA GLU A 275 25.82 36.97 10.06
C GLU A 275 26.96 36.05 10.55
N PRO A 276 28.16 36.11 9.91
CA PRO A 276 29.27 35.26 10.34
C PRO A 276 29.89 35.74 11.66
N ILE B 2 -9.89 5.82 8.70
CA ILE B 2 -8.56 6.23 8.25
C ILE B 2 -7.79 6.79 9.46
N GLN B 3 -6.54 6.28 9.65
CA GLN B 3 -5.62 6.62 10.74
C GLN B 3 -4.37 7.37 10.22
N ARG B 4 -4.01 8.50 10.88
CA ARG B 4 -2.85 9.33 10.53
C ARG B 4 -1.69 9.11 11.49
N THR B 5 -0.45 9.24 10.99
CA THR B 5 0.77 9.03 11.77
C THR B 5 1.26 10.35 12.41
N PRO B 6 1.78 10.31 13.66
CA PRO B 6 2.21 11.55 14.32
C PRO B 6 3.51 12.15 13.83
N LYS B 7 3.51 13.48 13.63
CA LYS B 7 4.65 14.34 13.30
C LYS B 7 5.31 14.66 14.62
N ILE B 8 6.63 14.46 14.74
CA ILE B 8 7.33 14.73 16.01
C ILE B 8 8.36 15.86 15.83
N GLN B 9 8.42 16.76 16.82
CA GLN B 9 9.37 17.87 16.91
C GLN B 9 9.91 17.94 18.33
N VAL B 10 11.25 17.82 18.49
CA VAL B 10 11.89 17.91 19.81
C VAL B 10 12.71 19.18 19.84
N TYR B 11 12.40 20.09 20.77
CA TYR B 11 13.03 21.40 20.88
C TYR B 11 12.91 21.99 22.28
N SER B 12 13.56 23.14 22.53
CA SER B 12 13.51 23.84 23.82
C SER B 12 12.60 25.07 23.73
N ARG B 13 12.03 25.50 24.87
CA ARG B 13 11.15 26.68 24.98
C ARG B 13 11.92 27.96 24.63
N HIS B 14 13.09 28.16 25.27
CA HIS B 14 13.99 29.29 25.08
C HIS B 14 15.27 28.82 24.40
N PRO B 15 16.09 29.71 23.78
CA PRO B 15 17.36 29.23 23.17
C PRO B 15 18.24 28.58 24.22
N ALA B 16 18.68 27.35 23.93
CA ALA B 16 19.48 26.51 24.82
C ALA B 16 20.84 27.14 25.14
N GLU B 17 21.07 27.36 26.44
CA GLU B 17 22.31 27.88 27.00
C GLU B 17 22.69 26.94 28.14
N ASN B 18 23.82 26.25 28.01
CA ASN B 18 24.29 25.25 28.98
C ASN B 18 24.37 25.84 30.39
N GLY B 19 23.76 25.13 31.34
CA GLY B 19 23.71 25.51 32.76
C GLY B 19 22.51 26.36 33.14
N LYS B 20 21.76 26.88 32.12
CA LYS B 20 20.60 27.74 32.33
C LYS B 20 19.28 26.97 32.16
N SER B 21 18.42 27.05 33.19
CA SER B 21 17.09 26.41 33.28
C SER B 21 16.25 26.72 32.03
N ASN B 22 15.59 25.69 31.49
CA ASN B 22 14.79 25.76 30.26
C ASN B 22 13.69 24.69 30.30
N PHE B 23 12.94 24.53 29.19
CA PHE B 23 11.89 23.52 29.06
C PHE B 23 12.13 22.64 27.85
N LEU B 24 12.08 21.31 28.04
CA LEU B 24 12.26 20.34 26.97
C LEU B 24 10.88 19.97 26.40
N ASN B 25 10.62 20.39 25.15
CA ASN B 25 9.36 20.22 24.46
C ASN B 25 9.40 19.18 23.34
N CYS B 26 8.34 18.32 23.31
CA CYS B 26 8.05 17.32 22.28
C CYS B 26 6.63 17.52 21.80
N TYR B 27 6.49 18.11 20.60
CA TYR B 27 5.19 18.41 20.01
C TYR B 27 4.80 17.32 19.04
N VAL B 28 3.80 16.51 19.42
CA VAL B 28 3.23 15.46 18.57
C VAL B 28 1.99 16.06 17.91
N SER B 29 1.92 16.04 16.58
CA SER B 29 0.78 16.59 15.86
C SER B 29 0.45 15.76 14.64
N GLY B 30 -0.70 16.04 14.04
CA GLY B 30 -1.15 15.38 12.82
C GLY B 30 -1.54 13.92 12.92
N PHE B 31 -1.81 13.42 14.14
CA PHE B 31 -2.19 12.02 14.34
C PHE B 31 -3.69 11.86 14.58
N HIS B 32 -4.18 10.64 14.31
CA HIS B 32 -5.55 10.17 14.47
C HIS B 32 -5.53 8.64 14.53
N PRO B 33 -6.19 7.94 15.51
CA PRO B 33 -7.03 8.44 16.63
C PRO B 33 -6.22 9.14 17.73
N SER B 34 -6.89 9.59 18.80
CA SER B 34 -6.28 10.39 19.88
C SER B 34 -5.32 9.62 20.80
N ASP B 35 -5.56 8.33 21.11
CA ASP B 35 -4.67 7.59 22.00
C ASP B 35 -3.27 7.51 21.40
N ILE B 36 -2.27 8.00 22.17
CA ILE B 36 -0.85 8.08 21.82
C ILE B 36 -0.02 7.92 23.10
N GLU B 37 1.15 7.30 23.00
CA GLU B 37 2.08 7.13 24.13
C GLU B 37 3.32 7.96 23.84
N VAL B 38 3.58 9.00 24.65
CA VAL B 38 4.73 9.88 24.43
C VAL B 38 5.61 9.94 25.69
N ASP B 39 6.93 9.73 25.53
CA ASP B 39 7.93 9.77 26.60
C ASP B 39 9.09 10.71 26.28
N LEU B 40 9.63 11.39 27.30
CA LEU B 40 10.78 12.28 27.18
C LEU B 40 12.01 11.55 27.73
N LEU B 41 13.09 11.47 26.94
CA LEU B 41 14.29 10.70 27.34
C LEU B 41 15.54 11.55 27.63
N LYS B 42 16.23 11.19 28.72
CA LYS B 42 17.50 11.77 29.16
C LYS B 42 18.54 10.64 29.17
N ASN B 43 19.44 10.64 28.16
CA ASN B 43 20.51 9.67 27.90
C ASN B 43 19.95 8.23 27.75
N GLY B 44 18.85 8.10 27.01
CA GLY B 44 18.17 6.84 26.74
C GLY B 44 17.28 6.34 27.86
N GLU B 45 17.05 7.19 28.89
CA GLU B 45 16.23 6.88 30.08
C GLU B 45 14.99 7.76 30.16
N ARG B 46 13.85 7.16 30.54
CA ARG B 46 12.57 7.86 30.67
C ARG B 46 12.56 8.82 31.86
N ILE B 47 12.18 10.10 31.61
CA ILE B 47 12.06 11.16 32.62
C ILE B 47 10.71 10.93 33.33
N GLU B 48 10.75 10.83 34.69
CA GLU B 48 9.58 10.49 35.50
C GLU B 48 8.45 11.55 35.51
N LYS B 49 8.78 12.82 35.78
CA LYS B 49 7.78 13.89 35.88
C LYS B 49 7.71 14.73 34.58
N VAL B 50 6.82 14.31 33.66
CA VAL B 50 6.56 14.96 32.37
C VAL B 50 5.07 15.31 32.31
N GLU B 51 4.73 16.60 32.07
CA GLU B 51 3.34 17.08 31.93
C GLU B 51 3.01 17.24 30.44
N HIS B 52 1.70 17.31 30.10
CA HIS B 52 1.24 17.52 28.72
C HIS B 52 0.02 18.43 28.65
N SER B 53 -0.15 19.11 27.50
CA SER B 53 -1.27 20.00 27.19
C SER B 53 -2.59 19.22 27.10
N ASP B 54 -3.70 19.93 27.01
CA ASP B 54 -5.01 19.31 26.89
C ASP B 54 -5.31 18.99 25.45
N LEU B 55 -5.90 17.81 25.20
CA LEU B 55 -6.21 17.29 23.87
C LEU B 55 -7.07 18.26 23.05
N SER B 56 -6.47 18.75 21.97
CA SER B 56 -7.10 19.61 20.98
C SER B 56 -6.78 19.03 19.60
N PHE B 57 -7.30 19.66 18.55
CA PHE B 57 -7.08 19.18 17.19
C PHE B 57 -7.03 20.33 16.19
N SER B 58 -6.35 20.08 15.07
CA SER B 58 -6.20 21.02 13.95
C SER B 58 -7.47 21.03 13.10
N LYS B 59 -7.58 21.99 12.17
CA LYS B 59 -8.75 22.14 11.28
C LYS B 59 -8.99 20.90 10.41
N ASP B 60 -7.95 20.08 10.16
CA ASP B 60 -8.05 18.86 9.37
C ASP B 60 -8.46 17.65 10.25
N TRP B 61 -8.82 17.91 11.55
CA TRP B 61 -9.30 16.97 12.57
C TRP B 61 -8.19 16.16 13.27
N SER B 62 -6.94 16.27 12.82
CA SER B 62 -5.84 15.55 13.45
C SER B 62 -5.46 16.22 14.79
N PHE B 63 -5.13 15.40 15.79
CA PHE B 63 -4.80 15.84 17.14
C PHE B 63 -3.38 16.35 17.29
N TYR B 64 -3.15 17.20 18.32
CA TYR B 64 -1.84 17.72 18.66
C TYR B 64 -1.71 17.78 20.18
N LEU B 65 -0.51 17.47 20.67
CA LEU B 65 -0.20 17.47 22.10
C LEU B 65 1.22 17.94 22.34
N LEU B 66 1.40 18.78 23.37
CA LEU B 66 2.72 19.24 23.76
C LEU B 66 3.10 18.55 25.07
N TYR B 67 4.22 17.84 25.04
CA TYR B 67 4.79 17.16 26.20
C TYR B 67 6.01 17.96 26.60
N TYR B 68 6.06 18.43 27.86
CA TYR B 68 7.13 19.28 28.36
C TYR B 68 7.63 18.88 29.76
N THR B 69 8.89 19.22 30.07
CA THR B 69 9.54 18.98 31.37
C THR B 69 10.60 20.08 31.62
N GLU B 70 10.84 20.41 32.90
CA GLU B 70 11.86 21.38 33.28
C GLU B 70 13.22 20.68 33.20
N PHE B 71 14.17 21.27 32.47
CA PHE B 71 15.50 20.70 32.28
C PHE B 71 16.58 21.81 32.27
N THR B 72 17.83 21.43 32.58
CA THR B 72 18.98 22.33 32.56
C THR B 72 19.97 21.73 31.55
N PRO B 73 20.06 22.25 30.30
CA PRO B 73 20.96 21.65 29.30
C PRO B 73 22.45 21.77 29.65
N THR B 74 23.25 20.81 29.14
CA THR B 74 24.72 20.71 29.26
C THR B 74 25.30 20.24 27.91
N GLU B 75 26.63 20.09 27.82
CA GLU B 75 27.33 19.65 26.61
C GLU B 75 27.21 18.11 26.45
N LYS B 76 27.45 17.35 27.55
CA LYS B 76 27.48 15.89 27.57
C LYS B 76 26.09 15.20 27.67
N ASP B 77 25.01 15.94 28.00
CA ASP B 77 23.68 15.33 28.12
C ASP B 77 22.91 15.32 26.79
N GLU B 78 22.46 14.11 26.39
CA GLU B 78 21.69 13.80 25.18
C GLU B 78 20.20 13.70 25.52
N TYR B 79 19.33 14.38 24.77
CA TYR B 79 17.88 14.35 25.01
C TYR B 79 17.12 13.82 23.79
N ALA B 80 16.06 13.03 24.01
CA ALA B 80 15.25 12.44 22.93
C ALA B 80 13.75 12.31 23.32
N CYS B 81 12.91 11.90 22.35
CA CYS B 81 11.46 11.71 22.54
C CYS B 81 11.02 10.40 21.90
N ARG B 82 10.37 9.50 22.68
CA ARG B 82 9.90 8.19 22.21
C ARG B 82 8.37 8.18 22.09
N VAL B 83 7.86 8.10 20.86
CA VAL B 83 6.43 8.12 20.55
C VAL B 83 5.97 6.76 20.00
N ASN B 84 4.81 6.28 20.48
CA ASN B 84 4.18 5.06 19.99
C ASN B 84 2.69 5.36 19.73
N HIS B 85 2.22 4.96 18.54
CA HIS B 85 0.86 5.16 18.04
C HIS B 85 0.43 3.88 17.31
N VAL B 86 -0.87 3.74 17.00
CA VAL B 86 -1.44 2.56 16.31
C VAL B 86 -0.89 2.47 14.85
N THR B 87 -0.52 3.64 14.27
CA THR B 87 0.04 3.76 12.92
C THR B 87 1.54 3.39 12.90
N LEU B 88 2.16 3.27 14.08
CA LEU B 88 3.58 2.95 14.21
C LEU B 88 3.75 1.50 14.62
N SER B 89 4.45 0.71 13.77
CA SER B 89 4.77 -0.71 14.01
C SER B 89 5.79 -0.82 15.15
N GLN B 90 6.70 0.17 15.24
CA GLN B 90 7.73 0.28 16.26
C GLN B 90 7.81 1.74 16.75
N PRO B 91 8.09 2.00 18.06
CA PRO B 91 8.14 3.38 18.55
C PRO B 91 9.20 4.24 17.85
N LYS B 92 8.81 5.45 17.41
CA LYS B 92 9.69 6.40 16.73
C LYS B 92 10.38 7.27 17.79
N ILE B 93 11.72 7.22 17.85
CA ILE B 93 12.55 8.01 18.77
C ILE B 93 13.16 9.16 17.96
N VAL B 94 12.90 10.40 18.40
CA VAL B 94 13.43 11.61 17.74
C VAL B 94 14.40 12.29 18.70
N LYS B 95 15.66 12.47 18.26
CA LYS B 95 16.71 13.09 19.08
C LYS B 95 16.62 14.61 19.08
N TRP B 96 16.96 15.23 20.23
CA TRP B 96 16.97 16.68 20.39
C TRP B 96 18.29 17.26 19.91
N ASP B 97 18.18 18.21 18.99
CA ASP B 97 19.26 18.99 18.41
C ASP B 97 18.91 20.45 18.68
N ARG B 98 19.82 21.20 19.31
CA ARG B 98 19.60 22.61 19.66
C ARG B 98 19.57 23.53 18.42
N ASP B 99 19.88 22.97 17.24
CA ASP B 99 19.85 23.68 15.95
C ASP B 99 18.65 23.19 15.10
N MET B 100 17.66 22.53 15.77
CA MET B 100 16.42 21.99 15.17
C MET B 100 15.21 22.30 16.08
N LEU C 1 -17.78 31.27 26.87
CA LEU C 1 -18.90 30.49 27.38
C LEU C 1 -19.37 29.50 26.30
N PRO C 2 -19.47 28.18 26.61
CA PRO C 2 -19.91 27.23 25.58
C PRO C 2 -21.41 27.26 25.34
N PHE C 3 -21.85 26.70 24.19
CA PHE C 3 -23.26 26.57 23.80
C PHE C 3 -23.96 25.60 24.75
N ASP C 4 -25.08 26.01 25.39
CA ASP C 4 -25.73 25.17 26.42
C ASP C 4 -26.89 24.28 25.91
N LYS C 5 -27.04 24.15 24.59
CA LYS C 5 -28.07 23.33 23.97
C LYS C 5 -27.38 22.24 23.13
N SER C 6 -27.70 20.98 23.40
CA SER C 6 -27.12 19.82 22.68
C SER C 6 -28.20 18.87 22.17
N THR C 7 -28.16 18.54 20.88
CA THR C 7 -29.11 17.61 20.25
C THR C 7 -28.35 16.37 19.78
N ILE C 8 -28.82 15.20 20.15
CA ILE C 8 -28.23 13.89 19.78
C ILE C 8 -28.29 13.75 18.27
N MET C 9 -27.21 13.25 17.70
CA MET C 9 -27.04 13.09 16.26
C MET C 9 -27.77 11.86 15.72
N MET D 1 -34.33 27.96 37.24
CA MET D 1 -35.02 28.22 38.53
C MET D 1 -34.86 29.68 38.99
N GLY D 2 -33.87 30.41 38.46
CA GLY D 2 -33.72 31.84 38.69
C GLY D 2 -34.44 32.78 37.73
N GLU D 3 -35.48 32.28 37.04
CA GLU D 3 -36.31 32.96 36.04
C GLU D 3 -37.78 33.04 36.49
N ASN D 4 -38.39 34.23 36.34
CA ASN D 4 -39.78 34.48 36.66
C ASN D 4 -40.47 35.11 35.44
N VAL D 5 -41.42 34.40 34.85
CA VAL D 5 -42.16 34.90 33.70
C VAL D 5 -43.55 35.33 34.15
N GLU D 6 -43.90 36.60 33.90
CA GLU D 6 -45.18 37.20 34.25
C GLU D 6 -45.97 37.51 33.00
N GLN D 7 -47.19 36.97 32.93
CA GLN D 7 -48.09 37.12 31.79
C GLN D 7 -49.25 38.07 32.10
N HIS D 8 -49.41 39.10 31.25
CA HIS D 8 -50.45 40.12 31.39
C HIS D 8 -51.16 40.40 30.04
N PRO D 9 -52.51 40.41 29.96
CA PRO D 9 -53.49 40.23 31.05
C PRO D 9 -53.79 38.76 31.34
N SER D 10 -54.46 38.49 32.47
CA SER D 10 -54.86 37.14 32.89
C SER D 10 -56.05 36.64 32.04
N THR D 11 -56.89 37.58 31.57
CA THR D 11 -58.08 37.36 30.74
C THR D 11 -58.15 38.43 29.67
N LEU D 12 -58.67 38.10 28.48
CA LEU D 12 -58.80 39.07 27.38
C LEU D 12 -60.05 38.78 26.54
N SER D 13 -60.86 39.81 26.31
CA SER D 13 -62.05 39.77 25.47
C SER D 13 -61.86 40.70 24.30
N VAL D 14 -61.94 40.14 23.08
CA VAL D 14 -61.71 40.92 21.87
C VAL D 14 -62.83 40.59 20.84
N GLN D 15 -63.26 41.60 20.06
CA GLN D 15 -64.31 41.44 19.06
C GLN D 15 -63.75 40.79 17.79
N GLU D 16 -64.52 39.85 17.19
CA GLU D 16 -64.14 39.14 15.96
C GLU D 16 -63.77 40.15 14.88
N GLY D 17 -62.54 40.05 14.41
CA GLY D 17 -61.98 40.94 13.40
C GLY D 17 -60.98 41.93 13.98
N ASP D 18 -61.05 42.18 15.30
CA ASP D 18 -60.14 43.09 16.01
C ASP D 18 -58.81 42.38 16.34
N SER D 19 -57.88 43.11 16.95
CA SER D 19 -56.57 42.57 17.30
C SER D 19 -56.41 42.39 18.81
N ALA D 20 -55.71 41.32 19.19
CA ALA D 20 -55.41 40.96 20.58
C ALA D 20 -53.90 41.03 20.82
N VAL D 21 -53.49 41.51 22.00
CA VAL D 21 -52.08 41.63 22.36
C VAL D 21 -51.88 41.07 23.78
N ILE D 22 -50.92 40.15 23.93
CA ILE D 22 -50.55 39.54 25.21
C ILE D 22 -49.09 39.90 25.46
N LYS D 23 -48.78 40.49 26.61
CA LYS D 23 -47.41 40.89 26.98
C LYS D 23 -46.88 40.01 28.10
N CYS D 24 -45.58 39.69 28.02
CA CYS D 24 -44.87 38.87 29.00
C CYS D 24 -43.56 39.52 29.37
N THR D 25 -43.11 39.31 30.62
CA THR D 25 -41.84 39.83 31.13
C THR D 25 -41.02 38.67 31.66
N TYR D 26 -39.68 38.74 31.53
CA TYR D 26 -38.78 37.72 32.05
C TYR D 26 -37.67 38.39 32.88
N SER D 27 -37.05 37.62 33.79
CA SER D 27 -36.03 38.09 34.74
C SER D 27 -34.60 37.74 34.30
N ASP D 28 -34.34 36.48 33.95
CA ASP D 28 -32.99 36.05 33.63
C ASP D 28 -32.57 36.40 32.20
N SER D 29 -31.28 36.74 32.06
CA SER D 29 -30.60 37.14 30.83
C SER D 29 -30.11 35.91 30.06
N ALA D 30 -30.15 34.72 30.69
CA ALA D 30 -29.76 33.44 30.09
C ALA D 30 -30.90 32.92 29.20
N SER D 31 -32.03 33.65 29.19
CA SER D 31 -33.21 33.40 28.37
C SER D 31 -32.91 33.83 26.94
N ASN D 32 -32.89 32.89 26.00
CA ASN D 32 -32.63 33.20 24.59
C ASN D 32 -33.67 32.59 23.68
N TYR D 33 -34.55 31.75 24.24
CA TYR D 33 -35.63 31.09 23.52
C TYR D 33 -36.95 31.44 24.22
N PHE D 34 -37.96 31.86 23.43
CA PHE D 34 -39.25 32.29 23.97
C PHE D 34 -40.41 31.69 23.17
N PRO D 35 -40.96 30.54 23.62
CA PRO D 35 -42.09 29.94 22.88
C PRO D 35 -43.46 30.48 23.30
N TRP D 36 -44.45 30.30 22.41
CA TRP D 36 -45.83 30.67 22.63
C TRP D 36 -46.71 29.44 22.35
N TYR D 37 -47.50 29.06 23.36
CA TYR D 37 -48.38 27.91 23.32
C TYR D 37 -49.85 28.32 23.40
N LYS D 38 -50.70 27.67 22.60
CA LYS D 38 -52.15 27.86 22.56
C LYS D 38 -52.80 26.58 23.01
N GLN D 39 -53.64 26.66 24.04
CA GLN D 39 -54.31 25.50 24.58
C GLN D 39 -55.82 25.69 24.58
N GLU D 40 -56.51 24.94 23.71
CA GLU D 40 -57.97 24.90 23.60
C GLU D 40 -58.52 24.08 24.77
N LEU D 41 -59.78 24.32 25.18
CA LEU D 41 -60.41 23.65 26.33
C LEU D 41 -60.28 22.12 26.29
N GLY D 42 -59.74 21.58 27.38
CA GLY D 42 -59.53 20.15 27.57
C GLY D 42 -58.48 19.47 26.71
N LYS D 43 -57.77 20.25 25.86
CA LYS D 43 -56.77 19.76 24.91
C LYS D 43 -55.35 20.10 25.38
N ARG D 44 -54.32 19.77 24.58
CA ARG D 44 -52.90 19.99 24.93
C ARG D 44 -52.38 21.37 24.49
N PRO D 45 -51.35 21.95 25.17
CA PRO D 45 -50.78 23.22 24.70
C PRO D 45 -50.05 22.98 23.38
N GLN D 46 -50.37 23.78 22.36
CA GLN D 46 -49.77 23.64 21.03
C GLN D 46 -48.87 24.81 20.72
N LEU D 47 -47.66 24.55 20.21
CA LEU D 47 -46.74 25.62 19.84
C LEU D 47 -47.24 26.32 18.58
N ILE D 48 -47.52 27.63 18.69
CA ILE D 48 -48.06 28.45 17.59
C ILE D 48 -46.97 29.32 16.92
N ILE D 49 -46.05 29.90 17.73
CA ILE D 49 -44.95 30.77 17.31
C ILE D 49 -43.89 30.80 18.42
N ASP D 50 -42.67 31.22 18.09
CA ASP D 50 -41.58 31.42 19.04
C ASP D 50 -40.59 32.44 18.49
N ILE D 51 -39.76 33.00 19.37
CA ILE D 51 -38.76 33.98 18.99
C ILE D 51 -37.45 33.68 19.74
N ARG D 52 -36.33 34.07 19.15
CA ARG D 52 -35.01 33.93 19.73
C ARG D 52 -34.37 35.32 19.94
N SER D 53 -33.39 35.40 20.85
CA SER D 53 -32.72 36.64 21.27
C SER D 53 -32.04 37.46 20.16
N ASN D 54 -31.81 36.87 18.97
CA ASN D 54 -31.16 37.58 17.86
C ASN D 54 -32.19 38.18 16.86
N VAL D 55 -33.49 38.08 17.19
CA VAL D 55 -34.61 38.55 16.37
C VAL D 55 -35.51 39.45 17.24
N GLY D 56 -35.98 40.55 16.66
CA GLY D 56 -36.86 41.51 17.33
C GLY D 56 -38.33 41.25 17.07
N GLU D 57 -38.66 40.73 15.88
CA GLU D 57 -40.03 40.42 15.47
C GLU D 57 -40.05 39.26 14.49
N LYS D 58 -41.05 38.40 14.62
CA LYS D 58 -41.32 37.24 13.79
C LYS D 58 -42.81 37.23 13.48
N LYS D 59 -43.17 37.14 12.20
CA LYS D 59 -44.57 37.14 11.78
C LYS D 59 -44.93 35.87 11.00
N ASP D 60 -46.08 35.27 11.36
CA ASP D 60 -46.65 34.08 10.71
C ASP D 60 -48.14 34.32 10.49
N GLN D 61 -48.47 34.77 9.27
CA GLN D 61 -49.82 35.11 8.82
C GLN D 61 -50.42 36.15 9.80
N ARG D 62 -51.41 35.78 10.61
CA ARG D 62 -52.09 36.67 11.56
C ARG D 62 -51.37 36.76 12.89
N ILE D 63 -50.61 35.71 13.24
CA ILE D 63 -49.82 35.58 14.46
C ILE D 63 -48.49 36.31 14.32
N ALA D 64 -48.10 37.09 15.33
CA ALA D 64 -46.82 37.82 15.34
C ALA D 64 -46.29 37.90 16.76
N VAL D 65 -44.97 37.78 16.92
CA VAL D 65 -44.33 37.87 18.24
C VAL D 65 -43.26 38.98 18.19
N THR D 66 -43.14 39.73 19.28
CA THR D 66 -42.21 40.85 19.45
C THR D 66 -41.29 40.59 20.63
N LEU D 67 -40.00 40.92 20.52
CA LEU D 67 -39.06 40.74 21.61
C LEU D 67 -38.20 41.98 21.80
N ASN D 68 -38.07 42.39 23.07
CA ASN D 68 -37.26 43.51 23.53
C ASN D 68 -36.34 42.99 24.64
N LYS D 69 -35.15 42.45 24.25
CA LYS D 69 -34.21 41.84 25.19
C LYS D 69 -33.50 42.88 26.10
N THR D 70 -33.76 44.18 25.89
CA THR D 70 -33.19 45.26 26.67
C THR D 70 -34.09 45.51 27.89
N ALA D 71 -35.41 45.62 27.66
CA ALA D 71 -36.42 45.85 28.70
C ALA D 71 -36.89 44.51 29.32
N LYS D 72 -36.50 43.38 28.67
CA LYS D 72 -36.78 42.00 29.03
C LYS D 72 -38.30 41.71 29.01
N HIS D 73 -38.95 42.04 27.88
CA HIS D 73 -40.37 41.73 27.69
C HIS D 73 -40.67 41.41 26.23
N PHE D 74 -41.55 40.43 26.02
CA PHE D 74 -41.95 39.94 24.71
C PHE D 74 -43.48 39.86 24.62
N SER D 75 -44.02 40.02 23.39
CA SER D 75 -45.46 40.06 23.18
C SER D 75 -45.95 39.21 22.01
N LEU D 76 -47.22 38.79 22.11
CA LEU D 76 -47.97 38.02 21.11
C LEU D 76 -49.04 38.94 20.54
N HIS D 77 -49.14 38.99 19.22
CA HIS D 77 -50.07 39.83 18.49
C HIS D 77 -50.91 39.01 17.53
N ILE D 78 -52.22 38.92 17.78
CA ILE D 78 -53.15 38.22 16.90
C ILE D 78 -54.01 39.27 16.24
N THR D 79 -53.93 39.36 14.92
CA THR D 79 -54.71 40.31 14.12
C THR D 79 -55.84 39.57 13.41
N GLU D 80 -56.96 40.28 13.13
CA GLU D 80 -58.16 39.76 12.44
C GLU D 80 -58.67 38.50 13.17
N THR D 81 -58.83 38.60 14.51
CA THR D 81 -59.23 37.52 15.41
C THR D 81 -60.47 36.77 14.92
N GLN D 82 -60.36 35.45 14.97
CA GLN D 82 -61.39 34.50 14.60
C GLN D 82 -61.93 33.88 15.87
N PRO D 83 -63.18 33.37 15.91
CA PRO D 83 -63.67 32.77 17.17
C PRO D 83 -62.92 31.47 17.55
N GLU D 84 -62.22 30.85 16.56
CA GLU D 84 -61.41 29.63 16.71
C GLU D 84 -60.13 29.92 17.53
N ASP D 85 -59.71 31.22 17.58
CA ASP D 85 -58.55 31.71 18.32
C ASP D 85 -58.79 31.73 19.83
N SER D 86 -60.03 31.49 20.26
CA SER D 86 -60.38 31.45 21.67
C SER D 86 -59.71 30.25 22.29
N ALA D 87 -58.82 30.51 23.26
CA ALA D 87 -58.04 29.51 23.98
C ALA D 87 -57.21 30.16 25.08
N VAL D 88 -56.50 29.34 25.86
CA VAL D 88 -55.56 29.81 26.88
C VAL D 88 -54.20 29.89 26.20
N TYR D 89 -53.56 31.06 26.30
CA TYR D 89 -52.26 31.26 25.69
C TYR D 89 -51.19 31.35 26.76
N PHE D 90 -50.15 30.54 26.64
CA PHE D 90 -49.00 30.54 27.55
C PHE D 90 -47.76 31.00 26.83
N CYS D 91 -46.96 31.82 27.48
CA CYS D 91 -45.65 32.26 27.01
C CYS D 91 -44.60 31.63 27.90
N ALA D 92 -43.38 31.45 27.40
CA ALA D 92 -42.32 30.86 28.22
C ALA D 92 -40.97 31.45 27.90
N ALA D 93 -39.99 31.20 28.77
CA ALA D 93 -38.59 31.59 28.61
C ALA D 93 -37.72 30.48 29.17
N ASP D 94 -36.57 30.21 28.53
CA ASP D 94 -35.69 29.10 28.89
C ASP D 94 -34.57 29.46 29.88
N GLY D 95 -34.57 30.69 30.39
CA GLY D 95 -33.53 31.17 31.30
C GLY D 95 -33.55 30.60 32.70
N GLY D 96 -32.67 31.14 33.52
CA GLY D 96 -32.49 30.77 34.91
C GLY D 96 -31.22 30.00 35.18
N ALA D 97 -30.92 29.83 36.46
CA ALA D 97 -29.77 29.06 36.94
C ALA D 97 -30.28 27.73 37.49
N GLY D 98 -29.38 26.77 37.64
CA GLY D 98 -29.75 25.45 38.12
C GLY D 98 -30.42 24.61 37.06
N SER D 99 -31.36 23.75 37.51
CA SER D 99 -32.12 22.77 36.73
C SER D 99 -32.73 23.42 35.47
N TYR D 100 -32.49 22.82 34.30
CA TYR D 100 -33.01 23.32 33.04
C TYR D 100 -34.48 22.98 32.88
N GLN D 101 -35.27 23.99 32.50
CA GLN D 101 -36.70 23.91 32.28
C GLN D 101 -37.20 25.13 31.54
N LEU D 102 -38.41 25.03 30.98
CA LEU D 102 -39.09 26.16 30.39
C LEU D 102 -39.87 26.80 31.53
N THR D 103 -39.69 28.11 31.73
CA THR D 103 -40.44 28.82 32.76
C THR D 103 -41.66 29.41 32.06
N PHE D 104 -42.85 28.90 32.38
CA PHE D 104 -44.10 29.33 31.77
C PHE D 104 -44.81 30.45 32.52
N GLY D 105 -45.54 31.25 31.76
CA GLY D 105 -46.42 32.30 32.28
C GLY D 105 -47.64 31.62 32.86
N LYS D 106 -48.41 32.33 33.70
CA LYS D 106 -49.57 31.75 34.37
C LYS D 106 -50.78 31.55 33.43
N GLY D 107 -50.71 32.09 32.21
CA GLY D 107 -51.76 31.94 31.21
C GLY D 107 -52.63 33.16 30.96
N THR D 108 -53.24 33.22 29.76
CA THR D 108 -54.16 34.28 29.32
C THR D 108 -55.37 33.63 28.64
N LYS D 109 -56.57 33.79 29.22
CA LYS D 109 -57.79 33.27 28.62
C LYS D 109 -58.26 34.27 27.59
N LEU D 110 -58.11 33.93 26.29
CA LEU D 110 -58.57 34.79 25.20
C LEU D 110 -59.96 34.33 24.78
N SER D 111 -60.89 35.29 24.74
CA SER D 111 -62.28 35.08 24.37
C SER D 111 -62.62 36.00 23.21
N VAL D 112 -62.77 35.42 22.00
CA VAL D 112 -63.11 36.17 20.80
C VAL D 112 -64.64 36.13 20.68
N ILE D 113 -65.29 37.23 21.08
CA ILE D 113 -66.75 37.37 21.02
C ILE D 113 -67.15 37.54 19.54
N PRO D 114 -67.98 36.60 19.00
CA PRO D 114 -68.30 36.66 17.56
C PRO D 114 -69.14 37.85 17.14
N ASN D 115 -69.03 38.23 15.86
CA ASN D 115 -69.77 39.35 15.30
C ASN D 115 -70.87 38.81 14.37
N ILE D 116 -72.14 38.91 14.82
CA ILE D 116 -73.31 38.40 14.09
C ILE D 116 -73.79 39.50 13.13
N GLN D 117 -73.75 39.20 11.82
CA GLN D 117 -74.11 40.08 10.71
C GLN D 117 -75.61 40.41 10.72
N ASN D 118 -76.49 39.39 10.62
CA ASN D 118 -77.93 39.59 10.59
C ASN D 118 -78.63 38.75 11.68
N PRO D 119 -78.82 39.33 12.89
CA PRO D 119 -79.49 38.57 13.96
C PRO D 119 -80.99 38.37 13.73
N ASP D 120 -81.48 37.17 13.99
CA ASP D 120 -82.89 36.82 13.89
C ASP D 120 -83.25 36.04 15.18
N PRO D 121 -83.17 36.71 16.37
CA PRO D 121 -83.48 36.04 17.65
C PRO D 121 -84.81 35.32 17.63
N ALA D 122 -84.76 34.04 17.97
CA ALA D 122 -85.95 33.22 17.97
C ALA D 122 -85.82 32.08 18.96
N VAL D 123 -86.94 31.64 19.52
CA VAL D 123 -86.97 30.51 20.42
C VAL D 123 -87.84 29.46 19.75
N TYR D 124 -87.24 28.29 19.48
CA TYR D 124 -87.90 27.17 18.83
C TYR D 124 -88.00 25.97 19.78
N GLN D 125 -89.03 25.10 19.58
CA GLN D 125 -89.21 23.88 20.34
C GLN D 125 -88.95 22.68 19.41
N LEU D 126 -87.87 21.91 19.69
CA LEU D 126 -87.42 20.76 18.91
C LEU D 126 -87.83 19.44 19.56
N ARG D 127 -88.51 18.55 18.80
CA ARG D 127 -88.99 17.27 19.31
C ARG D 127 -87.97 16.14 19.10
N ASP D 128 -87.99 15.13 19.99
CA ASP D 128 -87.16 13.92 19.99
C ASP D 128 -87.41 13.11 18.71
N SER D 129 -86.34 12.52 18.14
CA SER D 129 -86.46 11.71 16.92
C SER D 129 -87.08 10.34 17.20
N LYS D 130 -87.07 9.90 18.47
CA LYS D 130 -87.59 8.60 18.87
C LYS D 130 -88.91 8.76 19.67
N SER D 131 -88.82 9.09 20.98
CA SER D 131 -89.93 9.26 21.93
C SER D 131 -91.06 10.15 21.38
N SER D 132 -90.71 11.28 20.72
CA SER D 132 -91.62 12.28 20.12
C SER D 132 -92.56 12.94 21.15
N ASP D 133 -92.41 12.59 22.44
CA ASP D 133 -93.17 13.15 23.56
C ASP D 133 -92.23 14.05 24.38
N LYS D 134 -90.91 13.82 24.21
CA LYS D 134 -89.82 14.56 24.84
C LYS D 134 -89.40 15.70 23.90
N SER D 135 -89.05 16.88 24.46
CA SER D 135 -88.64 18.06 23.67
C SER D 135 -87.56 18.89 24.38
N VAL D 136 -86.99 19.88 23.66
CA VAL D 136 -85.99 20.86 24.13
C VAL D 136 -86.26 22.24 23.51
N CYS D 137 -85.81 23.30 24.19
CA CYS D 137 -85.94 24.68 23.73
C CYS D 137 -84.63 25.16 23.16
N LEU D 138 -84.67 25.77 21.97
CA LEU D 138 -83.48 26.29 21.31
C LEU D 138 -83.64 27.79 21.09
N PHE D 139 -82.85 28.58 21.82
CA PHE D 139 -82.80 30.02 21.65
C PHE D 139 -81.65 30.25 20.73
N THR D 140 -81.92 30.72 19.51
CA THR D 140 -80.88 30.87 18.52
C THR D 140 -80.97 32.18 17.74
N ASP D 141 -79.87 32.48 17.00
CA ASP D 141 -79.64 33.62 16.09
C ASP D 141 -79.69 34.96 16.83
N PHE D 142 -79.40 34.94 18.12
CA PHE D 142 -79.32 36.16 18.93
C PHE D 142 -77.96 36.82 18.73
N ASP D 143 -77.89 38.13 19.02
CA ASP D 143 -76.65 38.89 18.92
C ASP D 143 -75.75 38.52 20.10
N SER D 144 -74.48 38.95 20.04
CA SER D 144 -73.46 38.63 21.03
C SER D 144 -73.63 39.40 22.37
N GLN D 145 -74.37 40.54 22.37
CA GLN D 145 -74.65 41.32 23.57
C GLN D 145 -75.55 40.50 24.53
N THR D 146 -76.43 39.64 23.97
CA THR D 146 -77.38 38.77 24.69
C THR D 146 -76.65 37.81 25.63
N ASN D 147 -77.06 37.79 26.90
CA ASN D 147 -76.50 36.90 27.92
C ASN D 147 -77.57 35.88 28.34
N VAL D 148 -77.15 34.62 28.44
CA VAL D 148 -78.03 33.52 28.82
C VAL D 148 -77.77 33.16 30.27
N SER D 149 -78.61 33.68 31.14
CA SER D 149 -78.56 33.48 32.58
C SER D 149 -79.12 32.11 32.94
N GLN D 150 -78.55 31.49 33.98
CA GLN D 150 -78.99 30.21 34.52
C GLN D 150 -80.33 30.43 35.22
N SER D 151 -81.29 29.49 35.09
CA SER D 151 -82.60 29.64 35.74
C SER D 151 -82.51 29.45 37.25
N LYS D 152 -83.39 30.14 38.00
CA LYS D 152 -83.46 30.08 39.46
C LYS D 152 -83.92 28.69 39.93
N ASP D 153 -84.85 28.06 39.18
CA ASP D 153 -85.35 26.72 39.48
C ASP D 153 -84.31 25.65 39.06
N SER D 154 -84.04 24.67 39.95
CA SER D 154 -83.05 23.61 39.71
C SER D 154 -83.60 22.46 38.83
N ASP D 155 -84.91 22.48 38.54
CA ASP D 155 -85.57 21.44 37.73
C ASP D 155 -85.61 21.83 36.23
N VAL D 156 -85.09 23.04 35.89
CA VAL D 156 -84.92 23.57 34.53
C VAL D 156 -83.42 23.81 34.30
N TYR D 157 -82.92 23.33 33.15
CA TYR D 157 -81.51 23.42 32.81
C TYR D 157 -81.31 24.29 31.60
N ILE D 158 -80.37 25.25 31.69
CA ILE D 158 -80.07 26.13 30.57
C ILE D 158 -78.57 26.08 30.31
N THR D 159 -78.17 25.72 29.09
CA THR D 159 -76.76 25.67 28.70
C THR D 159 -76.29 27.07 28.38
N ASP D 160 -74.98 27.23 28.15
CA ASP D 160 -74.42 28.53 27.82
C ASP D 160 -74.51 28.77 26.32
N LYS D 161 -74.32 30.04 25.92
CA LYS D 161 -74.33 30.45 24.52
C LYS D 161 -73.16 29.79 23.84
N CYS D 162 -73.40 29.33 22.61
CA CYS D 162 -72.43 28.59 21.85
C CYS D 162 -72.59 28.92 20.36
N VAL D 163 -71.52 29.42 19.73
CA VAL D 163 -71.52 29.87 18.34
C VAL D 163 -71.07 28.76 17.36
N LEU D 164 -71.82 28.60 16.24
CA LEU D 164 -71.46 27.65 15.18
C LEU D 164 -71.18 28.40 13.88
N ASP D 165 -70.22 27.89 13.08
CA ASP D 165 -69.84 28.48 11.79
C ASP D 165 -70.19 27.53 10.65
N MET D 166 -71.02 27.98 9.70
CA MET D 166 -71.36 27.22 8.51
C MET D 166 -70.44 27.73 7.41
N ARG D 167 -69.19 27.19 7.38
CA ARG D 167 -68.04 27.56 6.55
C ARG D 167 -68.41 27.78 5.08
N SER D 168 -69.44 27.07 4.57
CA SER D 168 -69.93 27.11 3.20
C SER D 168 -70.50 28.47 2.78
N MET D 169 -71.29 29.15 3.68
CA MET D 169 -71.88 30.45 3.31
C MET D 169 -71.66 31.54 4.37
N ASP D 170 -70.47 31.52 5.03
CA ASP D 170 -69.95 32.46 6.04
C ASP D 170 -70.96 32.85 7.14
N PHE D 171 -71.84 31.91 7.50
CA PHE D 171 -72.89 32.18 8.47
C PHE D 171 -72.53 31.65 9.86
N LYS D 172 -72.44 32.56 10.82
CA LYS D 172 -72.19 32.28 12.23
C LYS D 172 -73.47 32.56 13.02
N SER D 173 -73.85 31.65 13.93
CA SER D 173 -75.04 31.77 14.76
C SER D 173 -74.82 31.26 16.17
N ASN D 174 -75.20 32.09 17.16
CA ASN D 174 -75.16 31.78 18.57
C ASN D 174 -76.38 30.93 18.92
N SER D 175 -76.22 30.00 19.87
CA SER D 175 -77.32 29.13 20.29
C SER D 175 -77.15 28.68 21.74
N ALA D 176 -78.28 28.53 22.42
CA ALA D 176 -78.39 28.06 23.80
C ALA D 176 -79.57 27.08 23.88
N VAL D 177 -79.43 26.03 24.69
CA VAL D 177 -80.49 25.01 24.82
C VAL D 177 -81.02 24.99 26.25
N ALA D 178 -82.29 24.63 26.39
CA ALA D 178 -82.96 24.49 27.66
C ALA D 178 -83.87 23.30 27.62
N TRP D 179 -84.12 22.70 28.80
CA TRP D 179 -85.00 21.56 28.96
C TRP D 179 -85.42 21.36 30.42
N SER D 180 -86.42 20.52 30.62
CA SER D 180 -86.93 20.19 31.93
C SER D 180 -87.56 18.82 31.91
N ASN D 181 -87.58 18.18 33.08
CA ASN D 181 -88.21 16.87 33.24
C ASN D 181 -89.70 17.06 33.54
N LYS D 182 -90.07 18.24 34.11
CA LYS D 182 -91.45 18.60 34.38
C LYS D 182 -92.20 18.68 33.07
N SER D 183 -93.30 17.91 32.96
CA SER D 183 -94.13 17.82 31.76
C SER D 183 -94.79 19.17 31.38
N ASP D 184 -95.16 19.99 32.39
CA ASP D 184 -95.82 21.29 32.24
C ASP D 184 -94.93 22.38 31.59
N PHE D 185 -93.59 22.16 31.58
CA PHE D 185 -92.57 23.08 31.08
C PHE D 185 -92.78 23.59 29.66
N ALA D 186 -92.78 24.93 29.54
CA ALA D 186 -92.89 25.69 28.29
C ALA D 186 -91.59 26.48 28.10
N CYS D 187 -91.17 26.66 26.83
CA CYS D 187 -90.00 27.41 26.39
C CYS D 187 -89.86 28.76 27.10
N ALA D 188 -90.99 29.51 27.22
CA ALA D 188 -91.07 30.85 27.84
C ALA D 188 -90.60 30.87 29.31
N ASN D 189 -90.71 29.72 30.02
CA ASN D 189 -90.32 29.60 31.42
C ASN D 189 -88.79 29.64 31.59
N ALA D 190 -88.05 29.32 30.53
CA ALA D 190 -86.59 29.32 30.52
C ALA D 190 -86.04 30.57 29.82
N PHE D 191 -86.44 30.77 28.55
CA PHE D 191 -86.01 31.92 27.76
C PHE D 191 -87.08 33.02 27.86
N ASN D 192 -87.15 33.63 29.06
CA ASN D 192 -88.12 34.66 29.40
C ASN D 192 -87.67 36.07 28.96
N ASN D 193 -88.45 37.10 29.34
CA ASN D 193 -88.24 38.51 28.99
C ASN D 193 -86.93 39.11 29.47
N SER D 194 -86.27 38.51 30.49
CA SER D 194 -85.02 38.98 31.07
C SER D 194 -83.83 38.58 30.20
N ILE D 195 -83.93 37.40 29.54
CA ILE D 195 -82.88 36.84 28.68
C ILE D 195 -83.08 37.27 27.21
N ILE D 196 -84.22 36.88 26.58
CA ILE D 196 -84.50 37.12 25.16
C ILE D 196 -84.77 38.59 24.84
N PRO D 197 -84.29 39.10 23.67
CA PRO D 197 -84.58 40.51 23.30
C PRO D 197 -86.05 40.71 22.92
N GLU D 198 -86.47 41.97 22.72
CA GLU D 198 -87.87 42.31 22.41
C GLU D 198 -88.31 41.85 21.01
N ASP D 199 -87.37 41.83 20.04
CA ASP D 199 -87.62 41.45 18.66
C ASP D 199 -87.67 39.92 18.43
N THR D 200 -87.57 39.11 19.53
CA THR D 200 -87.56 37.65 19.50
C THR D 200 -88.81 37.05 18.83
N PHE D 201 -88.55 36.20 17.82
CA PHE D 201 -89.58 35.44 17.13
C PHE D 201 -89.86 34.21 18.00
N PHE D 202 -91.03 34.17 18.63
CA PHE D 202 -91.40 33.10 19.55
C PHE D 202 -92.74 32.46 19.12
N PRO D 203 -92.74 31.55 18.12
CA PRO D 203 -94.00 30.93 17.67
C PRO D 203 -94.63 29.96 18.68
N SER D 204 -95.94 29.71 18.52
CA SER D 204 -96.70 28.77 19.33
C SER D 204 -96.38 27.33 18.88
N PRO D 205 -95.94 26.42 19.78
CA PRO D 205 -95.59 25.06 19.34
C PRO D 205 -96.80 24.18 19.07
N VAL E 1 -43.62 14.78 17.84
CA VAL E 1 -44.83 14.38 18.53
C VAL E 1 -44.50 13.48 19.77
N VAL E 2 -45.22 13.76 20.87
CA VAL E 2 -45.14 13.13 22.18
C VAL E 2 -46.54 12.59 22.51
N SER E 3 -46.62 11.40 23.10
CA SER E 3 -47.90 10.84 23.48
C SER E 3 -47.92 10.32 24.91
N GLN E 4 -49.12 10.01 25.41
CA GLN E 4 -49.36 9.51 26.75
C GLN E 4 -50.27 8.30 26.74
N HIS E 5 -50.25 7.54 27.82
CA HIS E 5 -51.12 6.39 28.04
C HIS E 5 -51.27 6.10 29.54
N PRO E 6 -52.51 6.00 30.05
CA PRO E 6 -53.82 6.15 29.37
C PRO E 6 -54.19 7.61 29.15
N SER E 7 -55.20 7.89 28.31
CA SER E 7 -55.63 9.27 28.07
C SER E 7 -56.65 9.68 29.15
N ARG E 8 -57.44 8.73 29.68
CA ARG E 8 -58.44 8.96 30.73
C ARG E 8 -58.47 7.72 31.65
N VAL E 9 -58.48 7.96 32.97
CA VAL E 9 -58.46 6.91 33.99
C VAL E 9 -59.46 7.18 35.11
N ILE E 10 -60.27 6.17 35.44
CA ILE E 10 -61.19 6.19 36.58
C ILE E 10 -60.77 5.03 37.44
N CYS E 11 -60.48 5.32 38.72
CA CYS E 11 -60.04 4.28 39.64
C CYS E 11 -60.56 4.55 41.04
N LYS E 12 -60.57 3.51 41.90
CA LYS E 12 -60.97 3.62 43.29
C LYS E 12 -59.80 4.15 44.12
N SER E 13 -60.09 4.78 45.27
CA SER E 13 -59.06 5.31 46.17
C SER E 13 -58.16 4.20 46.70
N GLY E 14 -56.85 4.47 46.70
CA GLY E 14 -55.84 3.53 47.15
C GLY E 14 -55.10 2.82 46.03
N THR E 15 -55.58 2.96 44.78
CA THR E 15 -54.92 2.31 43.64
C THR E 15 -53.80 3.20 43.10
N SER E 16 -52.76 2.57 42.54
CA SER E 16 -51.63 3.25 41.94
C SER E 16 -51.86 3.31 40.43
N VAL E 17 -51.92 4.51 39.88
CA VAL E 17 -52.16 4.69 38.45
C VAL E 17 -50.84 5.16 37.79
N LYS E 18 -50.36 4.35 36.84
CA LYS E 18 -49.14 4.56 36.07
C LYS E 18 -49.48 5.19 34.72
N ILE E 19 -48.84 6.33 34.43
CA ILE E 19 -49.03 7.13 33.21
C ILE E 19 -47.73 7.16 32.44
N GLU E 20 -47.77 6.80 31.16
CA GLU E 20 -46.63 6.81 30.26
C GLU E 20 -46.55 8.12 29.50
N CYS E 21 -45.33 8.56 29.23
CA CYS E 21 -44.99 9.72 28.42
C CYS E 21 -43.95 9.24 27.44
N ARG E 22 -44.29 9.27 26.16
CA ARG E 22 -43.43 8.72 25.13
C ARG E 22 -43.18 9.68 23.99
N SER E 23 -41.92 9.83 23.60
CA SER E 23 -41.49 10.60 22.44
C SER E 23 -41.55 9.63 21.25
N LEU E 24 -42.61 9.75 20.44
CA LEU E 24 -42.86 8.81 19.34
C LEU E 24 -41.84 8.89 18.19
N ASP E 25 -41.25 10.07 17.91
CA ASP E 25 -40.38 10.17 16.74
C ASP E 25 -38.98 10.75 17.03
N PHE E 26 -38.60 10.89 18.30
CA PHE E 26 -37.28 11.40 18.68
C PHE E 26 -36.84 10.83 20.01
N GLN E 27 -35.55 10.99 20.33
CA GLN E 27 -35.01 10.55 21.63
C GLN E 27 -34.98 11.75 22.55
N ALA E 28 -35.40 11.56 23.81
CA ALA E 28 -35.47 12.62 24.79
C ALA E 28 -34.76 12.22 26.09
N THR E 29 -33.72 12.99 26.46
CA THR E 29 -32.94 12.79 27.67
C THR E 29 -33.70 13.36 28.88
N THR E 30 -34.67 14.26 28.63
CA THR E 30 -35.48 14.92 29.64
C THR E 30 -36.95 14.97 29.24
N MET E 31 -37.84 14.75 30.22
CA MET E 31 -39.28 14.87 30.10
C MET E 31 -39.80 15.65 31.30
N PHE E 32 -40.80 16.50 31.09
CA PHE E 32 -41.36 17.34 32.15
C PHE E 32 -42.76 16.88 32.48
N TRP E 33 -43.13 16.90 33.76
CA TRP E 33 -44.44 16.47 34.20
C TRP E 33 -45.17 17.64 34.81
N TYR E 34 -46.37 17.88 34.31
CA TYR E 34 -47.22 18.98 34.75
C TYR E 34 -48.53 18.43 35.27
N ARG E 35 -49.21 19.27 36.03
CA ARG E 35 -50.51 19.05 36.64
C ARG E 35 -51.35 20.25 36.27
N GLN E 36 -52.58 20.03 35.79
CA GLN E 36 -53.42 21.16 35.38
C GLN E 36 -54.84 21.00 35.91
N PHE E 37 -55.13 21.73 36.98
CA PHE E 37 -56.45 21.78 37.60
C PHE E 37 -57.33 22.77 36.83
N PRO E 38 -58.68 22.88 37.09
CA PRO E 38 -59.51 23.86 36.33
C PRO E 38 -58.96 25.30 36.34
N LYS E 39 -58.15 25.62 37.36
CA LYS E 39 -57.43 26.91 37.30
C LYS E 39 -56.47 26.68 36.13
N GLN E 40 -56.41 27.62 35.20
CA GLN E 40 -55.72 27.39 33.91
C GLN E 40 -54.21 27.14 33.97
N SER E 41 -53.51 27.45 35.05
CA SER E 41 -52.03 27.37 34.97
C SER E 41 -51.44 25.97 34.82
N LEU E 42 -50.29 25.90 34.15
CA LEU E 42 -49.48 24.68 33.95
C LEU E 42 -48.50 24.65 35.12
N MET E 43 -48.70 23.71 36.03
CA MET E 43 -47.89 23.57 37.23
C MET E 43 -46.87 22.44 37.07
N LEU E 44 -45.57 22.80 36.88
CA LEU E 44 -44.50 21.80 36.76
C LEU E 44 -44.38 21.06 38.08
N MET E 45 -44.50 19.74 38.02
CA MET E 45 -44.38 18.81 39.14
C MET E 45 -42.97 18.34 39.27
N ALA E 46 -42.45 17.78 38.17
CA ALA E 46 -41.10 17.22 38.15
C ALA E 46 -40.47 17.20 36.78
N THR E 47 -39.14 17.03 36.79
CA THR E 47 -38.27 16.93 35.64
C THR E 47 -37.68 15.54 35.69
N SER E 48 -37.98 14.73 34.67
CA SER E 48 -37.49 13.37 34.54
C SER E 48 -36.23 13.38 33.70
N ASN E 49 -35.12 12.91 34.29
CA ASN E 49 -33.81 12.86 33.64
C ASN E 49 -33.34 11.45 33.40
N GLU E 50 -32.82 11.20 32.22
CA GLU E 50 -32.27 9.90 31.84
C GLU E 50 -30.80 9.78 32.30
N GLY E 51 -30.37 8.70 32.98
CA GLY E 51 -31.13 7.70 33.72
C GLY E 51 -30.75 8.01 35.16
N SER E 52 -31.03 9.29 35.51
CA SER E 52 -30.79 9.96 36.77
C SER E 52 -32.09 10.04 37.57
N LYS E 53 -32.02 10.57 38.79
CA LYS E 53 -33.19 10.69 39.66
C LYS E 53 -33.99 11.91 39.25
N ALA E 54 -35.33 11.83 39.37
CA ALA E 54 -36.23 12.93 39.02
C ALA E 54 -36.01 14.12 39.95
N THR E 55 -36.18 15.33 39.40
CA THR E 55 -36.06 16.58 40.14
C THR E 55 -37.48 16.99 40.45
N TYR E 56 -37.83 17.15 41.73
CA TYR E 56 -39.19 17.54 42.10
C TYR E 56 -39.27 19.01 42.40
N GLU E 57 -40.44 19.59 42.13
CA GLU E 57 -40.69 21.01 42.39
C GLU E 57 -41.07 21.18 43.85
N GLN E 58 -41.06 22.43 44.35
CA GLN E 58 -41.42 22.72 45.74
C GLN E 58 -42.87 22.32 45.99
N GLY E 59 -43.12 21.68 47.11
CA GLY E 59 -44.45 21.24 47.49
C GLY E 59 -44.99 20.08 46.66
N VAL E 60 -44.09 19.22 46.15
CA VAL E 60 -44.45 18.01 45.40
C VAL E 60 -43.84 16.83 46.16
N GLU E 61 -44.74 15.95 46.61
CA GLU E 61 -44.46 14.74 47.38
C GLU E 61 -43.78 13.68 46.50
N LYS E 62 -42.44 13.56 46.60
CA LYS E 62 -41.60 12.63 45.84
C LYS E 62 -42.09 11.18 45.98
N ASP E 63 -42.74 10.88 47.10
CA ASP E 63 -43.27 9.55 47.46
C ASP E 63 -44.64 9.28 46.83
N LYS E 64 -45.47 10.33 46.63
CA LYS E 64 -46.80 10.20 45.99
C LYS E 64 -46.70 10.12 44.48
N PHE E 65 -45.65 10.74 43.90
CA PHE E 65 -45.47 10.81 42.46
C PHE E 65 -44.14 10.22 42.03
N LEU E 66 -44.13 8.91 41.72
CA LEU E 66 -42.92 8.20 41.31
C LEU E 66 -42.65 8.40 39.83
N ILE E 67 -41.46 8.89 39.49
CA ILE E 67 -41.08 9.12 38.10
C ILE E 67 -39.90 8.21 37.74
N ASN E 68 -40.09 7.40 36.68
CA ASN E 68 -39.05 6.50 36.19
C ASN E 68 -38.73 6.84 34.73
N HIS E 69 -37.46 7.20 34.47
CA HIS E 69 -37.01 7.50 33.12
C HIS E 69 -36.25 6.28 32.66
N ALA E 70 -37.01 5.31 32.14
CA ALA E 70 -36.60 3.99 31.68
C ALA E 70 -35.67 4.02 30.46
N SER E 71 -36.08 4.72 29.38
CA SER E 71 -35.30 4.78 28.13
C SER E 71 -35.22 6.19 27.59
N LEU E 72 -34.55 6.37 26.45
CA LEU E 72 -34.42 7.65 25.77
C LEU E 72 -35.73 8.01 25.04
N THR E 73 -36.82 7.31 25.37
CA THR E 73 -38.08 7.48 24.66
C THR E 73 -39.27 7.44 25.66
N LEU E 74 -39.10 6.85 26.87
CA LEU E 74 -40.18 6.70 27.85
C LEU E 74 -39.85 7.17 29.27
N SER E 75 -40.85 7.87 29.84
CA SER E 75 -40.94 8.35 31.21
C SER E 75 -42.31 7.98 31.76
N THR E 76 -42.36 7.37 32.96
CA THR E 76 -43.63 6.99 33.59
C THR E 76 -43.83 7.76 34.90
N LEU E 77 -45.07 8.18 35.16
CA LEU E 77 -45.47 8.90 36.38
C LEU E 77 -46.48 8.01 37.09
N THR E 78 -46.18 7.64 38.34
CA THR E 78 -47.06 6.78 39.13
C THR E 78 -47.68 7.58 40.25
N VAL E 79 -49.00 7.68 40.25
CA VAL E 79 -49.75 8.33 41.31
C VAL E 79 -50.03 7.18 42.29
N THR E 80 -49.15 7.01 43.29
CA THR E 80 -49.26 5.93 44.27
C THR E 80 -50.40 6.20 45.22
N SER E 81 -51.14 5.13 45.60
CA SER E 81 -52.33 5.12 46.46
C SER E 81 -53.12 6.44 46.28
N ALA E 82 -53.68 6.59 45.08
CA ALA E 82 -54.41 7.77 44.63
C ALA E 82 -55.68 7.98 45.44
N HIS E 83 -55.92 9.24 45.81
CA HIS E 83 -57.07 9.69 46.58
C HIS E 83 -57.84 10.71 45.75
N PRO E 84 -59.13 11.02 46.03
CA PRO E 84 -59.88 11.94 45.16
C PRO E 84 -59.27 13.33 44.97
N GLU E 85 -58.39 13.81 45.88
CA GLU E 85 -57.71 15.11 45.73
C GLU E 85 -56.64 15.06 44.62
N ASP E 86 -56.17 13.84 44.27
CA ASP E 86 -55.17 13.62 43.22
C ASP E 86 -55.82 13.63 41.84
N SER E 87 -57.16 13.73 41.76
CA SER E 87 -57.87 13.85 40.48
C SER E 87 -57.43 15.16 39.84
N SER E 88 -56.83 15.03 38.65
CA SER E 88 -56.28 16.15 37.90
C SER E 88 -56.00 15.75 36.47
N PHE E 89 -55.49 16.71 35.68
CA PHE E 89 -55.07 16.52 34.31
C PHE E 89 -53.56 16.50 34.32
N TYR E 90 -52.97 15.32 34.15
CA TYR E 90 -51.52 15.14 34.17
C TYR E 90 -51.00 15.12 32.75
N ILE E 91 -50.27 16.16 32.37
CA ILE E 91 -49.73 16.31 31.03
C ILE E 91 -48.20 16.37 31.10
N CYS E 92 -47.52 15.88 30.06
CA CYS E 92 -46.07 15.83 29.96
C CYS E 92 -45.57 16.53 28.70
N SER E 93 -44.29 16.87 28.69
CA SER E 93 -43.65 17.43 27.52
C SER E 93 -42.22 16.89 27.40
N ALA E 94 -41.72 16.85 26.16
CA ALA E 94 -40.38 16.45 25.79
C ALA E 94 -40.02 17.15 24.50
N GLY E 95 -38.73 17.35 24.28
CA GLY E 95 -38.18 17.99 23.09
C GLY E 95 -36.90 17.31 22.66
N PRO E 96 -36.54 17.38 21.36
CA PRO E 96 -35.30 16.70 20.91
C PRO E 96 -33.98 17.30 21.40
N THR E 97 -33.97 18.56 21.85
CA THR E 97 -32.77 19.25 22.33
C THR E 97 -32.60 19.10 23.86
N SER E 98 -31.38 18.67 24.28
CA SER E 98 -30.97 18.53 25.67
C SER E 98 -30.32 19.86 26.13
N GLY E 99 -30.08 20.00 27.43
CA GLY E 99 -29.48 21.22 27.99
C GLY E 99 -30.53 22.27 28.25
N ARG E 100 -30.19 23.57 28.03
CA ARG E 100 -31.15 24.66 28.24
C ARG E 100 -32.37 24.36 27.40
N THR E 101 -33.52 24.16 28.07
CA THR E 101 -34.75 23.70 27.44
C THR E 101 -35.12 24.52 26.20
N ASP E 102 -35.40 23.81 25.10
CA ASP E 102 -35.81 24.41 23.84
C ASP E 102 -37.26 24.04 23.55
N THR E 103 -37.63 23.87 22.27
CA THR E 103 -38.99 23.52 21.84
C THR E 103 -39.46 22.26 22.56
N GLN E 104 -40.58 22.41 23.24
CA GLN E 104 -41.23 21.35 23.99
C GLN E 104 -42.52 20.93 23.31
N TYR E 105 -42.72 19.62 23.21
CA TYR E 105 -43.90 19.04 22.60
C TYR E 105 -44.66 18.33 23.67
N PHE E 106 -45.93 18.68 23.80
CA PHE E 106 -46.79 18.15 24.85
C PHE E 106 -47.52 16.92 24.43
N GLY E 107 -47.73 16.04 25.40
CA GLY E 107 -48.52 14.84 25.23
C GLY E 107 -49.98 15.24 25.26
N PRO E 108 -50.94 14.32 25.00
CA PRO E 108 -52.35 14.73 24.99
C PRO E 108 -52.94 15.00 26.38
N GLY E 109 -52.24 14.52 27.40
CA GLY E 109 -52.65 14.66 28.80
C GLY E 109 -53.40 13.42 29.25
N THR E 110 -53.48 13.22 30.58
CA THR E 110 -54.18 12.12 31.21
C THR E 110 -55.16 12.70 32.22
N ARG E 111 -56.44 12.43 32.01
CA ARG E 111 -57.50 12.87 32.90
C ARG E 111 -57.70 11.78 33.93
N LEU E 112 -57.22 12.02 35.15
CA LEU E 112 -57.36 11.06 36.23
C LEU E 112 -58.54 11.45 37.11
N THR E 113 -59.43 10.48 37.36
CA THR E 113 -60.58 10.68 38.22
C THR E 113 -60.54 9.58 39.27
N VAL E 114 -60.26 9.99 40.52
CA VAL E 114 -60.19 9.09 41.66
C VAL E 114 -61.45 9.26 42.46
N LEU E 115 -62.17 8.15 42.67
CA LEU E 115 -63.42 8.15 43.40
C LEU E 115 -63.37 7.20 44.59
N GLU E 116 -63.92 7.65 45.73
CA GLU E 116 -63.98 6.86 46.96
C GLU E 116 -64.91 5.65 46.77
N ASP E 117 -65.93 5.78 45.91
CA ASP E 117 -66.85 4.71 45.53
C ASP E 117 -67.04 4.69 44.02
N LEU E 118 -66.82 3.53 43.41
CA LEU E 118 -66.90 3.28 41.97
C LEU E 118 -68.34 3.03 41.47
N LYS E 119 -69.31 3.03 42.39
CA LYS E 119 -70.72 2.74 42.08
C LYS E 119 -71.50 4.01 41.67
N ASN E 120 -70.84 5.19 41.78
CA ASN E 120 -71.42 6.48 41.41
C ASN E 120 -71.16 6.82 39.92
N VAL E 121 -70.59 5.85 39.17
CA VAL E 121 -70.26 5.94 37.74
C VAL E 121 -71.51 5.49 36.94
N PHE E 122 -71.94 6.31 35.96
CA PHE E 122 -73.10 6.02 35.11
C PHE E 122 -72.83 6.47 33.65
N PRO E 123 -73.27 5.71 32.63
CA PRO E 123 -73.05 6.16 31.24
C PRO E 123 -74.11 7.18 30.79
N PRO E 124 -73.93 7.92 29.67
CA PRO E 124 -74.98 8.87 29.28
C PRO E 124 -76.09 8.24 28.43
N GLU E 125 -77.25 8.89 28.45
CA GLU E 125 -78.40 8.56 27.62
C GLU E 125 -78.38 9.60 26.51
N VAL E 126 -78.27 9.19 25.24
CA VAL E 126 -78.16 10.14 24.13
C VAL E 126 -79.48 10.21 23.35
N ALA E 127 -79.94 11.44 23.07
CA ALA E 127 -81.17 11.71 22.33
C ALA E 127 -80.94 12.82 21.29
N VAL E 128 -81.44 12.62 20.05
CA VAL E 128 -81.31 13.63 19.00
C VAL E 128 -82.69 14.23 18.74
N PHE E 129 -82.74 15.56 18.75
CA PHE E 129 -83.94 16.35 18.56
C PHE E 129 -83.93 16.97 17.17
N GLU E 130 -84.96 16.60 16.38
CA GLU E 130 -85.20 17.02 15.00
C GLU E 130 -85.54 18.51 14.92
N PRO E 131 -85.13 19.20 13.83
CA PRO E 131 -85.43 20.64 13.73
C PRO E 131 -86.90 21.02 13.73
N SER E 132 -87.17 22.26 14.16
CA SER E 132 -88.48 22.88 14.17
C SER E 132 -88.82 23.27 12.74
N GLU E 133 -90.08 23.11 12.35
CA GLU E 133 -90.59 23.52 11.03
C GLU E 133 -90.59 25.06 10.98
N ALA E 134 -90.88 25.70 12.13
CA ALA E 134 -90.92 27.15 12.36
C ALA E 134 -89.57 27.79 12.08
N GLU E 135 -88.47 27.02 12.24
CA GLU E 135 -87.11 27.45 12.00
C GLU E 135 -86.76 27.32 10.51
N ILE E 136 -87.22 26.22 9.88
CA ILE E 136 -87.01 25.90 8.46
C ILE E 136 -87.66 26.97 7.57
N SER E 137 -88.93 27.35 7.82
CA SER E 137 -89.67 28.35 7.05
C SER E 137 -89.20 29.79 7.30
N HIS E 138 -88.68 30.06 8.51
CA HIS E 138 -88.24 31.37 8.98
C HIS E 138 -86.83 31.75 8.52
N THR E 139 -85.86 30.81 8.56
CA THR E 139 -84.44 31.08 8.26
C THR E 139 -83.85 30.29 7.08
N GLN E 140 -84.48 29.13 6.71
CA GLN E 140 -84.11 28.18 5.64
C GLN E 140 -82.86 27.35 6.07
N LYS E 141 -82.67 27.27 7.40
CA LYS E 141 -81.66 26.48 8.10
C LYS E 141 -82.40 25.54 9.05
N ALA E 142 -81.80 24.41 9.39
CA ALA E 142 -82.42 23.39 10.24
C ALA E 142 -81.42 22.90 11.29
N THR E 143 -81.60 23.35 12.55
CA THR E 143 -80.68 23.01 13.63
C THR E 143 -81.13 21.75 14.37
N LEU E 144 -80.26 20.72 14.37
CA LEU E 144 -80.43 19.46 15.09
C LEU E 144 -79.76 19.60 16.47
N VAL E 145 -80.43 19.18 17.57
CA VAL E 145 -79.83 19.29 18.89
C VAL E 145 -79.73 17.90 19.53
N CYS E 146 -78.56 17.63 20.10
CA CYS E 146 -78.24 16.34 20.73
C CYS E 146 -78.07 16.56 22.22
N LEU E 147 -78.57 15.64 23.04
CA LEU E 147 -78.47 15.80 24.49
C LEU E 147 -78.12 14.49 25.20
N ALA E 148 -76.91 14.47 25.80
CA ALA E 148 -76.38 13.38 26.59
C ALA E 148 -76.66 13.72 28.06
N THR E 149 -77.30 12.81 28.80
CA THR E 149 -77.70 13.03 30.20
C THR E 149 -77.30 11.86 31.12
N GLY E 150 -77.34 12.11 32.42
CA GLY E 150 -77.06 11.12 33.45
C GLY E 150 -75.67 10.51 33.51
N PHE E 151 -74.65 11.15 32.95
CA PHE E 151 -73.31 10.56 33.00
C PHE E 151 -72.51 11.07 34.20
N TYR E 152 -71.60 10.21 34.69
CA TYR E 152 -70.64 10.50 35.74
C TYR E 152 -69.43 9.58 35.56
N PRO E 153 -68.19 10.11 35.48
CA PRO E 153 -67.80 11.52 35.60
C PRO E 153 -67.81 12.27 34.27
N ASP E 154 -67.30 13.51 34.30
CA ASP E 154 -67.13 14.50 33.24
C ASP E 154 -66.50 13.99 31.91
N HIS E 155 -65.84 12.79 31.90
CA HIS E 155 -65.20 12.20 30.71
C HIS E 155 -66.21 11.81 29.62
N VAL E 156 -66.35 12.63 28.56
CA VAL E 156 -67.27 12.40 27.43
C VAL E 156 -66.80 13.25 26.23
N GLU E 157 -66.81 12.63 25.03
CA GLU E 157 -66.48 13.32 23.76
C GLU E 157 -67.60 13.08 22.75
N LEU E 158 -68.21 14.18 22.30
CA LEU E 158 -69.34 14.20 21.37
C LEU E 158 -68.90 14.58 19.97
N SER E 159 -69.47 13.89 18.96
CA SER E 159 -69.19 14.11 17.54
C SER E 159 -70.43 13.89 16.68
N TRP E 160 -70.53 14.60 15.54
CA TRP E 160 -71.63 14.45 14.60
C TRP E 160 -71.15 13.73 13.35
N TRP E 161 -71.89 12.70 12.93
CA TRP E 161 -71.57 11.86 11.80
C TRP E 161 -72.67 11.94 10.76
N VAL E 162 -72.57 12.90 9.85
CA VAL E 162 -73.54 13.03 8.77
C VAL E 162 -73.15 12.05 7.67
N ASN E 163 -74.02 11.03 7.43
CA ASN E 163 -73.88 9.99 6.41
C ASN E 163 -72.60 9.14 6.58
N GLY E 164 -72.24 8.84 7.82
CA GLY E 164 -71.08 8.00 8.13
C GLY E 164 -69.70 8.66 8.10
N LYS E 165 -69.64 9.98 7.79
CA LYS E 165 -68.38 10.73 7.79
C LYS E 165 -68.54 11.91 8.79
N GLU E 166 -67.53 12.12 9.65
CA GLU E 166 -67.56 13.14 10.71
C GLU E 166 -67.59 14.57 10.16
N VAL E 167 -68.46 15.38 10.77
CA VAL E 167 -68.75 16.77 10.44
C VAL E 167 -68.30 17.70 11.59
N HIS E 168 -67.67 18.85 11.23
CA HIS E 168 -67.20 19.89 12.14
C HIS E 168 -67.78 21.27 11.77
N SER E 169 -68.32 21.37 10.54
CA SER E 169 -68.95 22.59 10.01
C SER E 169 -70.41 22.67 10.44
N GLY E 170 -70.76 23.81 11.02
CA GLY E 170 -72.10 24.10 11.52
C GLY E 170 -72.39 23.44 12.86
N VAL E 171 -71.32 22.95 13.54
CA VAL E 171 -71.32 22.24 14.82
C VAL E 171 -70.79 23.15 15.91
N CYS E 172 -71.38 23.03 17.09
CA CYS E 172 -71.00 23.71 18.33
C CYS E 172 -71.56 22.89 19.51
N THR E 173 -70.68 22.56 20.47
CA THR E 173 -70.97 21.75 21.66
C THR E 173 -70.61 22.54 22.88
N ASP E 174 -71.39 22.39 23.97
CA ASP E 174 -71.13 23.08 25.23
C ASP E 174 -69.68 22.87 25.68
N PRO E 175 -68.95 23.97 25.99
CA PRO E 175 -67.56 23.83 26.42
C PRO E 175 -67.39 22.86 27.60
N GLN E 176 -68.37 22.83 28.52
CA GLN E 176 -68.39 21.94 29.69
C GLN E 176 -69.82 21.56 30.07
N PRO E 177 -70.07 20.36 30.65
CA PRO E 177 -71.45 19.97 30.97
C PRO E 177 -71.97 20.64 32.22
N LEU E 178 -73.27 20.46 32.50
CA LEU E 178 -73.92 21.04 33.66
C LEU E 178 -74.39 19.95 34.62
N LYS E 179 -74.39 20.27 35.93
CA LYS E 179 -74.84 19.38 37.00
C LYS E 179 -76.36 19.29 36.98
N GLU E 180 -76.91 18.07 37.03
CA GLU E 180 -78.36 17.87 37.04
C GLU E 180 -78.94 18.27 38.42
N GLN E 181 -78.16 18.02 39.49
CA GLN E 181 -78.46 18.40 40.87
C GLN E 181 -77.27 19.27 41.32
N PRO E 182 -77.31 20.60 41.08
CA PRO E 182 -76.13 21.45 41.37
C PRO E 182 -75.91 21.76 42.86
N ALA E 183 -75.94 20.72 43.71
CA ALA E 183 -75.72 20.84 45.15
C ALA E 183 -74.78 19.74 45.67
N LEU E 184 -75.00 18.49 45.24
CA LEU E 184 -74.20 17.33 45.66
C LEU E 184 -72.80 17.32 45.01
N ASN E 185 -71.85 16.60 45.63
CA ASN E 185 -70.48 16.41 45.12
C ASN E 185 -70.56 15.44 43.92
N ASP E 186 -71.34 14.35 44.09
CA ASP E 186 -71.60 13.34 43.07
C ASP E 186 -72.93 13.71 42.41
N SER E 187 -72.82 14.48 41.33
CA SER E 187 -73.95 14.94 40.53
C SER E 187 -73.71 14.52 39.11
N ARG E 188 -74.71 13.84 38.54
CA ARG E 188 -74.66 13.40 37.15
C ARG E 188 -74.72 14.62 36.26
N TYR E 189 -74.04 14.57 35.13
CA TYR E 189 -73.93 15.69 34.20
C TYR E 189 -74.76 15.50 32.94
N ALA E 190 -75.11 16.62 32.33
CA ALA E 190 -75.80 16.68 31.07
C ALA E 190 -75.01 17.59 30.15
N LEU E 191 -74.90 17.21 28.89
CA LEU E 191 -74.19 17.96 27.85
C LEU E 191 -75.03 18.03 26.59
N SER E 192 -75.05 19.19 25.93
CA SER E 192 -75.82 19.37 24.70
C SER E 192 -74.91 19.82 23.56
N SER E 193 -75.36 19.56 22.32
CA SER E 193 -74.66 19.92 21.09
C SER E 193 -75.66 20.27 20.02
N ARG E 194 -75.21 21.04 19.03
CA ARG E 194 -76.05 21.53 17.94
C ARG E 194 -75.31 21.43 16.60
N LEU E 195 -76.02 20.98 15.56
CA LEU E 195 -75.53 20.89 14.18
C LEU E 195 -76.59 21.54 13.28
N ARG E 196 -76.20 22.60 12.55
CA ARG E 196 -77.11 23.34 11.70
C ARG E 196 -76.83 23.05 10.22
N VAL E 197 -77.85 22.59 9.51
CA VAL E 197 -77.77 22.31 8.08
C VAL E 197 -78.75 23.24 7.39
N SER E 198 -78.90 23.13 6.07
CA SER E 198 -79.92 23.93 5.38
C SER E 198 -81.22 23.15 5.43
N ALA E 199 -82.35 23.84 5.18
CA ALA E 199 -83.66 23.17 5.12
C ALA E 199 -83.66 22.17 3.96
N THR E 200 -82.93 22.50 2.85
CA THR E 200 -82.76 21.68 1.66
C THR E 200 -81.95 20.40 1.98
N PHE E 201 -81.04 20.44 2.97
CA PHE E 201 -80.27 19.26 3.37
C PHE E 201 -81.08 18.37 4.30
N TRP E 202 -81.88 18.98 5.20
CA TRP E 202 -82.73 18.24 6.14
C TRP E 202 -83.93 17.61 5.41
N GLN E 203 -84.43 18.25 4.34
CA GLN E 203 -85.60 17.78 3.59
C GLN E 203 -85.32 16.50 2.77
N ASN E 204 -84.06 16.03 2.72
CA ASN E 204 -83.73 14.81 2.00
C ASN E 204 -83.80 13.59 2.94
N PRO E 205 -84.70 12.60 2.68
CA PRO E 205 -84.79 11.43 3.56
C PRO E 205 -83.61 10.46 3.46
N ARG E 206 -82.73 10.65 2.46
CA ARG E 206 -81.55 9.81 2.27
C ARG E 206 -80.41 10.29 3.18
N ASN E 207 -80.52 11.54 3.69
CA ASN E 207 -79.51 12.15 4.56
C ASN E 207 -79.64 11.65 5.99
N HIS E 208 -78.57 10.97 6.46
CA HIS E 208 -78.42 10.34 7.77
C HIS E 208 -77.63 11.25 8.71
N PHE E 209 -78.11 11.37 9.95
CA PHE E 209 -77.49 12.17 11.00
C PHE E 209 -77.29 11.31 12.23
N ARG E 210 -76.06 11.25 12.73
CA ARG E 210 -75.80 10.49 13.93
C ARG E 210 -75.01 11.35 14.90
N CYS E 211 -75.50 11.41 16.15
CA CYS E 211 -74.79 12.08 17.24
C CYS E 211 -74.18 11.00 18.09
N GLN E 212 -72.85 10.92 18.07
CA GLN E 212 -72.07 9.91 18.77
C GLN E 212 -71.46 10.52 20.02
N VAL E 213 -71.62 9.83 21.17
CA VAL E 213 -71.10 10.28 22.45
C VAL E 213 -70.21 9.18 23.04
N GLN E 214 -68.90 9.32 22.87
CA GLN E 214 -67.94 8.39 23.43
C GLN E 214 -67.77 8.72 24.93
N PHE E 215 -68.11 7.75 25.81
CA PHE E 215 -67.98 7.86 27.25
C PHE E 215 -66.79 7.04 27.73
N TYR E 216 -66.00 7.59 28.65
CA TYR E 216 -64.86 6.90 29.24
C TYR E 216 -65.24 6.53 30.67
N GLY E 217 -65.29 5.22 30.92
CA GLY E 217 -65.72 4.70 32.21
C GLY E 217 -64.81 3.62 32.80
N LEU E 218 -65.44 2.59 33.37
CA LEU E 218 -64.76 1.46 34.00
C LEU E 218 -64.08 0.55 32.96
N SER E 219 -63.16 -0.30 33.45
CA SER E 219 -62.40 -1.23 32.62
C SER E 219 -62.87 -2.67 32.89
N GLU E 220 -62.22 -3.66 32.22
CA GLU E 220 -62.51 -5.09 32.35
C GLU E 220 -62.10 -5.58 33.74
N ASN E 221 -60.92 -5.16 34.22
CA ASN E 221 -60.36 -5.53 35.53
C ASN E 221 -61.18 -4.96 36.71
N ASP E 222 -61.96 -3.89 36.48
CA ASP E 222 -62.79 -3.24 37.50
C ASP E 222 -63.95 -4.18 37.90
N GLU E 223 -64.06 -4.45 39.21
CA GLU E 223 -65.09 -5.34 39.76
C GLU E 223 -66.42 -4.57 39.88
N TRP E 224 -67.51 -5.22 39.46
CA TRP E 224 -68.86 -4.68 39.52
C TRP E 224 -69.76 -5.65 40.29
N THR E 225 -70.20 -5.20 41.48
CA THR E 225 -71.00 -6.01 42.41
C THR E 225 -72.50 -5.79 42.21
N GLN E 226 -72.89 -4.72 41.50
CA GLN E 226 -74.30 -4.36 41.28
C GLN E 226 -74.87 -5.05 40.03
N ASP E 227 -76.22 -5.26 40.03
CA ASP E 227 -76.96 -5.96 38.98
C ASP E 227 -77.04 -5.19 37.64
N ARG E 228 -77.06 -3.84 37.66
CA ARG E 228 -77.12 -3.03 36.43
C ARG E 228 -75.80 -3.19 35.65
N ALA E 229 -75.83 -2.95 34.31
CA ALA E 229 -74.67 -3.11 33.43
C ALA E 229 -73.46 -2.29 33.86
N LYS E 230 -72.23 -2.87 33.68
CA LYS E 230 -70.94 -2.25 34.03
C LYS E 230 -70.75 -0.97 33.21
N PRO E 231 -70.48 0.19 33.87
CA PRO E 231 -70.35 1.44 33.10
C PRO E 231 -68.95 1.56 32.48
N VAL E 232 -68.68 0.68 31.50
CA VAL E 232 -67.41 0.59 30.79
C VAL E 232 -67.30 1.68 29.73
N THR E 233 -66.06 1.91 29.22
CA THR E 233 -65.77 2.85 28.14
C THR E 233 -66.54 2.35 26.93
N GLN E 234 -67.58 3.09 26.55
CA GLN E 234 -68.45 2.72 25.45
C GLN E 234 -68.89 3.92 24.64
N ILE E 235 -69.50 3.67 23.48
CA ILE E 235 -70.06 4.69 22.61
C ILE E 235 -71.57 4.57 22.68
N VAL E 236 -72.24 5.67 23.06
CA VAL E 236 -73.69 5.76 23.11
C VAL E 236 -74.10 6.74 22.02
N SER E 237 -74.92 6.26 21.10
CA SER E 237 -75.39 7.04 19.97
C SER E 237 -76.90 7.18 19.93
N ALA E 238 -77.33 8.25 19.26
CA ALA E 238 -78.69 8.57 18.87
C ALA E 238 -78.61 9.08 17.45
N GLU E 239 -79.56 8.67 16.62
CA GLU E 239 -79.57 9.03 15.21
C GLU E 239 -80.89 9.63 14.77
N ALA E 240 -80.91 10.18 13.55
CA ALA E 240 -82.07 10.77 12.87
C ALA E 240 -81.82 10.82 11.37
N TRP E 241 -82.85 10.50 10.58
CA TRP E 241 -82.79 10.59 9.13
C TRP E 241 -83.54 11.85 8.70
N GLY E 242 -83.30 12.29 7.46
CA GLY E 242 -83.93 13.48 6.90
C GLY E 242 -85.44 13.35 6.71
N ARG E 243 -86.16 14.47 6.90
CA ARG E 243 -87.62 14.51 6.81
C ARG E 243 -88.09 15.47 5.72
N ALA E 244 -88.85 14.94 4.75
CA ALA E 244 -89.44 15.68 3.63
C ALA E 244 -90.85 16.18 4.02
N ASP E 245 -91.19 17.44 3.65
CA ASP E 245 -92.51 18.01 3.96
C ASP E 245 -93.18 18.60 2.70
N GLY F 1 21.17 -26.96 9.74
CA GLY F 1 22.32 -27.76 10.12
C GLY F 1 23.40 -27.77 9.06
N SER F 2 23.13 -28.48 7.93
CA SER F 2 24.02 -28.54 6.76
C SER F 2 23.59 -27.44 5.82
N HIS F 3 24.26 -26.28 5.91
CA HIS F 3 23.93 -25.09 5.10
C HIS F 3 24.08 -25.35 3.62
N SER F 4 23.37 -24.58 2.79
CA SER F 4 23.41 -24.72 1.35
C SER F 4 23.22 -23.42 0.59
N MET F 5 23.73 -23.38 -0.64
CA MET F 5 23.52 -22.29 -1.58
C MET F 5 22.94 -22.87 -2.84
N ARG F 6 21.84 -22.30 -3.32
CA ARG F 6 21.12 -22.74 -4.51
C ARG F 6 20.76 -21.58 -5.40
N TYR F 7 20.90 -21.78 -6.72
CA TYR F 7 20.46 -20.81 -7.71
C TYR F 7 19.37 -21.48 -8.53
N PHE F 8 18.22 -20.78 -8.71
CA PHE F 8 17.07 -21.29 -9.46
C PHE F 8 16.88 -20.45 -10.70
N TYR F 9 17.02 -21.08 -11.87
CA TYR F 9 16.86 -20.44 -13.17
C TYR F 9 15.56 -20.86 -13.82
N THR F 10 14.88 -19.92 -14.45
CA THR F 10 13.67 -20.16 -15.20
C THR F 10 13.74 -19.38 -16.50
N ALA F 11 13.78 -20.09 -17.62
CA ALA F 11 13.86 -19.56 -18.98
C ALA F 11 12.60 -19.93 -19.72
N MET F 12 11.76 -18.95 -20.05
CA MET F 12 10.48 -19.14 -20.72
C MET F 12 10.50 -18.62 -22.12
N SER F 13 10.08 -19.42 -23.10
CA SER F 13 9.91 -18.88 -24.44
C SER F 13 8.50 -18.30 -24.53
N ARG F 14 8.32 -17.24 -25.33
CA ARG F 14 7.02 -16.62 -25.49
C ARG F 14 6.91 -16.12 -26.92
N PRO F 15 6.52 -17.01 -27.85
CA PRO F 15 6.44 -16.62 -29.27
C PRO F 15 5.44 -15.51 -29.52
N GLY F 16 5.90 -14.47 -30.21
CA GLY F 16 5.10 -13.29 -30.54
C GLY F 16 4.97 -12.27 -29.43
N ARG F 17 5.21 -12.69 -28.16
CA ARG F 17 5.12 -11.84 -26.97
C ARG F 17 6.52 -11.32 -26.52
N GLY F 18 7.47 -11.32 -27.46
CA GLY F 18 8.83 -10.86 -27.23
C GLY F 18 9.88 -11.97 -27.27
N GLU F 19 11.08 -11.70 -26.71
CA GLU F 19 12.19 -12.65 -26.65
C GLU F 19 12.09 -13.48 -25.36
N PRO F 20 12.71 -14.70 -25.25
CA PRO F 20 12.56 -15.48 -24.01
C PRO F 20 12.93 -14.74 -22.74
N ARG F 21 12.16 -14.98 -21.67
CA ARG F 21 12.39 -14.36 -20.36
C ARG F 21 13.24 -15.27 -19.51
N PHE F 22 14.25 -14.71 -18.90
CA PHE F 22 15.11 -15.46 -18.07
C PHE F 22 15.13 -14.88 -16.67
N ILE F 23 14.73 -15.68 -15.72
CA ILE F 23 14.67 -15.25 -14.34
C ILE F 23 15.57 -16.11 -13.48
N ALA F 24 16.27 -15.46 -12.57
CA ALA F 24 17.17 -16.12 -11.66
C ALA F 24 17.01 -15.66 -10.22
N VAL F 25 16.98 -16.58 -9.28
CA VAL F 25 16.87 -16.28 -7.86
C VAL F 25 17.94 -17.09 -7.13
N GLY F 26 18.54 -16.49 -6.12
CA GLY F 26 19.58 -17.12 -5.31
C GLY F 26 19.16 -17.27 -3.86
N TYR F 27 19.56 -18.38 -3.25
CA TYR F 27 19.21 -18.69 -1.87
C TYR F 27 20.40 -19.20 -1.09
N VAL F 28 20.48 -18.75 0.16
CA VAL F 28 21.34 -19.29 1.20
C VAL F 28 20.32 -19.91 2.14
N ASP F 29 20.30 -21.26 2.16
CA ASP F 29 19.33 -22.06 2.89
C ASP F 29 17.92 -21.68 2.46
N ASP F 30 17.09 -21.14 3.36
CA ASP F 30 15.73 -20.75 3.03
C ASP F 30 15.57 -19.24 2.89
N THR F 31 16.71 -18.52 2.72
CA THR F 31 16.69 -17.07 2.54
C THR F 31 17.15 -16.68 1.15
N GLN F 32 16.28 -15.97 0.42
CA GLN F 32 16.58 -15.43 -0.90
C GLN F 32 17.45 -14.21 -0.72
N PHE F 33 18.52 -14.08 -1.52
CA PHE F 33 19.39 -12.91 -1.40
C PHE F 33 19.54 -12.14 -2.72
N VAL F 34 19.31 -12.79 -3.86
CA VAL F 34 19.40 -12.13 -5.16
C VAL F 34 18.23 -12.47 -6.06
N ARG F 35 18.04 -11.63 -7.08
CA ARG F 35 17.08 -11.81 -8.14
C ARG F 35 17.59 -11.12 -9.40
N PHE F 36 17.21 -11.64 -10.55
CA PHE F 36 17.47 -11.09 -11.87
C PHE F 36 16.27 -11.41 -12.73
N ASP F 37 15.80 -10.44 -13.49
CA ASP F 37 14.70 -10.60 -14.43
C ASP F 37 15.07 -9.89 -15.71
N SER F 38 15.24 -10.65 -16.79
CA SER F 38 15.66 -10.16 -18.09
C SER F 38 14.64 -9.25 -18.76
N ASP F 39 13.36 -9.35 -18.35
CA ASP F 39 12.23 -8.60 -18.87
C ASP F 39 12.25 -7.17 -18.31
N ALA F 40 13.29 -6.40 -18.69
CA ALA F 40 13.57 -4.99 -18.35
C ALA F 40 14.47 -4.38 -19.42
N ALA F 41 14.39 -3.06 -19.65
CA ALA F 41 15.24 -2.36 -20.63
C ALA F 41 16.68 -2.38 -20.16
N SER F 42 16.88 -2.12 -18.84
CA SER F 42 18.15 -2.15 -18.13
C SER F 42 18.11 -3.30 -17.08
N PRO F 43 18.25 -4.59 -17.50
CA PRO F 43 18.21 -5.66 -16.50
C PRO F 43 19.49 -5.63 -15.67
N ARG F 44 19.34 -5.84 -14.35
CA ARG F 44 20.45 -5.85 -13.40
C ARG F 44 20.07 -6.72 -12.19
N THR F 45 21.09 -7.31 -11.54
CA THR F 45 20.91 -8.13 -10.34
C THR F 45 20.51 -7.21 -9.19
N GLU F 46 19.55 -7.65 -8.38
CA GLU F 46 19.05 -6.82 -7.27
C GLU F 46 19.11 -7.56 -5.94
N PRO F 47 19.44 -6.85 -4.81
CA PRO F 47 19.48 -7.54 -3.51
C PRO F 47 18.08 -7.87 -3.00
N ARG F 48 17.93 -8.98 -2.26
CA ARG F 48 16.65 -9.40 -1.69
C ARG F 48 16.84 -9.87 -0.22
N ALA F 49 18.01 -9.52 0.37
CA ALA F 49 18.42 -9.80 1.77
C ALA F 49 19.33 -8.65 2.26
N PRO F 50 19.21 -8.17 3.51
CA PRO F 50 20.03 -7.02 3.93
C PRO F 50 21.55 -7.27 3.94
N TRP F 51 21.96 -8.49 4.34
CA TRP F 51 23.36 -8.89 4.44
C TRP F 51 24.09 -9.03 3.08
N ILE F 52 23.43 -8.70 1.95
CA ILE F 52 24.05 -8.73 0.63
C ILE F 52 24.22 -7.29 0.11
N GLU F 53 23.44 -6.32 0.66
CA GLU F 53 23.46 -4.91 0.28
C GLU F 53 24.85 -4.29 0.45
N GLN F 54 25.67 -4.86 1.34
CA GLN F 54 27.04 -4.42 1.65
C GLN F 54 28.01 -4.71 0.51
N GLU F 55 27.69 -5.68 -0.39
CA GLU F 55 28.54 -6.04 -1.52
C GLU F 55 28.67 -4.85 -2.46
N GLY F 56 29.89 -4.65 -2.97
CA GLY F 56 30.21 -3.53 -3.85
C GLY F 56 29.58 -3.56 -5.23
N PRO F 57 29.72 -2.43 -6.00
CA PRO F 57 29.14 -2.39 -7.36
C PRO F 57 29.78 -3.37 -8.34
N GLU F 58 31.01 -3.83 -8.06
CA GLU F 58 31.73 -4.83 -8.88
C GLU F 58 30.97 -6.15 -8.80
N TYR F 59 30.53 -6.54 -7.57
CA TYR F 59 29.78 -7.76 -7.29
C TYR F 59 28.49 -7.80 -8.14
N TRP F 60 27.70 -6.71 -8.10
CA TRP F 60 26.43 -6.59 -8.83
C TRP F 60 26.66 -6.57 -10.32
N ASP F 61 27.72 -5.92 -10.79
CA ASP F 61 28.07 -5.87 -12.21
C ASP F 61 28.51 -7.26 -12.69
N ARG F 62 29.20 -7.99 -11.81
CA ARG F 62 29.70 -9.35 -12.07
C ARG F 62 28.54 -10.33 -12.26
N ASN F 63 27.54 -10.26 -11.38
CA ASN F 63 26.34 -11.07 -11.39
C ASN F 63 25.51 -10.79 -12.64
N THR F 64 25.31 -9.50 -12.98
CA THR F 64 24.55 -9.03 -14.15
C THR F 64 25.18 -9.57 -15.42
N GLN F 65 26.54 -9.61 -15.50
CA GLN F 65 27.28 -10.15 -16.66
C GLN F 65 26.93 -11.63 -16.85
N ILE F 66 26.95 -12.40 -15.74
CA ILE F 66 26.62 -13.83 -15.69
C ILE F 66 25.18 -14.07 -16.14
N PHE F 67 24.21 -13.35 -15.54
CA PHE F 67 22.80 -13.54 -15.86
C PHE F 67 22.46 -13.03 -17.27
N LYS F 68 23.29 -12.14 -17.86
CA LYS F 68 23.10 -11.70 -19.24
C LYS F 68 23.59 -12.79 -20.18
N THR F 69 24.67 -13.51 -19.79
CA THR F 69 25.19 -14.66 -20.56
C THR F 69 24.11 -15.74 -20.65
N ASN F 70 23.48 -16.07 -19.51
N ASN F 70 23.48 -16.07 -19.51
CA ASN F 70 22.43 -17.07 -19.40
CA ASN F 70 22.43 -17.08 -19.39
C ASN F 70 21.19 -16.72 -20.21
C ASN F 70 21.18 -16.71 -20.20
N THR F 71 20.84 -15.42 -20.31
CA THR F 71 19.69 -14.95 -21.10
C THR F 71 19.94 -15.29 -22.56
N GLN F 72 21.15 -15.01 -23.06
CA GLN F 72 21.57 -15.31 -24.42
C GLN F 72 21.53 -16.83 -24.66
N THR F 73 22.22 -17.58 -23.80
CA THR F 73 22.38 -19.03 -23.80
C THR F 73 21.01 -19.75 -23.80
N TYR F 74 20.12 -19.39 -22.87
CA TYR F 74 18.83 -20.06 -22.73
C TYR F 74 17.91 -19.80 -23.90
N ARG F 75 18.06 -18.66 -24.59
CA ARG F 75 17.30 -18.36 -25.78
C ARG F 75 17.66 -19.42 -26.84
N GLU F 76 18.95 -19.79 -26.96
CA GLU F 76 19.41 -20.80 -27.93
C GLU F 76 19.12 -22.23 -27.46
N SER F 77 19.22 -22.50 -26.13
CA SER F 77 18.90 -23.80 -25.55
C SER F 77 17.41 -24.13 -25.73
N LEU F 78 16.53 -23.10 -25.69
CA LEU F 78 15.10 -23.26 -25.87
C LEU F 78 14.78 -23.62 -27.32
N ARG F 79 15.57 -23.09 -28.26
CA ARG F 79 15.40 -23.35 -29.68
C ARG F 79 15.75 -24.80 -30.00
N ASN F 80 16.90 -25.26 -29.50
CA ASN F 80 17.45 -26.59 -29.69
C ASN F 80 16.54 -27.67 -29.13
N LEU F 81 16.00 -27.47 -27.89
CA LEU F 81 15.08 -28.43 -27.27
C LEU F 81 13.75 -28.51 -28.06
N ARG F 82 13.31 -27.38 -28.61
CA ARG F 82 12.12 -27.29 -29.47
C ARG F 82 12.35 -28.18 -30.71
N GLY F 83 13.57 -28.11 -31.27
CA GLY F 83 14.01 -28.89 -32.41
C GLY F 83 14.14 -30.37 -32.09
N TYR F 84 14.69 -30.71 -30.91
CA TYR F 84 14.83 -32.11 -30.48
C TYR F 84 13.50 -32.82 -30.37
N TYR F 85 12.47 -32.08 -29.95
CA TYR F 85 11.13 -32.63 -29.71
C TYR F 85 10.17 -32.39 -30.86
N ASN F 86 10.65 -31.65 -31.82
CA ASN F 86 9.93 -31.31 -33.01
C ASN F 86 8.66 -30.60 -32.66
N GLN F 87 8.84 -29.56 -31.88
CA GLN F 87 7.78 -28.71 -31.38
C GLN F 87 7.66 -27.47 -32.25
N SER F 88 6.44 -26.95 -32.39
CA SER F 88 6.16 -25.77 -33.20
C SER F 88 6.77 -24.53 -32.55
N GLU F 89 7.08 -23.54 -33.40
CA GLU F 89 7.70 -22.28 -33.00
C GLU F 89 6.68 -21.33 -32.34
N ALA F 90 5.39 -21.76 -32.24
CA ALA F 90 4.28 -20.99 -31.67
C ALA F 90 4.04 -21.28 -30.19
N GLY F 91 4.48 -22.45 -29.71
CA GLY F 91 4.30 -22.86 -28.32
C GLY F 91 5.30 -22.27 -27.37
N SER F 92 4.91 -22.14 -26.11
CA SER F 92 5.75 -21.62 -25.04
C SER F 92 6.32 -22.75 -24.22
N HIS F 93 7.62 -22.75 -24.00
CA HIS F 93 8.24 -23.82 -23.25
C HIS F 93 9.13 -23.27 -22.17
N ILE F 94 9.43 -24.10 -21.17
CA ILE F 94 10.19 -23.67 -20.01
C ILE F 94 11.35 -24.61 -19.73
N ILE F 95 12.53 -24.01 -19.55
CA ILE F 95 13.71 -24.70 -19.10
C ILE F 95 13.93 -24.21 -17.67
N GLN F 96 14.09 -25.15 -16.75
CA GLN F 96 14.39 -24.82 -15.36
C GLN F 96 15.68 -25.46 -14.98
N ARG F 97 16.44 -24.81 -14.12
CA ARG F 97 17.70 -25.30 -13.61
C ARG F 97 17.85 -24.92 -12.15
N MET F 98 18.31 -25.86 -11.34
CA MET F 98 18.65 -25.64 -9.95
C MET F 98 20.00 -26.30 -9.73
N TYR F 99 20.95 -25.51 -9.26
CA TYR F 99 22.29 -25.96 -8.98
C TYR F 99 22.76 -25.29 -7.69
N GLY F 100 23.81 -25.84 -7.09
CA GLY F 100 24.37 -25.31 -5.87
C GLY F 100 25.12 -26.32 -5.03
N CYS F 101 25.60 -25.88 -3.88
CA CYS F 101 26.43 -26.68 -3.00
C CYS F 101 25.88 -26.81 -1.58
N ASP F 102 26.24 -27.91 -0.93
CA ASP F 102 25.92 -28.21 0.45
C ASP F 102 27.23 -28.17 1.26
N LEU F 103 27.22 -27.44 2.38
CA LEU F 103 28.34 -27.24 3.30
C LEU F 103 28.45 -28.36 4.33
N GLY F 104 29.62 -28.99 4.37
CA GLY F 104 29.93 -30.06 5.32
C GLY F 104 30.41 -29.54 6.66
N PRO F 105 30.51 -30.44 7.68
CA PRO F 105 30.99 -30.00 9.01
C PRO F 105 32.43 -29.49 9.04
N ASP F 106 33.29 -30.04 8.17
CA ASP F 106 34.70 -29.64 8.05
C ASP F 106 34.85 -28.33 7.26
N GLY F 107 33.74 -27.63 7.06
CA GLY F 107 33.69 -26.37 6.33
C GLY F 107 33.81 -26.56 4.83
N ARG F 108 34.22 -27.76 4.40
CA ARG F 108 34.40 -28.15 3.00
C ARG F 108 33.04 -28.60 2.40
N LEU F 109 33.02 -28.94 1.11
CA LEU F 109 31.86 -29.35 0.33
C LEU F 109 31.37 -30.75 0.67
N LEU F 110 30.08 -30.85 1.05
CA LEU F 110 29.40 -32.09 1.37
C LEU F 110 28.99 -32.75 0.07
N ARG F 111 28.14 -32.06 -0.71
CA ARG F 111 27.69 -32.52 -2.02
C ARG F 111 27.22 -31.35 -2.89
N GLY F 112 27.45 -31.50 -4.19
CA GLY F 112 27.09 -30.53 -5.22
C GLY F 112 25.92 -30.98 -6.07
N HIS F 113 25.18 -30.02 -6.64
CA HIS F 113 23.98 -30.27 -7.45
C HIS F 113 23.95 -29.42 -8.72
N ASP F 114 23.37 -29.97 -9.80
CA ASP F 114 23.10 -29.29 -11.07
C ASP F 114 22.05 -30.08 -11.85
N GLN F 115 20.78 -29.67 -11.72
CA GLN F 115 19.63 -30.32 -12.36
C GLN F 115 18.92 -29.38 -13.30
N SER F 116 18.51 -29.91 -14.45
CA SER F 116 17.76 -29.17 -15.44
C SER F 116 16.47 -29.93 -15.79
N ALA F 117 15.43 -29.17 -16.14
CA ALA F 117 14.13 -29.69 -16.52
C ALA F 117 13.59 -29.01 -17.75
N TYR F 118 12.74 -29.71 -18.48
CA TYR F 118 12.06 -29.16 -19.64
C TYR F 118 10.58 -29.41 -19.46
N ASP F 119 9.80 -28.31 -19.47
CA ASP F 119 8.36 -28.29 -19.31
C ASP F 119 7.91 -29.02 -18.00
N GLY F 120 8.67 -28.79 -16.94
CA GLY F 120 8.39 -29.32 -15.60
C GLY F 120 8.78 -30.75 -15.34
N LYS F 121 9.49 -31.39 -16.29
CA LYS F 121 9.95 -32.79 -16.16
C LYS F 121 11.46 -32.85 -16.20
N ASP F 122 12.07 -33.79 -15.45
CA ASP F 122 13.53 -34.01 -15.44
C ASP F 122 14.06 -34.11 -16.86
N TYR F 123 15.19 -33.46 -17.14
CA TYR F 123 15.78 -33.46 -18.46
C TYR F 123 17.20 -34.01 -18.35
N ILE F 124 18.08 -33.29 -17.65
CA ILE F 124 19.46 -33.71 -17.45
C ILE F 124 19.89 -33.31 -16.04
N ALA F 125 20.72 -34.13 -15.40
CA ALA F 125 21.18 -33.90 -14.04
C ALA F 125 22.60 -34.34 -13.86
N LEU F 126 23.38 -33.54 -13.12
CA LEU F 126 24.75 -33.88 -12.78
C LEU F 126 24.70 -34.92 -11.68
N ASN F 127 25.45 -36.01 -11.85
CA ASN F 127 25.47 -37.11 -10.89
C ASN F 127 26.31 -36.74 -9.67
N GLU F 128 26.12 -37.49 -8.56
CA GLU F 128 26.78 -37.33 -7.27
C GLU F 128 28.31 -37.23 -7.40
N ASP F 129 28.90 -37.96 -8.37
CA ASP F 129 30.36 -37.97 -8.61
C ASP F 129 30.89 -36.64 -9.21
N LEU F 130 29.96 -35.75 -9.71
CA LEU F 130 30.22 -34.44 -10.34
C LEU F 130 31.09 -34.57 -11.59
N SER F 131 31.02 -35.75 -12.23
CA SER F 131 31.78 -36.10 -13.42
C SER F 131 30.88 -36.52 -14.57
N SER F 132 29.79 -37.23 -14.25
CA SER F 132 28.87 -37.78 -15.24
C SER F 132 27.49 -37.14 -15.18
N TRP F 133 26.67 -37.38 -16.21
CA TRP F 133 25.31 -36.87 -16.34
C TRP F 133 24.28 -37.97 -16.47
N THR F 134 23.06 -37.74 -15.95
CA THR F 134 21.92 -38.62 -16.15
C THR F 134 20.96 -37.87 -17.07
N ALA F 135 20.72 -38.42 -18.27
CA ALA F 135 19.84 -37.86 -19.28
C ALA F 135 18.48 -38.60 -19.24
N ALA F 136 17.37 -37.84 -19.23
CA ALA F 136 16.01 -38.37 -19.12
C ALA F 136 15.54 -39.18 -20.33
N ASP F 137 15.87 -38.72 -21.56
CA ASP F 137 15.48 -39.34 -22.84
C ASP F 137 16.60 -39.15 -23.86
N THR F 138 16.35 -39.49 -25.15
CA THR F 138 17.36 -39.35 -26.21
C THR F 138 17.67 -37.88 -26.51
N ALA F 139 16.69 -36.96 -26.37
CA ALA F 139 16.91 -35.52 -26.59
C ALA F 139 17.95 -34.99 -25.60
N ALA F 140 17.84 -35.37 -24.31
CA ALA F 140 18.79 -34.98 -23.26
C ALA F 140 20.17 -35.61 -23.48
N GLN F 141 20.24 -36.70 -24.26
CA GLN F 141 21.48 -37.38 -24.62
C GLN F 141 22.24 -36.56 -25.67
N ILE F 142 21.53 -35.69 -26.43
CA ILE F 142 22.15 -34.76 -27.37
C ILE F 142 22.80 -33.66 -26.53
N THR F 143 22.07 -33.08 -25.54
CA THR F 143 22.59 -32.08 -24.58
C THR F 143 23.80 -32.67 -23.87
N GLN F 144 23.70 -33.93 -23.38
CA GLN F 144 24.77 -34.65 -22.68
C GLN F 144 26.04 -34.67 -23.50
N ARG F 145 25.92 -34.94 -24.78
CA ARG F 145 27.02 -34.99 -25.68
C ARG F 145 27.70 -33.66 -25.85
N LYS F 146 26.92 -32.61 -26.00
CA LYS F 146 27.39 -31.22 -26.11
C LYS F 146 28.18 -30.83 -24.86
N TRP F 147 27.63 -31.19 -23.69
CA TRP F 147 28.19 -30.89 -22.38
C TRP F 147 29.39 -31.73 -22.04
N GLU F 148 29.49 -32.94 -22.59
CA GLU F 148 30.63 -33.83 -22.40
C GLU F 148 31.79 -33.27 -23.23
N ALA F 149 31.50 -32.86 -24.48
CA ALA F 149 32.44 -32.24 -25.41
C ALA F 149 33.01 -30.94 -24.84
N ALA F 150 32.15 -30.10 -24.23
CA ALA F 150 32.48 -28.81 -23.61
C ALA F 150 33.06 -28.94 -22.19
N ARG F 151 33.07 -30.19 -21.63
CA ARG F 151 33.59 -30.52 -20.29
C ARG F 151 32.90 -29.67 -19.19
N VAL F 152 31.55 -29.59 -19.25
CA VAL F 152 30.69 -28.81 -18.35
C VAL F 152 30.73 -29.36 -16.92
N ALA F 153 30.82 -30.70 -16.76
CA ALA F 153 30.88 -31.30 -15.42
C ALA F 153 32.16 -30.89 -14.71
N GLU F 154 33.30 -30.91 -15.45
CA GLU F 154 34.64 -30.50 -15.00
C GLU F 154 34.61 -29.03 -14.52
N GLN F 155 33.91 -28.16 -15.29
CA GLN F 155 33.71 -26.73 -14.99
C GLN F 155 32.91 -26.55 -13.72
N LEU F 156 31.81 -27.32 -13.59
CA LEU F 156 30.94 -27.29 -12.42
C LEU F 156 31.64 -27.77 -11.17
N ARG F 157 32.39 -28.89 -11.25
CA ARG F 157 33.13 -29.44 -10.11
C ARG F 157 34.09 -28.39 -9.52
N ALA F 158 34.78 -27.61 -10.37
CA ALA F 158 35.69 -26.54 -9.96
C ALA F 158 34.94 -25.43 -9.24
N TYR F 159 33.73 -25.06 -9.74
CA TYR F 159 32.89 -24.03 -9.15
C TYR F 159 32.30 -24.49 -7.81
N LEU F 160 31.70 -25.70 -7.80
CA LEU F 160 31.06 -26.28 -6.63
C LEU F 160 32.06 -26.54 -5.52
N GLU F 161 33.25 -27.07 -5.84
CA GLU F 161 34.28 -27.36 -4.83
C GLU F 161 35.04 -26.10 -4.37
N GLY F 162 34.93 -24.99 -5.12
CA GLY F 162 35.66 -23.77 -4.84
C GLY F 162 34.81 -22.56 -4.55
N LEU F 163 34.52 -21.76 -5.58
CA LEU F 163 33.76 -20.51 -5.49
C LEU F 163 32.41 -20.63 -4.81
N CYS F 164 31.65 -21.72 -5.08
CA CYS F 164 30.33 -21.95 -4.46
C CYS F 164 30.48 -21.97 -2.94
N VAL F 165 31.40 -22.83 -2.46
CA VAL F 165 31.71 -23.06 -1.06
C VAL F 165 32.31 -21.78 -0.44
N GLU F 166 33.30 -21.13 -1.09
CA GLU F 166 33.95 -19.88 -0.62
C GLU F 166 32.96 -18.74 -0.43
N TRP F 167 32.02 -18.58 -1.37
CA TRP F 167 31.04 -17.49 -1.28
C TRP F 167 29.93 -17.81 -0.30
N LEU F 168 29.53 -19.11 -0.18
CA LEU F 168 28.52 -19.55 0.78
C LEU F 168 28.99 -19.21 2.21
N ARG F 169 30.25 -19.56 2.55
CA ARG F 169 30.88 -19.28 3.84
C ARG F 169 30.81 -17.77 4.17
N ARG F 170 31.15 -16.90 3.18
CA ARG F 170 31.12 -15.43 3.24
C ARG F 170 29.73 -14.94 3.59
N TYR F 171 28.70 -15.44 2.86
CA TYR F 171 27.31 -15.07 3.07
C TYR F 171 26.84 -15.48 4.47
N LEU F 172 27.28 -16.66 4.95
CA LEU F 172 26.94 -17.18 6.29
C LEU F 172 27.58 -16.33 7.38
N GLU F 173 28.81 -15.84 7.14
CA GLU F 173 29.52 -14.96 8.06
C GLU F 173 28.82 -13.60 8.09
N ASN F 174 28.72 -12.92 6.93
CA ASN F 174 28.13 -11.58 6.75
C ASN F 174 26.68 -11.50 7.24
N GLY F 175 25.95 -12.61 7.18
CA GLY F 175 24.57 -12.70 7.66
C GLY F 175 24.36 -13.67 8.80
N LYS F 176 25.39 -13.87 9.67
CA LYS F 176 25.38 -14.81 10.81
C LYS F 176 24.23 -14.59 11.80
N GLU F 177 23.88 -13.32 12.09
CA GLU F 177 22.81 -12.96 13.04
C GLU F 177 21.41 -13.43 12.60
N THR F 178 21.23 -13.76 11.30
CA THR F 178 19.94 -14.17 10.73
C THR F 178 20.01 -15.57 10.09
N LEU F 179 21.12 -15.88 9.40
CA LEU F 179 21.31 -17.18 8.73
C LEU F 179 21.74 -18.27 9.69
N GLN F 180 22.53 -17.92 10.72
CA GLN F 180 23.03 -18.91 11.67
C GLN F 180 22.28 -18.84 13.03
N ARG F 181 21.18 -18.07 13.07
CA ARG F 181 20.29 -17.94 14.23
C ARG F 181 18.94 -18.58 13.89
N ALA F 182 18.69 -19.76 14.48
CA ALA F 182 17.46 -20.51 14.27
C ALA F 182 16.30 -19.95 15.11
N ASP F 183 15.29 -19.41 14.42
CA ASP F 183 14.07 -18.83 14.99
C ASP F 183 13.09 -19.97 15.38
N PRO F 184 12.78 -20.16 16.69
CA PRO F 184 11.86 -21.24 17.09
C PRO F 184 10.38 -20.89 16.83
N PRO F 185 9.50 -21.89 16.60
CA PRO F 185 8.08 -21.56 16.32
C PRO F 185 7.29 -21.08 17.53
N LYS F 186 6.09 -20.53 17.27
CA LYS F 186 5.15 -20.03 18.28
C LYS F 186 3.95 -20.97 18.27
N THR F 187 3.90 -21.88 19.26
CA THR F 187 2.87 -22.92 19.37
C THR F 187 1.66 -22.54 20.22
N HIS F 188 0.46 -22.96 19.75
CA HIS F 188 -0.86 -22.80 20.39
C HIS F 188 -1.92 -23.67 19.66
N VAL F 189 -2.81 -24.31 20.43
CA VAL F 189 -3.88 -25.20 19.93
C VAL F 189 -5.23 -24.44 20.01
N THR F 190 -6.14 -24.68 19.03
CA THR F 190 -7.47 -24.04 18.97
C THR F 190 -8.59 -25.08 18.80
N HIS F 191 -9.76 -24.82 19.44
CA HIS F 191 -10.94 -25.70 19.41
C HIS F 191 -12.05 -25.12 18.51
N HIS F 192 -12.38 -25.86 17.42
CA HIS F 192 -13.39 -25.51 16.43
C HIS F 192 -14.46 -26.60 16.32
N PRO F 193 -15.65 -26.49 16.97
CA PRO F 193 -16.64 -27.58 16.85
C PRO F 193 -17.38 -27.56 15.52
N VAL F 194 -17.44 -28.72 14.84
CA VAL F 194 -18.12 -28.90 13.54
C VAL F 194 -19.53 -29.49 13.74
N SER F 195 -19.69 -30.39 14.74
CA SER F 195 -20.96 -31.04 15.09
C SER F 195 -21.05 -31.28 16.63
N ASP F 196 -22.17 -31.84 17.11
CA ASP F 196 -22.40 -32.14 18.53
C ASP F 196 -21.53 -33.30 19.01
N HIS F 197 -21.19 -34.21 18.07
CA HIS F 197 -20.41 -35.42 18.33
C HIS F 197 -18.92 -35.21 18.03
N GLU F 198 -18.57 -34.47 16.96
CA GLU F 198 -17.17 -34.25 16.56
C GLU F 198 -16.78 -32.77 16.57
N ALA F 199 -15.48 -32.48 16.84
CA ALA F 199 -14.89 -31.13 16.89
C ALA F 199 -13.45 -31.14 16.33
N THR F 200 -13.03 -30.07 15.61
CA THR F 200 -11.71 -29.95 14.99
C THR F 200 -10.69 -29.29 15.95
N LEU F 201 -9.51 -29.93 16.12
CA LEU F 201 -8.40 -29.45 16.95
C LEU F 201 -7.14 -29.17 16.09
N ARG F 202 -6.83 -27.87 15.85
CA ARG F 202 -5.74 -27.36 15.06
C ARG F 202 -4.55 -26.98 15.93
N CYS F 203 -3.38 -27.55 15.58
CA CYS F 203 -2.03 -27.34 16.19
C CYS F 203 -1.22 -26.36 15.36
N TRP F 204 -1.11 -25.09 15.81
CA TRP F 204 -0.47 -24.00 15.06
C TRP F 204 0.99 -23.76 15.41
N ALA F 205 1.80 -23.36 14.41
CA ALA F 205 3.22 -23.02 14.51
C ALA F 205 3.47 -21.80 13.63
N LEU F 206 4.03 -20.72 14.21
CA LEU F 206 4.27 -19.47 13.49
C LEU F 206 5.65 -18.89 13.77
N GLY F 207 6.12 -18.03 12.85
CA GLY F 207 7.38 -17.31 12.91
C GLY F 207 8.63 -18.12 13.17
N PHE F 208 8.84 -19.19 12.38
CA PHE F 208 10.01 -20.05 12.53
C PHE F 208 10.92 -20.01 11.28
N TYR F 209 12.20 -20.33 11.48
CA TYR F 209 13.22 -20.38 10.43
C TYR F 209 14.31 -21.41 10.83
N PRO F 210 14.71 -22.39 9.98
CA PRO F 210 14.28 -22.68 8.58
C PRO F 210 12.85 -23.21 8.45
N ALA F 211 12.41 -23.53 7.21
CA ALA F 211 11.06 -24.03 6.93
C ALA F 211 10.87 -25.51 7.34
N GLU F 212 11.97 -26.23 7.67
CA GLU F 212 11.89 -27.65 8.07
C GLU F 212 11.26 -27.74 9.47
N ILE F 213 10.09 -28.37 9.53
CA ILE F 213 9.28 -28.57 10.73
C ILE F 213 8.49 -29.87 10.59
N THR F 214 8.32 -30.60 11.71
CA THR F 214 7.59 -31.86 11.74
C THR F 214 6.49 -31.75 12.80
N LEU F 215 5.22 -31.72 12.34
CA LEU F 215 4.01 -31.64 13.19
C LEU F 215 3.27 -32.98 13.09
N THR F 216 3.14 -33.71 14.21
CA THR F 216 2.50 -35.03 14.25
C THR F 216 1.45 -35.15 15.36
N TRP F 217 0.21 -35.55 14.99
CA TRP F 217 -0.90 -35.79 15.91
C TRP F 217 -0.94 -37.28 16.27
N GLN F 218 -0.64 -37.60 17.53
CA GLN F 218 -0.58 -38.98 18.01
C GLN F 218 -1.72 -39.31 18.98
N ARG F 219 -2.56 -40.31 18.61
CA ARG F 219 -3.68 -40.81 19.41
C ARG F 219 -3.17 -41.94 20.31
N ASP F 220 -3.14 -41.73 21.65
CA ASP F 220 -2.66 -42.70 22.67
C ASP F 220 -1.13 -42.91 22.59
N GLY F 221 -0.56 -42.88 21.38
CA GLY F 221 0.85 -43.07 21.10
C GLY F 221 1.14 -43.23 19.62
N GLU F 222 0.20 -43.83 18.87
CA GLU F 222 0.31 -44.09 17.42
C GLU F 222 -0.10 -42.86 16.59
N ASP F 223 0.67 -42.58 15.51
CA ASP F 223 0.47 -41.45 14.59
C ASP F 223 -0.78 -41.68 13.73
N GLN F 224 -1.68 -40.65 13.66
CA GLN F 224 -2.92 -40.72 12.87
C GLN F 224 -2.68 -40.17 11.46
N THR F 225 -1.79 -40.86 10.71
CA THR F 225 -1.35 -40.58 9.34
C THR F 225 -2.53 -40.31 8.38
N GLN F 226 -3.46 -41.29 8.25
CA GLN F 226 -4.63 -41.26 7.35
C GLN F 226 -5.89 -40.66 8.06
N ASP F 227 -5.66 -39.74 9.01
CA ASP F 227 -6.69 -39.01 9.74
C ASP F 227 -6.32 -37.52 9.94
N THR F 228 -5.01 -37.17 9.93
CA THR F 228 -4.54 -35.79 10.13
C THR F 228 -4.63 -34.99 8.82
N GLU F 229 -5.11 -33.72 8.92
CA GLU F 229 -5.25 -32.78 7.81
C GLU F 229 -4.11 -31.74 7.89
N LEU F 230 -2.94 -32.11 7.36
CA LEU F 230 -1.71 -31.32 7.37
C LEU F 230 -1.63 -30.39 6.15
N VAL F 231 -1.27 -29.11 6.37
CA VAL F 231 -1.13 -28.14 5.27
C VAL F 231 0.34 -27.83 5.02
N GLU F 232 0.64 -27.42 3.78
CA GLU F 232 1.98 -27.07 3.32
C GLU F 232 2.51 -25.86 4.08
N THR F 233 3.81 -25.92 4.45
CA THR F 233 4.54 -24.84 5.10
C THR F 233 4.41 -23.64 4.17
N ARG F 234 3.96 -22.52 4.71
CA ARG F 234 3.71 -21.30 3.96
C ARG F 234 4.63 -20.16 4.42
N PRO F 235 5.08 -19.25 3.51
CA PRO F 235 5.95 -18.14 3.96
C PRO F 235 5.16 -17.03 4.64
N ALA F 236 5.68 -16.52 5.77
CA ALA F 236 5.00 -15.44 6.49
C ALA F 236 5.12 -14.11 5.74
N GLY F 237 6.18 -13.94 4.97
CA GLY F 237 6.43 -12.73 4.20
C GLY F 237 7.50 -11.84 4.81
N ASP F 238 8.00 -12.25 5.98
CA ASP F 238 9.04 -11.56 6.72
C ASP F 238 10.20 -12.53 7.01
N ARG F 239 10.49 -13.38 6.02
CA ARG F 239 11.57 -14.36 5.93
C ARG F 239 11.37 -15.55 6.93
N THR F 240 10.20 -15.64 7.61
CA THR F 240 9.83 -16.76 8.51
C THR F 240 8.70 -17.60 7.87
N PHE F 241 8.31 -18.71 8.54
CA PHE F 241 7.33 -19.64 8.00
C PHE F 241 6.22 -20.00 9.02
N GLN F 242 5.10 -20.54 8.50
CA GLN F 242 3.90 -20.96 9.24
C GLN F 242 3.46 -22.36 8.79
N LYS F 243 2.83 -23.13 9.69
CA LYS F 243 2.31 -24.47 9.40
C LYS F 243 1.33 -24.92 10.50
N TRP F 244 0.23 -25.58 10.10
CA TRP F 244 -0.73 -26.14 11.05
C TRP F 244 -1.16 -27.55 10.64
N ALA F 245 -1.68 -28.30 11.62
CA ALA F 245 -2.22 -29.65 11.45
C ALA F 245 -3.48 -29.79 12.27
N ALA F 246 -4.58 -30.16 11.60
CA ALA F 246 -5.87 -30.33 12.25
C ALA F 246 -6.27 -31.79 12.31
N VAL F 247 -7.13 -32.14 13.29
CA VAL F 247 -7.67 -33.49 13.48
C VAL F 247 -9.10 -33.41 13.97
N VAL F 248 -9.96 -34.22 13.33
CA VAL F 248 -11.39 -34.40 13.61
C VAL F 248 -11.47 -35.33 14.82
N VAL F 249 -11.67 -34.75 16.01
CA VAL F 249 -11.71 -35.57 17.21
C VAL F 249 -13.14 -35.60 17.80
N PRO F 250 -13.61 -36.74 18.36
CA PRO F 250 -14.96 -36.75 18.96
C PRO F 250 -14.96 -35.97 20.28
N SER F 251 -16.00 -35.12 20.48
CA SER F 251 -16.20 -34.27 21.66
C SER F 251 -16.17 -35.11 22.95
N GLY F 252 -15.02 -35.07 23.63
CA GLY F 252 -14.77 -35.83 24.85
C GLY F 252 -13.35 -36.35 24.92
N GLU F 253 -12.84 -36.87 23.77
CA GLU F 253 -11.47 -37.38 23.62
C GLU F 253 -10.54 -36.21 23.22
N GLU F 254 -10.47 -35.17 24.09
CA GLU F 254 -9.68 -33.96 23.88
C GLU F 254 -8.29 -34.06 24.53
N GLN F 255 -7.99 -35.18 25.22
CA GLN F 255 -6.70 -35.40 25.86
C GLN F 255 -6.04 -36.69 25.34
N ARG F 256 -6.83 -37.60 24.72
CA ARG F 256 -6.30 -38.84 24.15
C ARG F 256 -5.31 -38.53 23.00
N TYR F 257 -5.46 -37.36 22.36
CA TYR F 257 -4.63 -36.87 21.24
C TYR F 257 -3.59 -35.81 21.72
N THR F 258 -2.32 -35.97 21.27
CA THR F 258 -1.17 -35.11 21.58
C THR F 258 -0.45 -34.72 20.28
N CYS F 259 -0.03 -33.42 20.19
CA CYS F 259 0.69 -32.87 19.03
C CYS F 259 2.17 -32.59 19.29
N HIS F 260 3.09 -33.27 18.57
CA HIS F 260 4.53 -33.15 18.73
C HIS F 260 5.09 -32.17 17.71
N VAL F 261 5.82 -31.12 18.18
CA VAL F 261 6.39 -30.06 17.34
C VAL F 261 7.93 -30.20 17.34
N GLN F 262 8.48 -30.58 16.16
CA GLN F 262 9.92 -30.79 15.96
C GLN F 262 10.49 -29.64 15.12
N HIS F 263 11.53 -28.95 15.63
CA HIS F 263 12.21 -27.84 14.95
C HIS F 263 13.67 -27.68 15.43
N GLU F 264 14.53 -27.09 14.56
CA GLU F 264 15.96 -26.81 14.78
C GLU F 264 16.17 -25.78 15.91
N GLY F 265 15.33 -24.75 15.95
CA GLY F 265 15.38 -23.68 16.93
C GLY F 265 14.87 -24.00 18.32
N LEU F 266 14.27 -25.21 18.49
CA LEU F 266 13.73 -25.66 19.77
C LEU F 266 14.75 -26.50 20.57
N PRO F 267 14.86 -26.28 21.90
CA PRO F 267 15.81 -27.08 22.70
C PRO F 267 15.40 -28.55 22.80
N LYS F 268 14.09 -28.84 22.82
CA LYS F 268 13.54 -30.19 22.88
C LYS F 268 12.16 -30.28 22.17
N PRO F 269 11.82 -31.43 21.52
CA PRO F 269 10.52 -31.53 20.82
C PRO F 269 9.33 -31.34 21.77
N LEU F 270 8.63 -30.18 21.65
CA LEU F 270 7.50 -29.80 22.50
C LEU F 270 6.19 -30.54 22.14
N THR F 271 5.56 -31.16 23.17
CA THR F 271 4.32 -31.95 23.15
C THR F 271 3.19 -31.02 23.62
N LEU F 272 2.11 -30.93 22.82
CA LEU F 272 0.99 -30.04 23.12
C LEU F 272 -0.37 -30.75 23.18
N ARG F 273 -1.19 -30.34 24.16
CA ARG F 273 -2.57 -30.76 24.42
C ARG F 273 -3.46 -29.51 24.40
N TRP F 274 -4.76 -29.67 24.10
CA TRP F 274 -5.68 -28.52 24.01
C TRP F 274 -5.95 -27.90 25.39
N GLU F 275 -5.77 -26.57 25.47
CA GLU F 275 -5.97 -25.77 26.68
C GLU F 275 -7.32 -25.04 26.63
N PRO F 276 -8.31 -25.45 27.47
CA PRO F 276 -9.62 -24.79 27.45
C PRO F 276 -9.58 -23.41 28.13
N ILE G 2 2.97 -31.62 -19.67
CA ILE G 2 2.15 -31.86 -18.48
C ILE G 2 2.10 -30.57 -17.62
N GLN G 3 0.87 -30.15 -17.28
CA GLN G 3 0.53 -28.94 -16.52
C GLN G 3 -0.09 -29.28 -15.15
N ARG G 4 0.39 -28.62 -14.07
CA ARG G 4 -0.08 -28.79 -12.69
C ARG G 4 -0.97 -27.64 -12.24
N THR G 5 -1.95 -27.93 -11.36
CA THR G 5 -2.91 -26.94 -10.87
C THR G 5 -2.42 -26.26 -9.57
N PRO G 6 -2.65 -24.94 -9.39
CA PRO G 6 -2.13 -24.26 -8.19
C PRO G 6 -2.90 -24.53 -6.90
N LYS G 7 -2.13 -24.75 -5.82
CA LYS G 7 -2.59 -24.88 -4.43
C LYS G 7 -2.70 -23.47 -3.90
N ILE G 8 -3.84 -23.09 -3.29
CA ILE G 8 -4.03 -21.73 -2.78
C ILE G 8 -4.22 -21.72 -1.25
N GLN G 9 -3.55 -20.75 -0.59
CA GLN G 9 -3.65 -20.51 0.85
C GLN G 9 -3.81 -19.02 1.09
N VAL G 10 -4.91 -18.60 1.75
CA VAL G 10 -5.16 -17.19 2.08
C VAL G 10 -5.05 -17.04 3.60
N TYR G 11 -4.13 -16.18 4.04
CA TYR G 11 -3.82 -15.96 5.45
C TYR G 11 -3.14 -14.61 5.68
N SER G 12 -2.94 -14.26 6.96
CA SER G 12 -2.29 -13.02 7.38
C SER G 12 -0.86 -13.31 7.87
N ARG G 13 0.03 -12.31 7.77
CA ARG G 13 1.43 -12.38 8.22
C ARG G 13 1.51 -12.59 9.74
N HIS G 14 0.80 -11.74 10.50
CA HIS G 14 0.71 -11.78 11.96
C HIS G 14 -0.70 -12.21 12.37
N PRO G 15 -0.93 -12.68 13.63
CA PRO G 15 -2.32 -13.04 14.02
C PRO G 15 -3.25 -11.84 13.89
N ALA G 16 -4.36 -12.04 13.16
CA ALA G 16 -5.34 -11.00 12.86
C ALA G 16 -6.02 -10.45 14.12
N GLU G 17 -5.89 -9.14 14.30
CA GLU G 17 -6.47 -8.36 15.38
C GLU G 17 -7.13 -7.15 14.72
N ASN G 18 -8.46 -7.05 14.82
CA ASN G 18 -9.25 -5.98 14.20
C ASN G 18 -8.74 -4.60 14.60
N GLY G 19 -8.52 -3.75 13.60
CA GLY G 19 -8.02 -2.39 13.76
C GLY G 19 -6.51 -2.26 13.72
N LYS G 20 -5.77 -3.40 13.80
CA LYS G 20 -4.31 -3.43 13.81
C LYS G 20 -3.74 -3.82 12.44
N SER G 21 -2.84 -2.96 11.91
CA SER G 21 -2.12 -3.10 10.64
C SER G 21 -1.48 -4.50 10.52
N ASN G 22 -1.63 -5.12 9.34
CA ASN G 22 -1.14 -6.48 9.06
C ASN G 22 -0.88 -6.64 7.55
N PHE G 23 -0.55 -7.87 7.10
CA PHE G 23 -0.33 -8.17 5.69
C PHE G 23 -1.23 -9.31 5.24
N LEU G 24 -1.94 -9.10 4.11
CA LEU G 24 -2.82 -10.10 3.53
C LEU G 24 -2.03 -10.91 2.50
N ASN G 25 -1.72 -12.17 2.83
CA ASN G 25 -0.97 -13.06 1.97
C ASN G 25 -1.90 -14.05 1.24
N CYS G 26 -1.48 -14.44 0.00
CA CYS G 26 -2.03 -15.49 -0.86
C CYS G 26 -0.86 -16.24 -1.47
N TYR G 27 -0.59 -17.45 -0.97
CA TYR G 27 0.51 -18.29 -1.42
C TYR G 27 0.01 -19.30 -2.44
N VAL G 28 0.38 -19.09 -3.71
CA VAL G 28 0.09 -20.01 -4.80
C VAL G 28 1.32 -20.90 -5.00
N SER G 29 1.13 -22.22 -4.94
CA SER G 29 2.24 -23.16 -5.11
C SER G 29 1.81 -24.40 -5.86
N GLY G 30 2.78 -25.21 -6.29
CA GLY G 30 2.54 -26.48 -6.97
C GLY G 30 1.99 -26.39 -8.39
N PHE G 31 2.11 -25.22 -9.05
CA PHE G 31 1.62 -25.04 -10.42
C PHE G 31 2.75 -25.06 -11.45
N HIS G 32 2.36 -25.35 -12.70
CA HIS G 32 3.19 -25.42 -13.89
C HIS G 32 2.27 -25.29 -15.13
N PRO G 33 2.53 -24.42 -16.15
CA PRO G 33 3.67 -23.51 -16.33
C PRO G 33 3.64 -22.31 -15.37
N SER G 34 4.62 -21.38 -15.47
CA SER G 34 4.79 -20.25 -14.56
C SER G 34 3.73 -19.14 -14.68
N ASP G 35 3.19 -18.84 -15.90
CA ASP G 35 2.18 -17.79 -16.05
C ASP G 35 0.95 -18.14 -15.24
N ILE G 36 0.58 -17.23 -14.32
CA ILE G 36 -0.56 -17.34 -13.41
C ILE G 36 -1.11 -15.92 -13.18
N GLU G 37 -2.43 -15.79 -13.00
CA GLU G 37 -3.06 -14.52 -12.69
C GLU G 37 -3.58 -14.60 -11.27
N VAL G 38 -3.03 -13.79 -10.35
CA VAL G 38 -3.46 -13.82 -8.95
C VAL G 38 -3.88 -12.40 -8.51
N ASP G 39 -5.10 -12.30 -7.92
CA ASP G 39 -5.68 -11.07 -7.42
C ASP G 39 -6.10 -11.20 -5.97
N LEU G 40 -5.95 -10.10 -5.22
CA LEU G 40 -6.36 -10.02 -3.82
C LEU G 40 -7.65 -9.22 -3.77
N LEU G 41 -8.70 -9.77 -3.14
CA LEU G 41 -10.03 -9.14 -3.13
C LEU G 41 -10.48 -8.62 -1.77
N LYS G 42 -11.05 -7.40 -1.77
CA LYS G 42 -11.64 -6.73 -0.62
C LYS G 42 -13.13 -6.49 -0.95
N ASN G 43 -14.03 -7.31 -0.35
CA ASN G 43 -15.49 -7.31 -0.52
C ASN G 43 -15.90 -7.48 -2.00
N GLY G 44 -15.24 -8.43 -2.67
CA GLY G 44 -15.47 -8.78 -4.06
C GLY G 44 -14.83 -7.84 -5.07
N GLU G 45 -13.97 -6.93 -4.60
CA GLU G 45 -13.27 -5.93 -5.41
C GLU G 45 -11.77 -6.15 -5.39
N ARG G 46 -11.13 -5.97 -6.56
CA ARG G 46 -9.69 -6.11 -6.73
C ARG G 46 -8.93 -4.97 -6.04
N ILE G 47 -7.94 -5.33 -5.20
CA ILE G 47 -7.05 -4.40 -4.48
C ILE G 47 -6.00 -3.92 -5.50
N GLU G 48 -5.85 -2.60 -5.63
CA GLU G 48 -4.99 -1.91 -6.61
C GLU G 48 -3.48 -2.21 -6.46
N LYS G 49 -2.89 -1.97 -5.27
CA LYS G 49 -1.46 -2.16 -5.09
C LYS G 49 -1.14 -3.47 -4.35
N VAL G 50 -0.91 -4.53 -5.14
CA VAL G 50 -0.57 -5.86 -4.65
C VAL G 50 0.78 -6.25 -5.24
N GLU G 51 1.69 -6.68 -4.36
CA GLU G 51 3.04 -7.07 -4.74
C GLU G 51 3.20 -8.57 -4.71
N HIS G 52 4.28 -9.06 -5.32
CA HIS G 52 4.56 -10.49 -5.29
C HIS G 52 6.05 -10.79 -5.25
N SER G 53 6.40 -11.96 -4.66
CA SER G 53 7.76 -12.48 -4.54
C SER G 53 8.32 -12.82 -5.93
N ASP G 54 9.62 -13.13 -5.99
CA ASP G 54 10.28 -13.49 -7.23
C ASP G 54 10.07 -14.96 -7.53
N LEU G 55 9.80 -15.27 -8.81
CA LEU G 55 9.52 -16.61 -9.30
C LEU G 55 10.62 -17.60 -8.96
N SER G 56 10.25 -18.57 -8.13
CA SER G 56 11.10 -19.70 -7.74
C SER G 56 10.27 -20.96 -7.89
N PHE G 57 10.88 -22.12 -7.63
CA PHE G 57 10.21 -23.39 -7.80
C PHE G 57 10.71 -24.42 -6.79
N SER G 58 9.84 -25.40 -6.50
CA SER G 58 10.10 -26.51 -5.58
C SER G 58 10.96 -27.57 -6.27
N LYS G 59 11.46 -28.55 -5.51
CA LYS G 59 12.31 -29.64 -6.01
C LYS G 59 11.64 -30.46 -7.12
N ASP G 60 10.28 -30.51 -7.12
CA ASP G 60 9.49 -31.25 -8.11
C ASP G 60 9.23 -30.39 -9.37
N TRP G 61 9.88 -29.20 -9.47
CA TRP G 61 9.87 -28.23 -10.58
C TRP G 61 8.63 -27.32 -10.60
N SER G 62 7.64 -27.54 -9.73
CA SER G 62 6.45 -26.70 -9.69
C SER G 62 6.77 -25.36 -9.03
N PHE G 63 6.17 -24.28 -9.55
CA PHE G 63 6.41 -22.90 -9.10
C PHE G 63 5.62 -22.53 -7.86
N TYR G 64 6.11 -21.51 -7.13
CA TYR G 64 5.45 -20.94 -5.97
C TYR G 64 5.64 -19.43 -5.96
N LEU G 65 4.59 -18.71 -5.54
CA LEU G 65 4.59 -17.24 -5.49
C LEU G 65 3.78 -16.75 -4.31
N LEU G 66 4.30 -15.73 -3.63
CA LEU G 66 3.58 -15.10 -2.54
C LEU G 66 3.11 -13.74 -2.99
N TYR G 67 1.79 -13.52 -2.91
CA TYR G 67 1.13 -12.27 -3.24
C TYR G 67 0.70 -11.66 -1.94
N TYR G 68 1.15 -10.43 -1.66
CA TYR G 68 0.88 -9.73 -0.40
C TYR G 68 0.48 -8.26 -0.59
N THR G 69 -0.26 -7.70 0.39
CA THR G 69 -0.69 -6.31 0.45
C THR G 69 -0.86 -5.87 1.92
N GLU G 70 -0.64 -4.57 2.20
CA GLU G 70 -0.83 -4.01 3.54
C GLU G 70 -2.33 -3.81 3.74
N PHE G 71 -2.89 -4.36 4.85
CA PHE G 71 -4.31 -4.25 5.17
C PHE G 71 -4.53 -4.09 6.68
N THR G 72 -5.70 -3.54 7.07
CA THR G 72 -6.10 -3.37 8.46
C THR G 72 -7.43 -4.15 8.63
N PRO G 73 -7.38 -5.38 9.22
CA PRO G 73 -8.62 -6.18 9.33
C PRO G 73 -9.70 -5.58 10.24
N THR G 74 -10.97 -5.94 9.98
CA THR G 74 -12.18 -5.55 10.73
C THR G 74 -13.14 -6.77 10.80
N GLU G 75 -14.31 -6.61 11.46
CA GLU G 75 -15.32 -7.66 11.60
C GLU G 75 -16.14 -7.83 10.30
N LYS G 76 -16.53 -6.71 9.75
CA LYS G 76 -17.36 -6.63 8.60
C LYS G 76 -16.72 -6.88 7.24
N ASP G 77 -15.42 -6.66 7.14
CA ASP G 77 -14.68 -6.75 5.87
C ASP G 77 -14.31 -8.20 5.53
N GLU G 78 -14.71 -8.62 4.32
CA GLU G 78 -14.47 -9.94 3.72
C GLU G 78 -13.28 -9.87 2.78
N TYR G 79 -12.30 -10.78 2.94
CA TYR G 79 -11.13 -10.82 2.08
C TYR G 79 -11.03 -12.15 1.36
N ALA G 80 -10.63 -12.13 0.09
CA ALA G 80 -10.51 -13.33 -0.73
C ALA G 80 -9.35 -13.23 -1.72
N CYS G 81 -9.08 -14.35 -2.43
CA CYS G 81 -8.01 -14.42 -3.45
C CYS G 81 -8.55 -15.10 -4.70
N ARG G 82 -8.44 -14.44 -5.87
CA ARG G 82 -8.92 -14.95 -7.15
C ARG G 82 -7.73 -15.36 -8.03
N VAL G 83 -7.58 -16.68 -8.24
CA VAL G 83 -6.50 -17.25 -9.03
C VAL G 83 -7.04 -17.83 -10.35
N ASN G 84 -6.34 -17.56 -11.45
CA ASN G 84 -6.64 -18.12 -12.76
C ASN G 84 -5.33 -18.67 -13.36
N HIS G 85 -5.39 -19.90 -13.84
CA HIS G 85 -4.28 -20.63 -14.42
C HIS G 85 -4.82 -21.39 -15.65
N VAL G 86 -3.92 -21.90 -16.51
CA VAL G 86 -4.29 -22.62 -17.73
C VAL G 86 -5.00 -23.97 -17.36
N THR G 87 -4.69 -24.53 -16.17
CA THR G 87 -5.29 -25.76 -15.64
C THR G 87 -6.69 -25.51 -15.04
N LEU G 88 -7.06 -24.24 -14.86
CA LEU G 88 -8.35 -23.85 -14.30
C LEU G 88 -9.29 -23.38 -15.39
N SER G 89 -10.45 -24.07 -15.53
CA SER G 89 -11.50 -23.75 -16.50
C SER G 89 -12.21 -22.45 -16.10
N GLN G 90 -12.32 -22.21 -14.78
CA GLN G 90 -12.90 -21.01 -14.19
C GLN G 90 -12.00 -20.56 -13.01
N PRO G 91 -11.86 -19.22 -12.78
CA PRO G 91 -11.00 -18.76 -11.67
C PRO G 91 -11.45 -19.26 -10.31
N LYS G 92 -10.50 -19.80 -9.52
CA LYS G 92 -10.75 -20.32 -8.18
C LYS G 92 -10.59 -19.17 -7.18
N ILE G 93 -11.67 -18.86 -6.45
CA ILE G 93 -11.70 -17.81 -5.43
C ILE G 93 -11.64 -18.50 -4.07
N VAL G 94 -10.63 -18.18 -3.25
CA VAL G 94 -10.44 -18.76 -1.92
C VAL G 94 -10.64 -17.65 -0.88
N LYS G 95 -11.60 -17.83 0.03
CA LYS G 95 -11.93 -16.84 1.06
C LYS G 95 -10.96 -16.89 2.23
N TRP G 96 -10.66 -15.70 2.80
CA TRP G 96 -9.80 -15.56 3.95
C TRP G 96 -10.59 -15.79 5.24
N ASP G 97 -10.10 -16.73 6.05
CA ASP G 97 -10.61 -17.04 7.37
C ASP G 97 -9.47 -16.77 8.32
N ARG G 98 -9.70 -15.84 9.26
CA ARG G 98 -8.74 -15.40 10.28
C ARG G 98 -8.24 -16.56 11.16
N ASP G 99 -9.04 -17.66 11.22
CA ASP G 99 -8.79 -18.86 12.01
C ASP G 99 -8.18 -19.99 11.15
N MET G 100 -7.68 -19.65 9.92
CA MET G 100 -7.08 -20.57 8.93
C MET G 100 -5.82 -19.99 8.30
N LEU H 1 27.39 -16.37 -5.13
CA LEU H 1 27.90 -16.03 -6.45
C LEU H 1 27.51 -17.13 -7.43
N PRO H 2 26.84 -16.79 -8.56
CA PRO H 2 26.42 -17.84 -9.51
C PRO H 2 27.58 -18.35 -10.38
N PHE H 3 27.38 -19.51 -11.05
CA PHE H 3 28.33 -20.11 -11.99
C PHE H 3 28.43 -19.22 -13.23
N ASP H 4 29.65 -18.76 -13.61
CA ASP H 4 29.83 -17.80 -14.71
C ASP H 4 30.14 -18.41 -16.11
N LYS H 5 29.97 -19.72 -16.25
CA LYS H 5 30.17 -20.44 -17.51
C LYS H 5 28.85 -21.09 -17.91
N SER H 6 28.41 -20.83 -19.15
CA SER H 6 27.14 -21.38 -19.62
C SER H 6 27.28 -22.03 -20.98
N THR H 7 26.85 -23.28 -21.12
CA THR H 7 26.93 -24.01 -22.37
C THR H 7 25.51 -24.36 -22.86
N ILE H 8 25.23 -23.95 -24.10
CA ILE H 8 23.99 -24.17 -24.84
C ILE H 8 23.67 -25.68 -24.87
N MET H 9 22.41 -26.03 -24.60
CA MET H 9 21.90 -27.40 -24.55
C MET H 9 21.61 -27.95 -25.95
N MET I 1 40.33 -6.21 -18.58
CA MET I 1 40.78 -7.23 -17.65
C MET I 1 41.23 -6.63 -16.33
N GLY I 2 41.63 -7.53 -15.44
CA GLY I 2 42.20 -7.30 -14.13
C GLY I 2 43.15 -8.46 -13.87
N GLU I 3 43.42 -9.23 -14.94
CA GLU I 3 44.29 -10.40 -14.93
C GLU I 3 45.55 -10.14 -15.74
N ASN I 4 46.70 -10.48 -15.15
CA ASN I 4 48.00 -10.35 -15.77
C ASN I 4 48.72 -11.69 -15.65
N VAL I 5 48.97 -12.35 -16.79
CA VAL I 5 49.65 -13.64 -16.80
C VAL I 5 51.08 -13.39 -17.29
N GLU I 6 52.07 -13.77 -16.45
CA GLU I 6 53.50 -13.64 -16.73
C GLU I 6 54.11 -15.00 -16.94
N GLN I 7 54.74 -15.18 -18.10
CA GLN I 7 55.36 -16.43 -18.50
C GLN I 7 56.88 -16.36 -18.42
N HIS I 8 57.49 -17.30 -17.67
CA HIS I 8 58.93 -17.39 -17.45
C HIS I 8 59.45 -18.82 -17.66
N PRO I 9 60.52 -19.04 -18.45
CA PRO I 9 61.34 -18.06 -19.18
C PRO I 9 60.75 -17.68 -20.54
N SER I 10 61.28 -16.61 -21.16
CA SER I 10 60.87 -16.13 -22.48
C SER I 10 61.38 -17.06 -23.58
N THR I 11 62.55 -17.69 -23.33
CA THR I 11 63.25 -18.64 -24.21
C THR I 11 63.78 -19.79 -23.38
N LEU I 12 63.79 -21.01 -23.93
CA LEU I 12 64.29 -22.18 -23.20
C LEU I 12 64.99 -23.15 -24.14
N SER I 13 66.22 -23.54 -23.75
CA SER I 13 67.04 -24.49 -24.48
C SER I 13 67.26 -25.71 -23.59
N VAL I 14 66.83 -26.87 -24.08
CA VAL I 14 66.92 -28.11 -23.32
C VAL I 14 67.49 -29.21 -24.22
N GLN I 15 68.29 -30.12 -23.63
CA GLN I 15 68.94 -31.21 -24.36
C GLN I 15 67.95 -32.35 -24.62
N GLU I 16 67.98 -32.94 -25.82
CA GLU I 16 67.11 -34.05 -26.22
C GLU I 16 67.22 -35.18 -25.19
N GLY I 17 66.08 -35.52 -24.59
CA GLY I 17 65.97 -36.53 -23.56
C GLY I 17 65.79 -35.96 -22.17
N ASP I 18 66.20 -34.69 -21.98
CA ASP I 18 66.06 -33.98 -20.70
C ASP I 18 64.64 -33.45 -20.51
N SER I 19 64.39 -32.81 -19.37
CA SER I 19 63.09 -32.26 -19.04
C SER I 19 63.09 -30.74 -19.09
N ALA I 20 61.95 -30.17 -19.57
CA ALA I 20 61.72 -28.73 -19.68
C ALA I 20 60.60 -28.33 -18.74
N VAL I 21 60.75 -27.15 -18.10
CA VAL I 21 59.76 -26.63 -17.16
C VAL I 21 59.48 -25.16 -17.50
N ILE I 22 58.19 -24.82 -17.70
CA ILE I 22 57.74 -23.45 -17.97
C ILE I 22 56.82 -23.05 -16.83
N LYS I 23 57.11 -21.93 -16.16
CA LYS I 23 56.31 -21.43 -15.04
C LYS I 23 55.52 -20.19 -15.45
N CYS I 24 54.29 -20.08 -14.94
CA CYS I 24 53.41 -18.95 -15.18
C CYS I 24 52.81 -18.47 -13.88
N THR I 25 52.53 -17.16 -13.79
CA THR I 25 51.90 -16.54 -12.62
C THR I 25 50.65 -15.79 -13.07
N TYR I 26 49.62 -15.77 -12.22
CA TYR I 26 48.38 -15.05 -12.51
C TYR I 26 48.00 -14.15 -11.32
N SER I 27 47.22 -13.10 -11.58
CA SER I 27 46.83 -12.08 -10.61
C SER I 27 45.44 -12.29 -10.05
N ASP I 28 44.42 -12.49 -10.92
CA ASP I 28 43.04 -12.57 -10.49
C ASP I 28 42.68 -13.95 -9.93
N SER I 29 41.83 -13.92 -8.90
CA SER I 29 41.29 -15.06 -8.14
C SER I 29 40.06 -15.64 -8.84
N ALA I 30 39.52 -14.92 -9.85
CA ALA I 30 38.39 -15.37 -10.66
C ALA I 30 38.86 -16.39 -11.72
N SER I 31 40.20 -16.58 -11.83
CA SER I 31 40.89 -17.54 -12.70
C SER I 31 40.73 -18.96 -12.15
N ASN I 32 39.98 -19.83 -12.83
CA ASN I 32 39.77 -21.21 -12.39
C ASN I 32 40.05 -22.21 -13.50
N TYR I 33 40.33 -21.71 -14.70
CA TYR I 33 40.69 -22.51 -15.87
C TYR I 33 42.05 -22.04 -16.39
N PHE I 34 42.98 -22.98 -16.64
CA PHE I 34 44.34 -22.65 -17.07
C PHE I 34 44.78 -23.54 -18.25
N PRO I 35 44.61 -23.07 -19.49
CA PRO I 35 45.04 -23.90 -20.64
C PRO I 35 46.51 -23.71 -21.03
N TRP I 36 47.05 -24.69 -21.76
CA TRP I 36 48.41 -24.68 -22.30
C TRP I 36 48.35 -24.97 -23.79
N TYR I 37 48.88 -24.03 -24.59
CA TYR I 37 48.91 -24.10 -26.05
C TYR I 37 50.33 -24.24 -26.59
N LYS I 38 50.51 -25.09 -27.62
CA LYS I 38 51.78 -25.33 -28.33
C LYS I 38 51.60 -24.85 -29.75
N GLN I 39 52.45 -23.93 -30.19
CA GLN I 39 52.38 -23.39 -31.52
C GLN I 39 53.70 -23.55 -32.27
N GLU I 40 53.68 -24.42 -33.29
CA GLU I 40 54.81 -24.66 -34.20
C GLU I 40 54.88 -23.47 -35.18
N LEU I 41 56.07 -23.17 -35.75
CA LEU I 41 56.26 -22.02 -36.67
C LEU I 41 55.25 -22.01 -37.83
N GLY I 42 54.57 -20.85 -37.96
CA GLY I 42 53.58 -20.56 -38.99
C GLY I 42 52.26 -21.32 -38.89
N LYS I 43 52.10 -22.13 -37.83
CA LYS I 43 50.91 -22.94 -37.60
C LYS I 43 50.04 -22.32 -36.48
N ARG I 44 48.92 -23.00 -36.12
CA ARG I 44 47.97 -22.53 -35.11
C ARG I 44 48.35 -22.99 -33.69
N PRO I 45 47.97 -22.23 -32.61
CA PRO I 45 48.21 -22.71 -31.25
C PRO I 45 47.32 -23.92 -31.00
N GLN I 46 47.92 -25.02 -30.52
CA GLN I 46 47.18 -26.25 -30.26
C GLN I 46 47.10 -26.50 -28.77
N LEU I 47 45.91 -26.85 -28.26
CA LEU I 47 45.74 -27.16 -26.85
C LEU I 47 46.35 -28.52 -26.57
N ILE I 48 47.37 -28.55 -25.70
CA ILE I 48 48.11 -29.77 -25.34
C ILE I 48 47.66 -30.35 -23.99
N ILE I 49 47.38 -29.48 -22.99
CA ILE I 49 46.94 -29.84 -21.63
C ILE I 49 46.29 -28.59 -20.99
N ASP I 50 45.54 -28.80 -19.91
CA ASP I 50 44.92 -27.74 -19.11
C ASP I 50 44.64 -28.24 -17.70
N ILE I 51 44.45 -27.31 -16.76
CA ILE I 51 44.17 -27.65 -15.36
C ILE I 51 43.09 -26.70 -14.83
N ARG I 52 42.34 -27.16 -13.82
CA ARG I 52 41.29 -26.39 -13.16
C ARG I 52 41.65 -26.23 -11.67
N SER I 53 41.08 -25.19 -11.02
CA SER I 53 41.36 -24.77 -9.64
C SER I 53 41.15 -25.85 -8.56
N ASN I 54 40.43 -26.95 -8.86
CA ASN I 54 40.17 -28.01 -7.87
C ASN I 54 41.17 -29.18 -7.99
N VAL I 55 42.17 -29.03 -8.88
CA VAL I 55 43.19 -30.04 -9.17
C VAL I 55 44.58 -29.40 -9.02
N GLY I 56 45.51 -30.15 -8.42
CA GLY I 56 46.87 -29.70 -8.18
C GLY I 56 47.84 -30.12 -9.27
N GLU I 57 47.59 -31.30 -9.87
CA GLU I 57 48.41 -31.84 -10.95
C GLU I 57 47.57 -32.70 -11.89
N LYS I 58 47.90 -32.64 -13.17
CA LYS I 58 47.30 -33.39 -14.26
C LYS I 58 48.43 -33.89 -15.15
N LYS I 59 48.48 -35.20 -15.43
CA LYS I 59 49.53 -35.78 -16.25
C LYS I 59 48.95 -36.48 -17.49
N ASP I 60 49.57 -36.23 -18.67
CA ASP I 60 49.23 -36.85 -19.95
C ASP I 60 50.53 -37.27 -20.65
N GLN I 61 50.88 -38.55 -20.49
CA GLN I 61 52.10 -39.18 -20.99
C GLN I 61 53.33 -38.38 -20.52
N ARG I 62 54.02 -37.67 -21.45
CA ARG I 62 55.22 -36.89 -21.15
C ARG I 62 54.90 -35.49 -20.65
N ILE I 63 53.72 -34.98 -21.03
CA ILE I 63 53.21 -33.65 -20.67
C ILE I 63 52.56 -33.70 -19.29
N ALA I 64 52.85 -32.72 -18.43
CA ALA I 64 52.27 -32.61 -17.09
C ALA I 64 52.11 -31.15 -16.71
N VAL I 65 51.02 -30.81 -16.01
CA VAL I 65 50.75 -29.45 -15.58
C VAL I 65 50.57 -29.46 -14.05
N THR I 66 51.07 -28.42 -13.38
CA THR I 66 51.03 -28.24 -11.93
C THR I 66 50.33 -26.92 -11.61
N LEU I 67 49.50 -26.90 -10.56
CA LEU I 67 48.81 -25.68 -10.16
C LEU I 67 48.90 -25.48 -8.65
N ASN I 68 49.23 -24.24 -8.26
CA ASN I 68 49.31 -23.78 -6.88
C ASN I 68 48.43 -22.53 -6.76
N LYS I 69 47.11 -22.73 -6.48
CA LYS I 69 46.16 -21.63 -6.41
C LYS I 69 46.33 -20.72 -5.16
N THR I 70 47.27 -21.08 -4.28
CA THR I 70 47.56 -20.34 -3.06
C THR I 70 48.61 -19.26 -3.40
N ALA I 71 49.68 -19.65 -4.09
CA ALA I 71 50.77 -18.75 -4.53
C ALA I 71 50.43 -18.10 -5.89
N LYS I 72 49.37 -18.59 -6.55
CA LYS I 72 48.83 -18.16 -7.85
C LYS I 72 49.86 -18.34 -8.98
N HIS I 73 50.40 -19.57 -9.10
CA HIS I 73 51.31 -19.90 -10.18
C HIS I 73 51.18 -21.37 -10.60
N PHE I 74 51.26 -21.60 -11.91
CA PHE I 74 51.09 -22.91 -12.55
C PHE I 74 52.24 -23.19 -13.50
N SER I 75 52.57 -24.49 -13.70
CA SER I 75 53.71 -24.89 -14.53
C SER I 75 53.42 -26.03 -15.49
N LEU I 76 54.19 -26.05 -16.60
CA LEU I 76 54.18 -27.06 -17.66
C LEU I 76 55.48 -27.84 -17.55
N HIS I 77 55.38 -29.17 -17.57
CA HIS I 77 56.52 -30.07 -17.43
C HIS I 77 56.55 -31.05 -18.60
N ILE I 78 57.57 -30.94 -19.45
CA ILE I 78 57.77 -31.86 -20.58
C ILE I 78 58.98 -32.71 -20.25
N THR I 79 58.78 -34.03 -20.14
CA THR I 79 59.84 -34.99 -19.82
C THR I 79 60.22 -35.75 -21.09
N GLU I 80 61.49 -36.22 -21.18
CA GLU I 80 62.05 -36.98 -22.32
C GLU I 80 61.84 -36.20 -23.64
N THR I 81 62.24 -34.91 -23.64
CA THR I 81 62.08 -33.97 -24.75
C THR I 81 62.60 -34.54 -26.08
N GLN I 82 61.73 -34.47 -27.08
CA GLN I 82 61.96 -34.86 -28.48
C GLN I 82 62.26 -33.57 -29.27
N PRO I 83 63.05 -33.56 -30.38
CA PRO I 83 63.26 -32.29 -31.12
C PRO I 83 61.96 -31.74 -31.74
N GLU I 84 60.91 -32.58 -31.84
CA GLU I 84 59.57 -32.26 -32.37
C GLU I 84 58.79 -31.33 -31.40
N ASP I 85 59.18 -31.33 -30.11
CA ASP I 85 58.63 -30.52 -29.03
C ASP I 85 59.02 -29.06 -29.15
N SER I 86 59.94 -28.74 -30.06
CA SER I 86 60.39 -27.38 -30.29
C SER I 86 59.24 -26.59 -30.90
N ALA I 87 58.78 -25.57 -30.16
CA ALA I 87 57.67 -24.69 -30.51
C ALA I 87 57.53 -23.56 -29.49
N VAL I 88 56.57 -22.65 -29.74
CA VAL I 88 56.24 -21.57 -28.82
C VAL I 88 55.11 -22.09 -27.93
N TYR I 89 55.30 -22.02 -26.62
CA TYR I 89 54.30 -22.48 -25.67
C TYR I 89 53.67 -21.31 -24.97
N PHE I 90 52.34 -21.24 -25.01
CA PHE I 90 51.58 -20.20 -24.33
C PHE I 90 50.74 -20.80 -23.21
N CYS I 91 50.68 -20.12 -22.09
CA CYS I 91 49.85 -20.47 -20.95
C CYS I 91 48.78 -19.40 -20.84
N ALA I 92 47.63 -19.72 -20.24
CA ALA I 92 46.56 -18.72 -20.10
C ALA I 92 45.78 -18.90 -18.81
N ALA I 93 45.01 -17.88 -18.45
CA ALA I 93 44.11 -17.87 -17.30
C ALA I 93 42.83 -17.14 -17.70
N ASP I 94 41.66 -17.63 -17.24
CA ASP I 94 40.35 -17.06 -17.61
C ASP I 94 39.84 -15.96 -16.66
N GLY I 95 40.65 -15.55 -15.70
CA GLY I 95 40.25 -14.53 -14.73
C GLY I 95 40.17 -13.11 -15.23
N GLY I 96 39.92 -12.20 -14.29
CA GLY I 96 39.78 -10.77 -14.55
C GLY I 96 38.36 -10.24 -14.47
N ALA I 97 38.23 -8.91 -14.56
CA ALA I 97 36.95 -8.23 -14.54
C ALA I 97 36.63 -7.72 -15.93
N GLY I 98 35.35 -7.38 -16.15
CA GLY I 98 34.86 -6.88 -17.41
C GLY I 98 34.72 -7.96 -18.47
N SER I 99 34.94 -7.59 -19.73
CA SER I 99 34.85 -8.41 -20.95
C SER I 99 35.55 -9.76 -20.78
N TYR I 100 34.85 -10.86 -21.06
CA TYR I 100 35.39 -12.21 -20.90
C TYR I 100 36.36 -12.56 -22.01
N GLN I 101 37.53 -13.08 -21.61
CA GLN I 101 38.59 -13.50 -22.51
C GLN I 101 39.59 -14.38 -21.77
N LEU I 102 40.43 -15.09 -22.53
CA LEU I 102 41.55 -15.83 -21.99
C LEU I 102 42.72 -14.85 -21.94
N THR I 103 43.37 -14.71 -20.80
CA THR I 103 44.54 -13.84 -20.68
C THR I 103 45.75 -14.73 -20.91
N PHE I 104 46.46 -14.51 -22.04
CA PHE I 104 47.60 -15.32 -22.42
C PHE I 104 48.94 -14.74 -21.95
N GLY I 105 49.87 -15.66 -21.72
CA GLY I 105 51.26 -15.35 -21.40
C GLY I 105 51.92 -14.86 -22.67
N LYS I 106 53.07 -14.20 -22.54
CA LYS I 106 53.78 -13.60 -23.68
C LYS I 106 54.44 -14.67 -24.59
N GLY I 107 54.53 -15.92 -24.12
CA GLY I 107 55.11 -17.03 -24.86
C GLY I 107 56.48 -17.47 -24.39
N THR I 108 56.82 -18.72 -24.70
CA THR I 108 58.12 -19.36 -24.39
C THR I 108 58.59 -20.10 -25.63
N LYS I 109 59.72 -19.67 -26.20
CA LYS I 109 60.30 -20.37 -27.34
C LYS I 109 61.13 -21.53 -26.80
N LEU I 110 60.63 -22.77 -26.98
CA LEU I 110 61.34 -23.96 -26.54
C LEU I 110 62.14 -24.49 -27.71
N SER I 111 63.43 -24.72 -27.47
CA SER I 111 64.39 -25.22 -28.44
C SER I 111 65.03 -26.47 -27.87
N VAL I 112 64.68 -27.63 -28.44
CA VAL I 112 65.23 -28.92 -28.02
C VAL I 112 66.44 -29.20 -28.91
N ILE I 113 67.65 -28.95 -28.37
CA ILE I 113 68.92 -29.14 -29.07
C ILE I 113 69.16 -30.67 -29.17
N PRO I 114 69.26 -31.23 -30.41
CA PRO I 114 69.39 -32.68 -30.57
C PRO I 114 70.71 -33.25 -30.02
N ASN I 115 70.69 -34.55 -29.66
CA ASN I 115 71.85 -35.24 -29.12
C ASN I 115 72.39 -36.21 -30.19
N ILE I 116 73.56 -35.86 -30.76
CA ILE I 116 74.25 -36.63 -31.81
C ILE I 116 75.16 -37.69 -31.17
N GLN I 117 74.84 -38.97 -31.43
CA GLN I 117 75.55 -40.13 -30.91
C GLN I 117 76.97 -40.28 -31.48
N ASN I 118 77.12 -40.32 -32.82
CA ASN I 118 78.43 -40.45 -33.46
C ASN I 118 78.71 -39.29 -34.44
N PRO I 119 79.34 -38.19 -33.96
CA PRO I 119 79.61 -37.05 -34.86
C PRO I 119 80.75 -37.31 -35.85
N ASP I 120 80.56 -36.82 -37.10
CA ASP I 120 81.50 -36.92 -38.22
C ASP I 120 81.38 -35.66 -39.13
N PRO I 121 81.80 -34.43 -38.67
CA PRO I 121 81.62 -33.23 -39.53
C PRO I 121 82.36 -33.34 -40.86
N ALA I 122 81.65 -33.07 -41.98
CA ALA I 122 82.21 -33.16 -43.34
C ALA I 122 81.43 -32.31 -44.35
N VAL I 123 82.14 -31.75 -45.36
CA VAL I 123 81.58 -30.92 -46.43
C VAL I 123 81.58 -31.74 -47.73
N TYR I 124 80.50 -31.60 -48.52
CA TYR I 124 80.32 -32.32 -49.77
C TYR I 124 79.71 -31.45 -50.86
N GLN I 125 80.01 -31.78 -52.14
CA GLN I 125 79.51 -31.10 -53.34
C GLN I 125 78.54 -31.99 -54.10
N LEU I 126 77.24 -31.63 -54.10
CA LEU I 126 76.17 -32.45 -54.67
C LEU I 126 75.75 -31.99 -56.07
N ARG I 127 75.82 -32.89 -57.08
CA ARG I 127 75.48 -32.60 -58.49
C ARG I 127 73.99 -32.79 -58.79
N ASP I 128 73.43 -31.87 -59.61
CA ASP I 128 72.02 -31.78 -60.02
C ASP I 128 71.50 -33.04 -60.76
N SER I 129 70.17 -33.29 -60.68
CA SER I 129 69.49 -34.45 -61.27
C SER I 129 68.96 -34.18 -62.69
N LYS I 130 68.25 -33.04 -62.89
CA LYS I 130 67.65 -32.68 -64.18
C LYS I 130 68.62 -31.89 -65.08
N SER I 131 69.20 -30.78 -64.56
CA SER I 131 70.13 -29.93 -65.31
C SER I 131 71.55 -30.50 -65.34
N SER I 132 72.08 -30.93 -64.18
CA SER I 132 73.42 -31.50 -63.93
C SER I 132 74.56 -30.53 -64.34
N ASP I 133 74.23 -29.26 -64.63
CA ASP I 133 75.19 -28.22 -65.04
C ASP I 133 75.85 -27.54 -63.83
N LYS I 134 75.22 -27.60 -62.63
CA LYS I 134 75.77 -26.98 -61.42
C LYS I 134 75.47 -27.79 -60.15
N SER I 135 76.35 -27.63 -59.14
CA SER I 135 76.31 -28.29 -57.82
C SER I 135 76.44 -27.27 -56.68
N VAL I 136 76.09 -27.68 -55.43
CA VAL I 136 76.16 -26.80 -54.22
C VAL I 136 76.97 -27.46 -53.08
N CYS I 137 77.28 -26.70 -51.98
CA CYS I 137 77.98 -27.27 -50.79
C CYS I 137 77.02 -27.63 -49.71
N LEU I 138 77.23 -28.81 -49.07
CA LEU I 138 76.45 -29.30 -47.92
C LEU I 138 77.37 -29.62 -46.76
N PHE I 139 77.02 -29.12 -45.56
CA PHE I 139 77.76 -29.36 -44.31
C PHE I 139 76.93 -30.31 -43.45
N THR I 140 77.06 -31.63 -43.70
CA THR I 140 76.28 -32.66 -42.99
C THR I 140 77.12 -33.34 -41.90
N ASP I 141 76.41 -34.03 -40.98
CA ASP I 141 76.90 -34.82 -39.85
C ASP I 141 77.80 -33.99 -38.89
N PHE I 142 77.58 -32.67 -38.79
CA PHE I 142 78.37 -31.81 -37.89
C PHE I 142 77.83 -31.84 -36.44
N ASP I 143 78.63 -31.36 -35.47
CA ASP I 143 78.40 -31.35 -34.02
C ASP I 143 77.27 -30.37 -33.58
N SER I 144 76.56 -30.68 -32.47
CA SER I 144 75.46 -29.86 -31.96
C SER I 144 75.92 -28.52 -31.35
N GLN I 145 77.19 -28.44 -30.89
CA GLN I 145 77.78 -27.24 -30.30
C GLN I 145 77.85 -26.07 -31.29
N THR I 146 77.97 -26.39 -32.59
CA THR I 146 78.10 -25.49 -33.73
C THR I 146 76.87 -24.56 -33.85
N ASN I 147 77.13 -23.26 -34.05
CA ASN I 147 76.12 -22.22 -34.23
C ASN I 147 76.47 -21.38 -35.46
N VAL I 148 75.81 -21.69 -36.59
CA VAL I 148 76.01 -21.08 -37.91
C VAL I 148 75.65 -19.58 -37.89
N SER I 149 76.48 -18.74 -38.55
CA SER I 149 76.32 -17.29 -38.70
C SER I 149 76.21 -16.92 -40.20
N GLN I 150 75.77 -15.67 -40.52
CA GLN I 150 75.61 -15.20 -41.90
C GLN I 150 76.84 -14.38 -42.36
N SER I 151 77.26 -14.58 -43.63
CA SER I 151 78.44 -13.99 -44.23
C SER I 151 78.31 -12.50 -44.57
N LYS I 152 79.44 -11.76 -44.47
CA LYS I 152 79.52 -10.33 -44.78
C LYS I 152 79.33 -10.09 -46.28
N ASP I 153 79.86 -11.00 -47.14
CA ASP I 153 79.74 -10.93 -48.59
C ASP I 153 78.30 -11.23 -49.02
N SER I 154 77.76 -10.41 -49.94
CA SER I 154 76.39 -10.48 -50.45
C SER I 154 76.18 -11.57 -51.52
N ASP I 155 77.27 -12.09 -52.14
CA ASP I 155 77.16 -13.15 -53.16
C ASP I 155 76.93 -14.51 -52.50
N VAL I 156 77.33 -14.65 -51.21
CA VAL I 156 77.25 -15.90 -50.46
C VAL I 156 76.06 -15.86 -49.47
N TYR I 157 75.26 -16.93 -49.48
CA TYR I 157 74.09 -17.11 -48.63
C TYR I 157 74.30 -18.32 -47.73
N ILE I 158 74.02 -18.19 -46.43
CA ILE I 158 74.20 -19.30 -45.49
C ILE I 158 72.91 -19.56 -44.71
N THR I 159 72.39 -20.79 -44.77
CA THR I 159 71.19 -21.18 -44.02
C THR I 159 71.59 -21.56 -42.60
N ASP I 160 70.61 -21.74 -41.71
CA ASP I 160 70.86 -22.14 -40.34
C ASP I 160 70.96 -23.67 -40.25
N LYS I 161 71.47 -24.16 -39.11
CA LYS I 161 71.58 -25.60 -38.83
C LYS I 161 70.18 -26.19 -38.78
N CYS I 162 70.02 -27.40 -39.30
CA CYS I 162 68.72 -28.04 -39.30
C CYS I 162 68.94 -29.56 -39.36
N VAL I 163 68.55 -30.22 -38.28
CA VAL I 163 68.75 -31.65 -38.04
C VAL I 163 67.68 -32.47 -38.76
N LEU I 164 68.06 -33.71 -39.13
CA LEU I 164 67.17 -34.68 -39.73
C LEU I 164 67.26 -35.96 -38.90
N ASP I 165 66.10 -36.37 -38.35
CA ASP I 165 65.94 -37.55 -37.51
C ASP I 165 65.46 -38.70 -38.38
N MET I 166 66.11 -39.87 -38.27
CA MET I 166 65.73 -41.00 -39.09
C MET I 166 65.10 -42.11 -38.27
N ARG I 167 63.78 -42.21 -38.36
CA ARG I 167 62.94 -43.24 -37.74
C ARG I 167 63.22 -44.63 -38.33
N SER I 168 64.02 -44.69 -39.41
CA SER I 168 64.41 -45.95 -40.06
C SER I 168 65.53 -46.66 -39.29
N MET I 169 66.59 -45.95 -38.86
CA MET I 169 67.72 -46.59 -38.16
C MET I 169 68.31 -45.73 -37.01
N ASP I 170 67.46 -45.10 -36.19
CA ASP I 170 67.83 -44.28 -35.01
C ASP I 170 69.06 -43.37 -35.29
N PHE I 171 69.08 -42.67 -36.45
CA PHE I 171 70.20 -41.79 -36.82
C PHE I 171 69.78 -40.31 -36.96
N LYS I 172 70.50 -39.43 -36.23
CA LYS I 172 70.28 -37.97 -36.21
C LYS I 172 71.50 -37.22 -36.78
N SER I 173 71.27 -36.29 -37.75
CA SER I 173 72.39 -35.52 -38.33
C SER I 173 72.03 -34.05 -38.62
N ASN I 174 72.86 -33.12 -38.12
CA ASN I 174 72.73 -31.68 -38.33
C ASN I 174 73.24 -31.31 -39.71
N SER I 175 72.65 -30.29 -40.35
CA SER I 175 73.07 -29.84 -41.69
C SER I 175 72.78 -28.36 -41.94
N ALA I 176 73.71 -27.69 -42.65
CA ALA I 176 73.64 -26.29 -43.06
C ALA I 176 74.10 -26.17 -44.50
N VAL I 177 73.49 -25.26 -45.28
CA VAL I 177 73.81 -25.09 -46.70
C VAL I 177 74.32 -23.66 -46.94
N ALA I 178 75.31 -23.51 -47.85
CA ALA I 178 75.91 -22.24 -48.29
C ALA I 178 76.16 -22.28 -49.80
N TRP I 179 75.62 -21.28 -50.53
CA TRP I 179 75.74 -21.22 -51.99
C TRP I 179 76.05 -19.81 -52.49
N SER I 180 76.46 -19.73 -53.77
CA SER I 180 76.78 -18.54 -54.60
C SER I 180 76.67 -18.94 -56.09
N ASN I 181 76.09 -18.06 -56.92
CA ASN I 181 75.86 -18.32 -58.35
C ASN I 181 77.13 -18.22 -59.23
N LYS I 182 78.20 -17.56 -58.72
CA LYS I 182 79.47 -17.37 -59.44
C LYS I 182 80.18 -18.69 -59.80
N SER I 183 81.08 -18.63 -60.79
CA SER I 183 81.90 -19.76 -61.21
C SER I 183 83.17 -19.82 -60.36
N ASP I 184 83.57 -18.68 -59.75
CA ASP I 184 84.75 -18.55 -58.87
C ASP I 184 84.35 -18.80 -57.39
N PHE I 185 83.52 -19.83 -57.17
CA PHE I 185 83.02 -20.24 -55.84
C PHE I 185 83.57 -21.61 -55.45
N ALA I 186 83.86 -21.78 -54.14
CA ALA I 186 84.39 -23.00 -53.56
C ALA I 186 83.68 -23.36 -52.25
N CYS I 187 83.69 -24.67 -51.93
CA CYS I 187 83.07 -25.26 -50.73
C CYS I 187 83.76 -24.84 -49.42
N ALA I 188 85.02 -24.41 -49.52
CA ALA I 188 85.83 -24.00 -48.37
C ALA I 188 85.84 -22.46 -48.20
N ASN I 189 85.27 -21.71 -49.19
CA ASN I 189 85.20 -20.25 -49.18
C ASN I 189 84.26 -19.75 -48.07
N ALA I 190 82.93 -19.97 -48.24
CA ALA I 190 81.88 -19.58 -47.31
C ALA I 190 81.97 -20.41 -46.01
N PHE I 191 82.07 -21.75 -46.14
CA PHE I 191 82.25 -22.64 -45.00
C PHE I 191 83.73 -22.54 -44.58
N ASN I 192 84.06 -21.53 -43.75
CA ASN I 192 85.44 -21.28 -43.29
C ASN I 192 85.79 -22.07 -42.00
N ASN I 193 87.10 -22.16 -41.66
CA ASN I 193 87.66 -22.85 -40.50
C ASN I 193 87.19 -22.29 -39.13
N SER I 194 86.57 -21.10 -39.11
CA SER I 194 86.05 -20.45 -37.90
C SER I 194 84.81 -21.16 -37.34
N ILE I 195 84.17 -22.02 -38.15
CA ILE I 195 82.97 -22.78 -37.79
C ILE I 195 83.28 -24.28 -37.66
N ILE I 196 83.93 -24.90 -38.69
CA ILE I 196 84.25 -26.33 -38.75
C ILE I 196 85.31 -26.76 -37.70
N PRO I 197 85.21 -28.00 -37.14
CA PRO I 197 86.22 -28.45 -36.18
C PRO I 197 87.50 -28.96 -36.86
N GLU I 198 88.37 -29.66 -36.11
CA GLU I 198 89.64 -30.18 -36.63
C GLU I 198 89.56 -31.69 -36.99
N ASP I 199 88.52 -32.07 -37.77
CA ASP I 199 88.35 -33.46 -38.25
C ASP I 199 87.50 -33.51 -39.55
N THR I 200 87.07 -32.33 -40.08
CA THR I 200 86.24 -32.17 -41.28
C THR I 200 86.89 -32.82 -42.52
N PHE I 201 86.35 -34.00 -42.92
CA PHE I 201 86.76 -34.80 -44.07
C PHE I 201 86.47 -33.99 -45.35
N PHE I 202 87.55 -33.64 -46.10
CA PHE I 202 87.49 -32.83 -47.31
C PHE I 202 87.87 -33.64 -48.57
N PRO I 203 86.89 -34.25 -49.27
CA PRO I 203 87.22 -35.02 -50.48
C PRO I 203 87.39 -34.12 -51.71
N SER I 204 88.26 -34.53 -52.67
CA SER I 204 88.47 -33.74 -53.88
C SER I 204 87.33 -33.98 -54.90
N PRO I 205 86.57 -32.94 -55.31
CA PRO I 205 85.47 -33.17 -56.27
C PRO I 205 85.99 -33.25 -57.70
N VAL J 1 36.38 -28.37 -33.32
CA VAL J 1 37.20 -27.84 -34.41
C VAL J 1 36.57 -26.53 -34.99
N VAL J 2 37.45 -25.56 -35.27
CA VAL J 2 37.18 -24.22 -35.80
C VAL J 2 38.01 -24.06 -37.07
N SER J 3 37.42 -23.45 -38.11
CA SER J 3 38.15 -23.24 -39.35
C SER J 3 38.04 -21.81 -39.86
N GLN J 4 38.87 -21.49 -40.86
CA GLN J 4 38.94 -20.18 -41.48
C GLN J 4 38.95 -20.28 -43.00
N HIS J 5 38.62 -19.16 -43.66
CA HIS J 5 38.65 -19.04 -45.11
C HIS J 5 38.80 -17.57 -45.51
N PRO J 6 39.79 -17.22 -46.37
CA PRO J 6 40.82 -18.09 -47.01
C PRO J 6 41.98 -18.42 -46.06
N SER J 7 42.85 -19.39 -46.41
CA SER J 7 44.02 -19.70 -45.58
C SER J 7 45.21 -18.80 -45.92
N ARG J 8 45.29 -18.35 -47.19
CA ARG J 8 46.34 -17.46 -47.72
C ARG J 8 45.74 -16.47 -48.71
N VAL J 9 46.15 -15.18 -48.62
CA VAL J 9 45.66 -14.12 -49.50
C VAL J 9 46.80 -13.16 -49.91
N ILE J 10 46.95 -12.92 -51.22
CA ILE J 10 47.84 -11.90 -51.78
C ILE J 10 46.92 -10.95 -52.54
N CYS J 11 46.95 -9.66 -52.18
CA CYS J 11 46.08 -8.67 -52.80
C CYS J 11 46.79 -7.33 -52.95
N LYS J 12 46.26 -6.45 -53.83
CA LYS J 12 46.77 -5.11 -54.04
C LYS J 12 46.21 -4.17 -52.96
N SER J 13 46.91 -3.05 -52.68
CA SER J 13 46.49 -2.07 -51.69
C SER J 13 45.17 -1.43 -52.09
N GLY J 14 44.30 -1.25 -51.10
CA GLY J 14 42.97 -0.68 -51.29
C GLY J 14 41.85 -1.69 -51.37
N THR J 15 42.19 -3.00 -51.46
CA THR J 15 41.17 -4.05 -51.53
C THR J 15 40.73 -4.44 -50.13
N SER J 16 39.46 -4.84 -49.98
CA SER J 16 38.88 -5.31 -48.72
C SER J 16 38.92 -6.81 -48.72
N VAL J 17 39.62 -7.40 -47.76
CA VAL J 17 39.76 -8.85 -47.66
C VAL J 17 38.91 -9.35 -46.48
N LYS J 18 37.92 -10.19 -46.79
CA LYS J 18 36.98 -10.79 -45.86
C LYS J 18 37.49 -12.18 -45.46
N ILE J 19 37.60 -12.42 -44.14
CA ILE J 19 38.09 -13.67 -43.55
C ILE J 19 36.98 -14.25 -42.70
N GLU J 20 36.63 -15.52 -42.94
CA GLU J 20 35.62 -16.26 -42.19
C GLU J 20 36.24 -17.02 -41.06
N CYS J 21 35.51 -17.13 -39.95
CA CYS J 21 35.84 -17.93 -38.76
C CYS J 21 34.60 -18.71 -38.46
N ARG J 22 34.71 -20.03 -38.57
CA ARG J 22 33.56 -20.90 -38.43
C ARG J 22 33.81 -22.02 -37.44
N SER J 23 32.85 -22.23 -36.53
CA SER J 23 32.82 -23.36 -35.60
C SER J 23 32.12 -24.50 -36.35
N LEU J 24 32.91 -25.46 -36.84
CA LEU J 24 32.39 -26.54 -37.69
C LEU J 24 31.49 -27.54 -36.96
N ASP J 25 31.70 -27.79 -35.65
CA ASP J 25 30.92 -28.84 -34.98
C ASP J 25 30.19 -28.38 -33.71
N PHE J 26 30.11 -27.06 -33.46
CA PHE J 26 29.43 -26.53 -32.27
C PHE J 26 28.93 -25.12 -32.52
N GLN J 27 28.06 -24.64 -31.65
CA GLN J 27 27.55 -23.27 -31.73
C GLN J 27 28.41 -22.40 -30.82
N ALA J 28 28.81 -21.21 -31.29
CA ALA J 28 29.64 -20.29 -30.52
C ALA J 28 29.00 -18.90 -30.48
N THR J 29 28.72 -18.43 -29.25
CA THR J 29 28.15 -17.10 -28.99
C THR J 29 29.26 -16.03 -29.08
N THR J 30 30.52 -16.47 -28.93
CA THR J 30 31.69 -15.60 -28.95
C THR J 30 32.82 -16.19 -29.78
N MET J 31 33.51 -15.34 -30.53
CA MET J 31 34.70 -15.66 -31.31
C MET J 31 35.74 -14.57 -31.04
N PHE J 32 37.01 -14.94 -30.98
CA PHE J 32 38.10 -13.99 -30.71
C PHE J 32 38.95 -13.83 -31.95
N TRP J 33 39.41 -12.63 -32.23
CA TRP J 33 40.23 -12.36 -33.39
C TRP J 33 41.59 -11.89 -32.95
N TYR J 34 42.62 -12.56 -33.45
CA TYR J 34 44.01 -12.27 -33.14
C TYR J 34 44.76 -11.91 -34.38
N ARG J 35 45.90 -11.28 -34.17
CA ARG J 35 46.86 -10.84 -35.17
C ARG J 35 48.21 -11.34 -34.70
N GLN J 36 48.99 -11.96 -35.60
CA GLN J 36 50.28 -12.50 -35.21
C GLN J 36 51.35 -12.15 -36.23
N PHE J 37 52.16 -11.16 -35.89
CA PHE J 37 53.27 -10.68 -36.71
C PHE J 37 54.51 -11.59 -36.48
N PRO J 38 55.62 -11.46 -37.26
CA PRO J 38 56.82 -12.29 -36.98
C PRO J 38 57.36 -12.09 -35.53
N LYS J 39 56.77 -11.13 -34.75
CA LYS J 39 57.06 -10.82 -33.35
C LYS J 39 56.64 -11.98 -32.40
N GLN J 40 56.00 -13.03 -32.96
CA GLN J 40 55.57 -14.32 -32.37
C GLN J 40 54.61 -14.23 -31.13
N SER J 41 53.88 -13.11 -30.93
CA SER J 41 52.95 -13.02 -29.80
C SER J 41 51.49 -12.89 -30.29
N LEU J 42 50.57 -13.68 -29.70
CA LEU J 42 49.13 -13.67 -30.04
C LEU J 42 48.49 -12.45 -29.46
N MET J 43 48.17 -11.49 -30.31
CA MET J 43 47.59 -10.28 -29.80
C MET J 43 46.16 -10.17 -30.21
N LEU J 44 45.28 -10.11 -29.21
CA LEU J 44 43.85 -9.99 -29.37
C LEU J 44 43.48 -8.64 -29.98
N MET J 45 42.75 -8.68 -31.08
CA MET J 45 42.24 -7.52 -31.81
C MET J 45 40.86 -7.19 -31.33
N ALA J 46 39.95 -8.19 -31.38
CA ALA J 46 38.57 -8.00 -31.00
C ALA J 46 37.89 -9.28 -30.56
N THR J 47 36.76 -9.09 -29.88
CA THR J 47 35.87 -10.12 -29.36
C THR J 47 34.56 -9.94 -30.11
N SER J 48 34.19 -10.96 -30.88
CA SER J 48 32.98 -10.98 -31.67
C SER J 48 31.88 -11.62 -30.85
N ASN J 49 30.79 -10.88 -30.61
CA ASN J 49 29.64 -11.31 -29.81
C ASN J 49 28.41 -11.46 -30.67
N GLU J 50 27.70 -12.59 -30.53
CA GLU J 50 26.46 -12.81 -31.29
C GLU J 50 25.29 -12.17 -30.51
N GLY J 51 24.40 -11.40 -31.15
CA GLY J 51 24.48 -10.82 -32.48
C GLY J 51 24.54 -9.33 -32.19
N SER J 52 25.52 -8.99 -31.34
CA SER J 52 25.85 -7.69 -30.77
C SER J 52 27.07 -7.11 -31.52
N LYS J 53 27.49 -5.88 -31.18
CA LYS J 53 28.65 -5.25 -31.81
C LYS J 53 29.93 -5.78 -31.17
N ALA J 54 30.99 -5.89 -31.98
CA ALA J 54 32.29 -6.38 -31.57
C ALA J 54 32.92 -5.46 -30.52
N THR J 55 33.72 -6.05 -29.61
CA THR J 55 34.46 -5.34 -28.59
C THR J 55 35.88 -5.25 -29.13
N TYR J 56 36.40 -4.02 -29.29
CA TYR J 56 37.75 -3.84 -29.83
C TYR J 56 38.75 -3.59 -28.73
N GLU J 57 40.00 -4.05 -28.97
CA GLU J 57 41.09 -3.85 -28.04
C GLU J 57 41.67 -2.46 -28.22
N GLN J 58 42.51 -2.01 -27.28
CA GLN J 58 43.17 -0.70 -27.33
C GLN J 58 44.04 -0.62 -28.57
N GLY J 59 43.93 0.49 -29.29
CA GLY J 59 44.72 0.74 -30.49
C GLY J 59 44.34 -0.13 -31.69
N VAL J 60 43.06 -0.51 -31.76
CA VAL J 60 42.49 -1.28 -32.87
C VAL J 60 41.37 -0.42 -33.47
N GLU J 61 41.59 -0.07 -34.73
CA GLU J 61 40.76 0.75 -35.59
C GLU J 61 39.47 -0.01 -35.97
N LYS J 62 38.36 0.28 -35.25
CA LYS J 62 37.03 -0.31 -35.43
C LYS J 62 36.55 -0.19 -36.89
N ASP J 63 37.02 0.84 -37.59
CA ASP J 63 36.68 1.18 -38.98
C ASP J 63 37.51 0.36 -40.00
N LYS J 64 38.77 0.01 -39.65
CA LYS J 64 39.65 -0.79 -40.51
C LYS J 64 39.33 -2.27 -40.44
N PHE J 65 38.82 -2.73 -39.28
CA PHE J 65 38.54 -4.14 -39.04
C PHE J 65 37.08 -4.35 -38.68
N LEU J 66 36.21 -4.52 -39.70
CA LEU J 66 34.78 -4.74 -39.50
C LEU J 66 34.52 -6.19 -39.12
N ILE J 67 33.82 -6.39 -38.03
CA ILE J 67 33.52 -7.71 -37.54
C ILE J 67 32.00 -7.90 -37.53
N ASN J 68 31.53 -8.94 -38.23
CA ASN J 68 30.13 -9.30 -38.31
C ASN J 68 29.92 -10.72 -37.79
N HIS J 69 29.06 -10.85 -36.78
CA HIS J 69 28.72 -12.10 -36.13
C HIS J 69 27.22 -12.33 -36.28
N ALA J 70 26.76 -12.79 -37.45
CA ALA J 70 25.31 -12.94 -37.64
C ALA J 70 24.77 -14.32 -37.21
N SER J 71 25.57 -15.42 -37.33
CA SER J 71 25.05 -16.72 -36.89
C SER J 71 25.79 -17.22 -35.64
N LEU J 72 25.30 -18.33 -35.06
CA LEU J 72 25.92 -18.98 -33.91
C LEU J 72 27.06 -19.89 -34.37
N THR J 73 27.55 -19.69 -35.59
CA THR J 73 28.54 -20.57 -36.17
C THR J 73 29.59 -19.75 -36.99
N LEU J 74 29.25 -18.52 -37.43
CA LEU J 74 30.14 -17.69 -38.26
C LEU J 74 30.32 -16.25 -37.76
N SER J 75 31.58 -15.81 -37.82
CA SER J 75 32.08 -14.49 -37.55
C SER J 75 33.04 -14.19 -38.70
N THR J 76 32.92 -13.00 -39.33
CA THR J 76 33.77 -12.57 -40.44
C THR J 76 34.55 -11.33 -40.02
N LEU J 77 35.82 -11.24 -40.43
CA LEU J 77 36.71 -10.11 -40.19
C LEU J 77 37.05 -9.51 -41.56
N THR J 78 36.73 -8.23 -41.75
CA THR J 78 37.01 -7.54 -43.01
C THR J 78 38.12 -6.53 -42.80
N VAL J 79 39.23 -6.72 -43.52
CA VAL J 79 40.32 -5.78 -43.50
C VAL J 79 39.97 -4.82 -44.64
N THR J 80 39.28 -3.71 -44.32
CA THR J 80 38.83 -2.72 -45.31
C THR J 80 40.02 -1.95 -45.83
N SER J 81 40.02 -1.65 -47.15
CA SER J 81 41.06 -0.96 -47.91
C SER J 81 42.45 -1.25 -47.30
N ALA J 82 42.85 -2.53 -47.44
CA ALA J 82 44.08 -3.09 -46.89
C ALA J 82 45.31 -2.45 -47.51
N HIS J 83 46.28 -2.12 -46.65
CA HIS J 83 47.55 -1.50 -47.00
C HIS J 83 48.69 -2.45 -46.59
N PRO J 84 49.92 -2.31 -47.11
CA PRO J 84 50.98 -3.29 -46.78
C PRO J 84 51.28 -3.45 -45.27
N GLU J 85 50.96 -2.45 -44.43
CA GLU J 85 51.18 -2.56 -42.98
C GLU J 85 50.17 -3.53 -42.33
N ASP J 86 49.04 -3.80 -43.03
CA ASP J 86 48.00 -4.72 -42.56
C ASP J 86 48.37 -6.18 -42.87
N SER J 87 49.49 -6.41 -43.56
CA SER J 87 49.98 -7.77 -43.83
C SER J 87 50.35 -8.39 -42.52
N SER J 88 49.71 -9.53 -42.20
CA SER J 88 49.90 -10.27 -40.96
C SER J 88 49.25 -11.62 -41.08
N PHE J 89 49.25 -12.38 -39.98
CA PHE J 89 48.62 -13.68 -39.81
C PHE J 89 47.42 -13.47 -38.91
N TYR J 90 46.22 -13.54 -39.48
CA TYR J 90 44.99 -13.30 -38.75
C TYR J 90 44.39 -14.65 -38.37
N ILE J 91 44.39 -14.95 -37.08
CA ILE J 91 43.89 -16.22 -36.55
C ILE J 91 42.73 -15.94 -35.56
N CYS J 92 41.76 -16.86 -35.49
CA CYS J 92 40.58 -16.76 -34.65
C CYS J 92 40.44 -17.96 -33.72
N SER J 93 39.65 -17.80 -32.64
CA SER J 93 39.33 -18.90 -31.76
C SER J 93 37.87 -18.80 -31.30
N ALA J 94 37.29 -19.96 -30.99
CA ALA J 94 35.93 -20.13 -30.49
C ALA J 94 35.89 -21.39 -29.63
N GLY J 95 34.98 -21.42 -28.68
CA GLY J 95 34.76 -22.54 -27.78
C GLY J 95 33.27 -22.75 -27.50
N PRO J 96 32.85 -23.99 -27.18
CA PRO J 96 31.41 -24.24 -26.95
C PRO J 96 30.80 -23.58 -25.71
N THR J 97 31.64 -23.19 -24.72
CA THR J 97 31.18 -22.59 -23.47
C THR J 97 31.17 -21.05 -23.55
N SER J 98 30.01 -20.45 -23.18
CA SER J 98 29.79 -19.00 -23.10
C SER J 98 30.14 -18.52 -21.67
N GLY J 99 30.23 -17.21 -21.48
CA GLY J 99 30.59 -16.66 -20.17
C GLY J 99 32.09 -16.59 -19.97
N ARG J 100 32.59 -16.81 -18.72
CA ARG J 100 34.02 -16.79 -18.45
C ARG J 100 34.67 -17.78 -19.39
N THR J 101 35.54 -17.27 -20.29
CA THR J 101 36.15 -18.06 -21.37
C THR J 101 36.76 -19.37 -20.86
N ASP J 102 36.38 -20.46 -21.53
CA ASP J 102 36.89 -21.80 -21.26
C ASP J 102 37.73 -22.27 -22.44
N THR J 103 37.71 -23.59 -22.75
CA THR J 103 38.52 -24.17 -23.83
C THR J 103 38.25 -23.46 -25.14
N GLN J 104 39.33 -22.94 -25.72
CA GLN J 104 39.31 -22.21 -26.99
C GLN J 104 39.99 -23.05 -28.07
N TYR J 105 39.35 -23.13 -29.22
CA TYR J 105 39.85 -23.87 -30.36
C TYR J 105 40.15 -22.88 -31.44
N PHE J 106 41.39 -22.92 -31.94
CA PHE J 106 41.89 -21.99 -32.92
C PHE J 106 41.65 -22.47 -34.33
N GLY J 107 41.41 -21.51 -35.22
CA GLY J 107 41.29 -21.76 -36.64
C GLY J 107 42.69 -21.95 -37.20
N PRO J 108 42.85 -22.30 -38.48
CA PRO J 108 44.21 -22.51 -39.02
C PRO J 108 45.02 -21.22 -39.24
N GLY J 109 44.31 -20.10 -39.26
CA GLY J 109 44.90 -18.78 -39.49
C GLY J 109 44.82 -18.39 -40.96
N THR J 110 44.94 -17.09 -41.25
CA THR J 110 44.92 -16.53 -42.60
C THR J 110 46.16 -15.67 -42.78
N ARG J 111 47.02 -16.05 -43.72
CA ARG J 111 48.22 -15.28 -43.98
C ARG J 111 47.93 -14.27 -45.10
N LEU J 112 47.78 -12.99 -44.71
CA LEU J 112 47.48 -11.87 -45.60
C LEU J 112 48.75 -11.15 -46.03
N THR J 113 48.93 -10.97 -47.34
CA THR J 113 50.08 -10.25 -47.88
C THR J 113 49.53 -9.17 -48.80
N VAL J 114 49.65 -7.91 -48.36
CA VAL J 114 49.18 -6.74 -49.10
C VAL J 114 50.38 -6.07 -49.73
N LEU J 115 50.32 -5.89 -51.06
CA LEU J 115 51.41 -5.28 -51.81
C LEU J 115 50.91 -4.07 -52.59
N GLU J 116 51.72 -2.98 -52.61
CA GLU J 116 51.41 -1.73 -53.33
C GLU J 116 51.40 -1.98 -54.84
N ASP J 117 52.25 -2.93 -55.29
CA ASP J 117 52.35 -3.35 -56.68
C ASP J 117 52.40 -4.87 -56.74
N LEU J 118 51.51 -5.45 -57.54
CA LEU J 118 51.35 -6.88 -57.71
C LEU J 118 52.34 -7.48 -58.73
N LYS J 119 53.19 -6.64 -59.33
CA LYS J 119 54.16 -7.10 -60.33
C LYS J 119 55.47 -7.61 -59.67
N ASN J 120 55.68 -7.32 -58.38
CA ASN J 120 56.85 -7.74 -57.60
C ASN J 120 56.73 -9.21 -57.12
N VAL J 121 55.68 -9.92 -57.59
CA VAL J 121 55.38 -11.32 -57.30
C VAL J 121 56.09 -12.19 -58.36
N PHE J 122 56.87 -13.20 -57.90
CA PHE J 122 57.62 -14.10 -58.77
C PHE J 122 57.59 -15.54 -58.22
N PRO J 123 57.47 -16.58 -59.08
CA PRO J 123 57.49 -17.96 -58.56
C PRO J 123 58.91 -18.46 -58.31
N PRO J 124 59.14 -19.59 -57.59
CA PRO J 124 60.52 -20.03 -57.38
C PRO J 124 61.08 -20.90 -58.50
N GLU J 125 62.43 -20.93 -58.57
CA GLU J 125 63.19 -21.80 -59.45
C GLU J 125 63.64 -22.96 -58.59
N VAL J 126 63.31 -24.19 -59.01
CA VAL J 126 63.60 -25.38 -58.21
C VAL J 126 64.54 -26.31 -59.01
N ALA J 127 65.70 -26.63 -58.40
CA ALA J 127 66.72 -27.51 -58.94
C ALA J 127 67.24 -28.47 -57.86
N VAL J 128 66.90 -29.77 -57.98
CA VAL J 128 67.26 -30.82 -57.03
C VAL J 128 68.64 -31.38 -57.34
N PHE J 129 69.44 -31.68 -56.29
CA PHE J 129 70.80 -32.22 -56.37
C PHE J 129 70.86 -33.64 -55.78
N GLU J 130 71.49 -34.59 -56.50
CA GLU J 130 71.62 -35.98 -56.03
C GLU J 130 72.93 -36.13 -55.15
N PRO J 131 73.29 -37.31 -54.57
CA PRO J 131 74.45 -37.39 -53.65
C PRO J 131 75.79 -36.84 -54.11
N SER J 132 76.53 -36.34 -53.12
CA SER J 132 77.87 -35.84 -53.34
C SER J 132 78.84 -37.00 -53.40
N GLU J 133 80.06 -36.71 -53.83
CA GLU J 133 81.14 -37.66 -54.02
C GLU J 133 81.59 -38.35 -52.71
N ALA J 134 81.29 -37.80 -51.51
CA ALA J 134 81.68 -38.53 -50.31
C ALA J 134 80.50 -38.71 -49.33
N GLU J 135 79.54 -39.50 -49.76
CA GLU J 135 78.33 -39.89 -49.02
C GLU J 135 78.06 -41.30 -49.42
N ILE J 136 77.24 -42.02 -48.66
CA ILE J 136 76.92 -43.41 -48.98
C ILE J 136 78.14 -44.30 -48.80
N SER J 137 79.32 -43.69 -48.77
CA SER J 137 80.56 -44.44 -48.59
C SER J 137 81.24 -44.09 -47.28
N HIS J 138 81.16 -42.82 -46.91
CA HIS J 138 81.78 -42.34 -45.66
C HIS J 138 80.80 -42.46 -44.49
N THR J 139 79.50 -42.34 -44.79
CA THR J 139 78.48 -42.44 -43.76
C THR J 139 77.54 -43.61 -44.02
N GLN J 140 77.61 -44.15 -45.24
CA GLN J 140 76.76 -45.28 -45.62
C GLN J 140 75.33 -44.84 -45.88
N LYS J 141 75.11 -43.53 -45.90
CA LYS J 141 73.78 -42.97 -46.14
C LYS J 141 73.84 -41.84 -47.16
N ALA J 142 72.79 -41.73 -47.97
CA ALA J 142 72.71 -40.68 -49.00
C ALA J 142 71.75 -39.55 -48.64
N THR J 143 72.20 -38.28 -48.76
CA THR J 143 71.41 -37.09 -48.48
C THR J 143 71.22 -36.26 -49.77
N LEU J 144 69.95 -36.04 -50.16
CA LEU J 144 69.58 -35.20 -51.31
C LEU J 144 69.32 -33.77 -50.82
N VAL J 145 69.74 -32.73 -51.57
CA VAL J 145 69.55 -31.34 -51.19
C VAL J 145 68.81 -30.58 -52.32
N CYS J 146 67.74 -29.82 -51.92
CA CYS J 146 66.87 -28.99 -52.79
C CYS J 146 67.05 -27.48 -52.52
N LEU J 147 67.01 -26.60 -53.55
CA LEU J 147 67.22 -25.15 -53.37
C LEU J 147 66.25 -24.33 -54.25
N ALA J 148 65.39 -23.52 -53.62
CA ALA J 148 64.41 -22.66 -54.29
C ALA J 148 64.87 -21.21 -54.25
N THR J 149 65.03 -20.59 -55.43
CA THR J 149 65.53 -19.22 -55.58
C THR J 149 64.57 -18.35 -56.39
N GLY J 150 64.56 -17.05 -56.05
CA GLY J 150 63.78 -16.02 -56.73
C GLY J 150 62.28 -16.05 -56.57
N PHE J 151 61.78 -16.19 -55.33
CA PHE J 151 60.33 -16.22 -55.08
C PHE J 151 59.89 -15.08 -54.14
N TYR J 152 58.74 -14.47 -54.45
CA TYR J 152 58.13 -13.39 -53.68
C TYR J 152 56.61 -13.49 -53.76
N PRO J 153 55.86 -13.48 -52.62
CA PRO J 153 56.33 -13.35 -51.24
C PRO J 153 56.68 -14.70 -50.57
N ASP J 154 56.84 -14.66 -49.23
CA ASP J 154 57.18 -15.78 -48.33
C ASP J 154 55.98 -16.76 -48.17
N HIS J 155 55.45 -17.26 -49.29
CA HIS J 155 54.32 -18.20 -49.33
C HIS J 155 54.73 -19.43 -50.12
N VAL J 156 55.46 -20.36 -49.46
CA VAL J 156 55.98 -21.56 -50.11
C VAL J 156 55.95 -22.74 -49.13
N GLU J 157 55.48 -23.93 -49.59
CA GLU J 157 55.49 -25.16 -48.79
C GLU J 157 56.17 -26.26 -49.60
N LEU J 158 57.32 -26.72 -49.06
CA LEU J 158 58.19 -27.76 -49.63
C LEU J 158 58.01 -29.09 -48.89
N SER J 159 57.90 -30.20 -49.64
CA SER J 159 57.76 -31.56 -49.13
C SER J 159 58.17 -32.58 -50.21
N TRP J 160 59.07 -33.53 -49.86
CA TRP J 160 59.56 -34.57 -50.77
C TRP J 160 58.71 -35.82 -50.65
N TRP J 161 57.86 -36.15 -51.63
CA TRP J 161 57.03 -37.33 -51.40
C TRP J 161 57.54 -38.51 -52.20
N VAL J 162 58.17 -39.42 -51.44
CA VAL J 162 58.77 -40.68 -51.85
C VAL J 162 57.63 -41.68 -52.07
N ASN J 163 57.58 -42.32 -53.25
CA ASN J 163 56.59 -43.31 -53.73
C ASN J 163 55.14 -42.71 -53.77
N GLY J 164 55.06 -41.37 -53.64
CA GLY J 164 53.82 -40.60 -53.62
C GLY J 164 53.27 -40.45 -52.20
N LYS J 165 53.94 -41.12 -51.26
CA LYS J 165 53.65 -41.22 -49.84
C LYS J 165 54.17 -39.99 -49.10
N GLU J 166 53.34 -39.42 -48.20
CA GLU J 166 53.69 -38.25 -47.38
C GLU J 166 54.92 -38.60 -46.51
N VAL J 167 55.99 -37.77 -46.60
CA VAL J 167 57.29 -37.96 -45.92
C VAL J 167 57.55 -36.89 -44.86
N HIS J 168 58.17 -37.33 -43.75
CA HIS J 168 58.56 -36.47 -42.63
C HIS J 168 59.86 -36.97 -41.94
N SER J 169 60.24 -38.25 -42.15
CA SER J 169 61.42 -38.88 -41.55
C SER J 169 62.65 -38.73 -42.46
N GLY J 170 63.75 -38.28 -41.86
CA GLY J 170 65.01 -38.05 -42.55
C GLY J 170 65.03 -36.76 -43.35
N VAL J 171 64.06 -35.87 -43.11
CA VAL J 171 64.00 -34.62 -43.85
C VAL J 171 64.24 -33.42 -42.97
N CYS J 172 64.70 -32.36 -43.60
CA CYS J 172 65.02 -31.12 -42.95
C CYS J 172 64.84 -29.96 -43.95
N THR J 173 64.01 -28.98 -43.59
CA THR J 173 63.70 -27.81 -44.43
C THR J 173 63.85 -26.60 -43.54
N ASP J 174 64.59 -25.59 -44.01
CA ASP J 174 64.84 -24.35 -43.28
C ASP J 174 63.56 -23.80 -42.66
N PRO J 175 63.59 -23.48 -41.33
CA PRO J 175 62.38 -22.94 -40.68
C PRO J 175 61.80 -21.72 -41.39
N GLN J 176 62.67 -20.87 -41.97
CA GLN J 176 62.27 -19.68 -42.71
C GLN J 176 63.25 -19.37 -43.86
N PRO J 177 62.79 -18.76 -44.98
CA PRO J 177 63.72 -18.46 -46.08
C PRO J 177 64.52 -17.19 -45.80
N LEU J 178 65.52 -16.89 -46.64
CA LEU J 178 66.29 -15.67 -46.46
C LEU J 178 66.14 -14.76 -47.68
N LYS J 179 66.23 -13.43 -47.46
CA LYS J 179 66.17 -12.43 -48.51
C LYS J 179 67.47 -12.46 -49.31
N GLU J 180 67.36 -12.47 -50.65
CA GLU J 180 68.54 -12.45 -51.54
C GLU J 180 69.19 -11.06 -51.48
N GLN J 181 68.37 -10.03 -51.21
CA GLN J 181 68.73 -8.63 -51.03
C GLN J 181 68.27 -8.22 -49.61
N PRO J 182 69.02 -8.53 -48.52
CA PRO J 182 68.52 -8.22 -47.16
C PRO J 182 68.58 -6.74 -46.75
N ALA J 183 68.19 -5.82 -47.67
CA ALA J 183 68.16 -4.37 -47.45
C ALA J 183 66.89 -3.74 -48.02
N LEU J 184 66.49 -4.16 -49.25
CA LEU J 184 65.30 -3.68 -49.96
C LEU J 184 64.00 -4.14 -49.29
N ASN J 185 62.88 -3.42 -49.55
CA ASN J 185 61.55 -3.74 -49.06
C ASN J 185 61.05 -4.97 -49.83
N ASP J 186 61.23 -4.96 -51.16
CA ASP J 186 60.89 -6.04 -52.08
C ASP J 186 62.18 -6.82 -52.40
N SER J 187 62.35 -7.97 -51.75
CA SER J 187 63.51 -8.82 -51.96
C SER J 187 63.08 -10.24 -52.17
N ARG J 188 63.51 -10.85 -53.29
CA ARG J 188 63.15 -12.23 -53.61
C ARG J 188 63.78 -13.17 -52.56
N TYR J 189 63.06 -14.22 -52.16
CA TYR J 189 63.45 -15.15 -51.09
C TYR J 189 64.16 -16.40 -51.60
N ALA J 190 64.85 -17.12 -50.70
CA ALA J 190 65.59 -18.35 -50.99
C ALA J 190 65.43 -19.36 -49.85
N LEU J 191 65.04 -20.60 -50.18
CA LEU J 191 64.79 -21.67 -49.21
C LEU J 191 65.45 -22.99 -49.65
N SER J 192 66.05 -23.73 -48.70
CA SER J 192 66.68 -25.01 -48.97
C SER J 192 66.09 -26.13 -48.11
N SER J 193 66.27 -27.38 -48.59
CA SER J 193 65.79 -28.59 -47.91
C SER J 193 66.73 -29.76 -48.15
N ARG J 194 66.68 -30.76 -47.26
CA ARG J 194 67.52 -31.95 -47.25
C ARG J 194 66.71 -33.21 -46.84
N LEU J 195 66.90 -34.35 -47.56
CA LEU J 195 66.28 -35.65 -47.25
C LEU J 195 67.34 -36.72 -47.34
N ARG J 196 67.41 -37.56 -46.31
CA ARG J 196 68.37 -38.64 -46.28
C ARG J 196 67.72 -40.02 -46.34
N VAL J 197 68.23 -40.86 -47.27
CA VAL J 197 67.84 -42.26 -47.54
C VAL J 197 69.12 -43.12 -47.49
N SER J 198 69.02 -44.35 -46.93
CA SER J 198 70.15 -45.28 -46.74
C SER J 198 70.78 -45.78 -48.07
N ALA J 199 71.89 -46.54 -47.98
CA ALA J 199 72.63 -47.12 -49.12
C ALA J 199 71.85 -48.23 -49.84
N THR J 200 70.86 -48.84 -49.17
CA THR J 200 70.06 -49.90 -49.78
C THR J 200 68.77 -49.31 -50.40
N PHE J 201 68.36 -48.10 -49.97
CA PHE J 201 67.13 -47.42 -50.41
C PHE J 201 67.35 -46.48 -51.63
N TRP J 202 68.45 -45.70 -51.64
CA TRP J 202 68.76 -44.74 -52.72
C TRP J 202 69.20 -45.44 -54.02
N GLN J 203 70.13 -46.40 -53.90
CA GLN J 203 70.80 -47.14 -54.98
C GLN J 203 69.88 -47.96 -55.93
N ASN J 204 68.61 -48.21 -55.58
CA ASN J 204 67.77 -48.98 -56.49
C ASN J 204 66.85 -48.07 -57.33
N PRO J 205 67.00 -48.10 -58.69
CA PRO J 205 66.21 -47.21 -59.56
C PRO J 205 64.69 -47.34 -59.54
N ARG J 206 64.14 -48.39 -58.88
CA ARG J 206 62.69 -48.62 -58.83
C ARG J 206 62.01 -47.63 -57.88
N ASN J 207 62.74 -47.16 -56.84
CA ASN J 207 62.23 -46.22 -55.85
C ASN J 207 62.03 -44.82 -56.42
N HIS J 208 60.79 -44.34 -56.33
CA HIS J 208 60.36 -43.03 -56.81
C HIS J 208 60.57 -42.02 -55.67
N PHE J 209 61.31 -40.93 -55.93
CA PHE J 209 61.57 -39.86 -54.97
C PHE J 209 61.15 -38.52 -55.57
N ARG J 210 60.29 -37.71 -54.90
CA ARG J 210 59.86 -36.40 -55.40
C ARG J 210 60.33 -35.25 -54.45
N CYS J 211 60.71 -34.02 -54.98
CA CYS J 211 60.93 -32.73 -54.26
C CYS J 211 59.99 -31.58 -54.82
N GLN J 212 58.77 -31.54 -54.26
CA GLN J 212 57.75 -30.59 -54.69
C GLN J 212 57.91 -29.24 -53.95
N VAL J 213 57.57 -28.09 -54.61
CA VAL J 213 57.63 -26.73 -54.03
C VAL J 213 56.33 -25.97 -54.39
N GLN J 214 55.28 -26.12 -53.54
CA GLN J 214 53.99 -25.45 -53.74
C GLN J 214 54.15 -23.99 -53.38
N PHE J 215 53.93 -23.13 -54.37
CA PHE J 215 54.00 -21.66 -54.23
C PHE J 215 52.59 -21.10 -54.24
N TYR J 216 52.32 -20.15 -53.35
CA TYR J 216 51.03 -19.46 -53.27
C TYR J 216 51.22 -18.07 -53.82
N GLY J 217 50.55 -17.80 -54.93
CA GLY J 217 50.65 -16.52 -55.62
C GLY J 217 49.33 -15.89 -56.00
N LEU J 218 49.29 -15.35 -57.22
CA LEU J 218 48.12 -14.66 -57.78
C LEU J 218 46.98 -15.64 -58.10
N SER J 219 45.78 -15.09 -58.26
CA SER J 219 44.56 -15.85 -58.56
C SER J 219 44.11 -15.60 -60.00
N GLU J 220 42.97 -16.18 -60.41
CA GLU J 220 42.41 -16.02 -61.76
C GLU J 220 41.92 -14.57 -61.97
N ASN J 221 41.20 -14.03 -60.96
CA ASN J 221 40.62 -12.69 -60.95
C ASN J 221 41.69 -11.59 -60.96
N ASP J 222 42.92 -11.89 -60.52
CA ASP J 222 44.03 -10.94 -60.47
C ASP J 222 44.48 -10.58 -61.88
N GLU J 223 44.54 -9.26 -62.15
CA GLU J 223 44.90 -8.70 -63.45
C GLU J 223 46.40 -8.66 -63.63
N TRP J 224 46.87 -9.12 -64.80
CA TRP J 224 48.28 -9.20 -65.15
C TRP J 224 48.53 -8.42 -66.44
N THR J 225 49.27 -7.31 -66.31
CA THR J 225 49.64 -6.35 -67.35
C THR J 225 50.90 -6.72 -68.15
N GLN J 226 51.86 -7.42 -67.52
CA GLN J 226 53.12 -7.80 -68.16
C GLN J 226 52.97 -9.08 -69.02
N ASP J 227 53.88 -9.25 -70.01
CA ASP J 227 53.88 -10.35 -71.00
C ASP J 227 54.25 -11.72 -70.42
N ARG J 228 55.12 -11.78 -69.38
CA ARG J 228 55.53 -13.05 -68.76
C ARG J 228 54.32 -13.71 -68.08
N ALA J 229 54.35 -15.05 -67.88
CA ALA J 229 53.27 -15.83 -67.27
C ALA J 229 52.87 -15.32 -65.88
N LYS J 230 51.55 -15.37 -65.58
CA LYS J 230 50.95 -14.93 -64.32
C LYS J 230 51.54 -15.76 -63.17
N PRO J 231 52.07 -15.12 -62.09
CA PRO J 231 52.65 -15.89 -60.97
C PRO J 231 51.54 -16.43 -60.06
N VAL J 232 50.75 -17.36 -60.61
CA VAL J 232 49.62 -18.00 -59.93
C VAL J 232 50.10 -19.07 -58.96
N THR J 233 49.20 -19.52 -58.07
CA THR J 233 49.44 -20.59 -57.11
C THR J 233 49.73 -21.84 -57.95
N GLN J 234 50.99 -22.27 -57.93
CA GLN J 234 51.46 -23.38 -58.74
C GLN J 234 52.47 -24.24 -57.99
N ILE J 235 52.76 -25.41 -58.56
CA ILE J 235 53.74 -26.34 -58.03
C ILE J 235 54.94 -26.34 -58.98
N VAL J 236 56.12 -26.02 -58.46
CA VAL J 236 57.38 -26.06 -59.20
C VAL J 236 58.12 -27.26 -58.56
N SER J 237 57.95 -28.45 -59.17
CA SER J 237 58.46 -29.73 -58.66
C SER J 237 59.80 -30.12 -59.27
N ALA J 238 60.60 -30.92 -58.53
CA ALA J 238 61.90 -31.43 -58.94
C ALA J 238 62.16 -32.82 -58.32
N GLU J 239 61.78 -33.88 -59.03
CA GLU J 239 61.95 -35.26 -58.53
C GLU J 239 63.30 -35.87 -58.99
N ALA J 240 63.77 -36.92 -58.28
CA ALA J 240 65.03 -37.63 -58.58
C ALA J 240 64.92 -39.14 -58.30
N TRP J 241 64.68 -39.94 -59.36
CA TRP J 241 64.59 -41.41 -59.31
C TRP J 241 65.97 -42.04 -59.01
N GLY J 242 65.96 -43.28 -58.53
CA GLY J 242 67.17 -44.02 -58.17
C GLY J 242 68.11 -44.36 -59.31
N ARG J 243 69.35 -44.76 -58.97
CA ARG J 243 70.44 -45.13 -59.88
C ARG J 243 71.26 -46.28 -59.31
N ALA J 244 71.51 -47.35 -60.10
CA ALA J 244 72.31 -48.48 -59.63
C ALA J 244 73.81 -48.31 -59.94
N ASP J 245 74.67 -48.44 -58.90
CA ASP J 245 76.12 -48.31 -59.02
C ASP J 245 76.84 -49.51 -58.38
#